data_4N0A
#
_entry.id   4N0A
#
_cell.length_a   138.447
_cell.length_b   251.511
_cell.length_c   120.310
_cell.angle_alpha   90.00
_cell.angle_beta   112.09
_cell.angle_gamma   90.00
#
_symmetry.space_group_name_H-M   'C 1 2 1'
#
loop_
_entity.id
_entity.type
_entity.pdbx_description
1 polymer 'U6 snRNA-associated Sm-like protein LSm3'
2 polymer 'U6 snRNA-associated Sm-like protein LSm2'
3 polymer 'DNA topoisomerase 2-associated protein PAT1'
4 water water
#
loop_
_entity_poly.entity_id
_entity_poly.type
_entity_poly.pdbx_seq_one_letter_code
_entity_poly.pdbx_strand_id
1 'polypeptide(L)'
;METPLDLLKLNLDERVYIKLRGARTLVGTLQAFDSHCNIVLSDAVETIYQLNNEELSESERRCEMVFIRGDTVTLISTPS
EDDDGAVEI
;
A,B,E,F
2 'polypeptide(L)'
;MGSSHHHHHHSQDPMLFFSFFKTLVDQEVVVELKNDIEIKGTLQSVDQFLNLKLDNISCTDEKKYPHLGSVRNIFIRGST
VRYVYLNKNMVDTNLLQDATRREVMTERK
;
C,D,G
3 'polypeptide(L)'
;GPLGSKDVTDSLTNVDLASSGSSSTGSSAAAVASKQRRRSSYAFNNGNGATNLNKSGGKKFILELIETVYEEILDLEANL
RNGQQTDSTAMWEALHIDDSSYDVNPFISMLSFDKGIKIMPRIFNFLDKQQKLKILQKIFNELSHLQIIILSSYKTTPKP
TLTQLKKVDLFQMIILKIIVSFLSNNSNFIEIMGLLLQLIRNNNVSFLTTSKIGLNLITILISRAALIKQDSSRSNILSS
PEISTWNEIYDKLFTSLESKIQLIFPPREYNVHIMRLQNDKFMDEAYIWQFLASLALSGKLNHQRIIIDEVRDEIFATIN
EAETLQKKEKELSVLPQRSQELDTELKSIIYNKEKLYQDLNLFLNVMGLVYRDGEISELK
;
H,I,J
#
# COMPACT_ATOMS: atom_id res chain seq x y z
N MET A 1 12.62 16.19 7.50
CA MET A 1 13.63 15.56 6.60
C MET A 1 14.78 14.93 7.39
N GLU A 2 15.26 13.76 6.96
CA GLU A 2 14.80 13.09 5.74
C GLU A 2 13.63 12.15 5.98
N THR A 3 13.41 11.24 5.02
CA THR A 3 12.31 10.27 4.98
C THR A 3 11.42 10.16 6.23
N PRO A 4 10.09 10.27 6.05
CA PRO A 4 9.16 10.04 7.16
C PRO A 4 9.40 8.69 7.84
N LEU A 5 10.10 7.80 7.14
CA LEU A 5 10.49 6.50 7.68
C LEU A 5 11.58 6.63 8.74
N ASP A 6 12.57 7.48 8.47
CA ASP A 6 13.67 7.72 9.41
C ASP A 6 13.20 8.28 10.73
N LEU A 7 12.21 9.15 10.68
CA LEU A 7 11.65 9.76 11.88
C LEU A 7 10.78 8.76 12.63
N LEU A 8 10.29 7.73 11.93
CA LEU A 8 9.55 6.65 12.55
C LEU A 8 10.51 5.68 13.24
N LYS A 9 11.72 5.56 12.69
CA LYS A 9 12.80 4.73 13.24
C LYS A 9 13.15 5.16 14.66
N LEU A 10 13.22 6.47 14.88
CA LEU A 10 13.53 7.06 16.18
C LEU A 10 12.56 6.67 17.28
N ASN A 11 11.40 6.14 16.90
CA ASN A 11 10.43 5.73 17.90
C ASN A 11 10.42 4.23 18.21
N LEU A 12 11.45 3.53 17.75
CA LEU A 12 11.64 2.14 18.11
C LEU A 12 11.84 2.00 19.61
N ASP A 13 11.26 0.95 20.18
CA ASP A 13 11.25 0.73 21.64
C ASP A 13 10.33 1.71 22.36
N GLU A 14 9.82 2.72 21.64
CA GLU A 14 9.02 3.78 22.27
C GLU A 14 7.52 3.68 22.05
N ARG A 15 6.77 4.06 23.09
CA ARG A 15 5.30 4.08 23.09
C ARG A 15 4.76 4.90 21.93
N VAL A 16 3.72 4.39 21.26
CA VAL A 16 3.25 4.94 19.98
C VAL A 16 1.74 4.76 19.81
N TYR A 17 1.05 5.78 19.30
CA TYR A 17 -0.36 5.66 18.92
C TYR A 17 -0.49 5.26 17.46
N ILE A 18 -1.47 4.40 17.18
CA ILE A 18 -1.82 4.04 15.81
C ILE A 18 -3.33 4.13 15.63
N LYS A 19 -3.75 4.81 14.58
CA LYS A 19 -5.15 4.80 14.14
C LYS A 19 -5.28 3.92 12.90
N LEU A 20 -6.30 3.07 12.90
CA LEU A 20 -6.58 2.18 11.75
C LEU A 20 -7.83 2.65 11.00
N ARG A 21 -8.29 1.87 10.03
CA ARG A 21 -9.52 2.22 9.29
C ARG A 21 -10.73 2.10 10.21
N GLY A 22 -11.60 3.11 10.15
CA GLY A 22 -12.78 3.16 11.02
C GLY A 22 -12.41 3.56 12.43
N ALA A 23 -13.39 3.54 13.34
CA ALA A 23 -13.17 3.93 14.73
C ALA A 23 -12.39 2.86 15.51
N ARG A 24 -11.15 2.65 15.07
CA ARG A 24 -10.27 1.63 15.64
C ARG A 24 -8.90 2.23 15.85
N THR A 25 -8.51 2.37 17.10
CA THR A 25 -7.24 2.94 17.47
C THR A 25 -6.53 2.10 18.52
N LEU A 26 -5.19 2.11 18.50
CA LEU A 26 -4.40 1.32 19.46
C LEU A 26 -3.00 1.85 19.70
N VAL A 27 -2.51 1.58 20.91
CA VAL A 27 -1.23 2.08 21.39
C VAL A 27 -0.36 0.92 21.91
N GLY A 28 0.79 0.72 21.25
CA GLY A 28 1.73 -0.33 21.64
C GLY A 28 3.10 0.26 21.91
N THR A 29 4.07 -0.60 22.16
CA THR A 29 5.49 -0.24 22.00
C THR A 29 5.92 -0.62 20.58
N LEU A 30 6.57 0.30 19.88
CA LEU A 30 7.04 0.06 18.49
C LEU A 30 8.17 -0.93 18.37
N GLN A 31 7.88 -2.07 17.75
CA GLN A 31 8.82 -3.19 17.72
C GLN A 31 9.54 -3.41 16.38
N ALA A 32 8.92 -2.92 15.30
CA ALA A 32 9.27 -3.26 13.93
C ALA A 32 8.41 -2.48 12.96
N PHE A 33 8.91 -2.30 11.73
CA PHE A 33 8.16 -1.64 10.66
C PHE A 33 8.92 -1.70 9.35
N ASP A 34 8.20 -1.65 8.23
CA ASP A 34 8.81 -1.67 6.90
C ASP A 34 8.29 -0.54 5.99
N SER A 35 8.78 -0.47 4.76
CA SER A 35 8.40 0.61 3.84
C SER A 35 6.93 0.54 3.39
N HIS A 36 6.29 -0.59 3.64
CA HIS A 36 4.85 -0.75 3.41
C HIS A 36 4.06 -0.33 4.64
N CYS A 37 4.79 0.09 5.67
CA CYS A 37 4.22 0.46 6.96
C CYS A 37 3.53 -0.72 7.67
N ASN A 38 3.99 -1.93 7.38
CA ASN A 38 3.68 -3.08 8.23
C ASN A 38 4.44 -2.87 9.52
N ILE A 39 3.75 -2.98 10.66
CA ILE A 39 4.43 -2.77 11.92
C ILE A 39 4.22 -3.94 12.88
N VAL A 40 5.09 -4.06 13.89
CA VAL A 40 4.85 -4.95 15.03
C VAL A 40 4.88 -4.12 16.30
N LEU A 41 3.89 -4.37 17.18
CA LEU A 41 3.80 -3.71 18.47
C LEU A 41 3.94 -4.70 19.60
N SER A 42 4.40 -4.23 20.75
CA SER A 42 4.35 -4.97 22.03
C SER A 42 3.46 -4.32 23.11
N ASP A 43 2.84 -5.16 23.94
CA ASP A 43 1.98 -4.76 25.07
C ASP A 43 0.93 -3.69 24.69
N ALA A 44 0.16 -4.01 23.66
CA ALA A 44 -0.64 -3.04 22.94
C ALA A 44 -2.07 -3.07 23.41
N VAL A 45 -2.69 -1.90 23.43
CA VAL A 45 -4.05 -1.77 23.89
C VAL A 45 -4.92 -1.17 22.79
N GLU A 46 -5.74 -2.02 22.19
CA GLU A 46 -6.73 -1.59 21.21
C GLU A 46 -8.03 -1.04 21.83
N THR A 47 -8.49 0.09 21.28
CA THR A 47 -9.76 0.67 21.64
C THR A 47 -10.61 0.91 20.38
N ILE A 48 -11.77 0.26 20.36
CA ILE A 48 -12.69 0.27 19.22
C ILE A 48 -14.02 0.92 19.61
N TYR A 49 -14.66 1.58 18.66
CA TYR A 49 -16.01 2.11 18.83
C TYR A 49 -16.89 1.60 17.68
N GLN A 50 -18.14 1.25 17.98
CA GLN A 50 -19.10 0.83 16.95
C GLN A 50 -20.55 1.02 17.38
N LEU A 51 -21.44 1.18 16.41
CA LEU A 51 -22.87 1.39 16.69
C LEU A 51 -23.77 0.23 16.26
N ASN A 52 -24.76 -0.06 17.10
CA ASN A 52 -25.75 -1.11 16.86
C ASN A 52 -27.17 -0.52 16.92
N ASN A 53 -27.56 0.16 15.85
CA ASN A 53 -28.79 0.96 15.82
C ASN A 53 -28.73 2.11 16.84
N GLU A 54 -27.99 3.15 16.47
CA GLU A 54 -27.71 4.30 17.36
C GLU A 54 -27.29 3.85 18.77
N GLU A 55 -26.32 2.94 18.81
CA GLU A 55 -25.79 2.45 20.08
C GLU A 55 -24.28 2.37 20.10
N LEU A 56 -23.65 3.52 20.33
CA LEU A 56 -22.22 3.60 20.58
C LEU A 56 -21.83 2.74 21.77
N SER A 57 -20.78 1.94 21.59
CA SER A 57 -20.23 1.13 22.66
C SER A 57 -18.72 1.01 22.48
N GLU A 58 -18.01 1.22 23.58
CA GLU A 58 -16.56 1.16 23.60
C GLU A 58 -16.11 -0.25 23.94
N SER A 59 -14.97 -0.66 23.39
CA SER A 59 -14.37 -1.93 23.76
C SER A 59 -12.87 -1.75 23.93
N GLU A 60 -12.28 -2.58 24.81
CA GLU A 60 -10.85 -2.56 25.04
C GLU A 60 -10.29 -3.98 25.04
N ARG A 61 -9.49 -4.29 24.03
CA ARG A 61 -8.80 -5.56 24.01
C ARG A 61 -7.31 -5.29 24.10
N ARG A 62 -6.61 -6.08 24.92
CA ARG A 62 -5.17 -5.87 25.11
C ARG A 62 -4.34 -7.14 24.93
N CYS A 63 -3.68 -7.25 23.78
CA CYS A 63 -2.76 -8.35 23.54
C CYS A 63 -1.34 -7.98 23.96
N GLU A 64 -0.46 -8.97 24.03
CA GLU A 64 0.93 -8.74 24.38
C GLU A 64 1.85 -8.57 23.15
N MET A 65 1.44 -9.15 22.04
CA MET A 65 2.15 -8.97 20.78
C MET A 65 1.16 -8.93 19.64
N VAL A 66 1.49 -8.19 18.58
CA VAL A 66 0.60 -8.02 17.44
C VAL A 66 1.32 -7.55 16.18
N PHE A 67 1.00 -8.20 15.07
CA PHE A 67 1.43 -7.74 13.78
C PHE A 67 0.24 -7.12 13.06
N ILE A 68 0.43 -5.88 12.61
CA ILE A 68 -0.57 -5.16 11.83
C ILE A 68 -0.12 -4.97 10.38
N ARG A 69 -1.03 -5.29 9.45
CA ARG A 69 -0.77 -5.08 8.05
C ARG A 69 -0.80 -3.60 7.72
N GLY A 70 0.17 -3.17 6.90
CA GLY A 70 0.32 -1.76 6.54
C GLY A 70 -0.88 -1.12 5.87
N ASP A 71 -1.48 -1.85 4.92
CA ASP A 71 -2.63 -1.36 4.17
C ASP A 71 -3.83 -0.97 5.05
N THR A 72 -3.68 -1.10 6.36
CA THR A 72 -4.77 -0.77 7.28
C THR A 72 -4.44 0.40 8.24
N VAL A 73 -3.20 0.89 8.17
CA VAL A 73 -2.73 1.99 9.02
C VAL A 73 -3.00 3.34 8.34
N THR A 74 -3.67 4.24 9.05
CA THR A 74 -3.90 5.60 8.57
C THR A 74 -2.87 6.56 9.16
N LEU A 75 -2.82 6.64 10.48
CA LEU A 75 -1.96 7.59 11.20
C LEU A 75 -1.07 6.90 12.23
N ILE A 76 0.17 7.37 12.33
CA ILE A 76 1.06 6.98 13.42
C ILE A 76 1.48 8.23 14.21
N SER A 77 0.96 8.33 15.43
CA SER A 77 1.23 9.48 16.29
C SER A 77 2.10 9.10 17.48
N THR A 78 2.77 10.09 18.07
CA THR A 78 3.74 9.85 19.16
C THR A 78 3.54 10.78 20.36
N PRO A 79 3.07 10.23 21.51
CA PRO A 79 2.73 10.94 22.75
C PRO A 79 3.87 11.74 23.38
N SER A 80 3.54 12.49 24.45
CA SER A 80 4.52 13.27 25.21
C SER A 80 4.88 12.58 26.53
N MET B 1 9.50 -24.85 3.73
CA MET B 1 8.05 -24.92 4.11
C MET B 1 7.23 -25.78 3.13
N GLU B 2 7.02 -25.33 1.88
CA GLU B 2 7.54 -24.07 1.36
C GLU B 2 6.41 -23.15 0.86
N THR B 3 6.56 -22.64 -0.36
CA THR B 3 5.66 -21.64 -0.94
C THR B 3 4.22 -22.12 -0.92
N PRO B 4 3.27 -21.25 -0.49
CA PRO B 4 1.85 -21.61 -0.46
C PRO B 4 1.27 -21.95 -1.84
N LEU B 5 1.97 -21.52 -2.90
CA LEU B 5 1.63 -21.92 -4.27
C LEU B 5 1.83 -23.42 -4.46
N ASP B 6 2.85 -23.97 -3.81
CA ASP B 6 3.13 -25.41 -3.88
C ASP B 6 2.12 -26.18 -3.02
N LEU B 7 1.64 -25.55 -1.97
CA LEU B 7 0.58 -26.12 -1.15
C LEU B 7 -0.75 -26.10 -1.90
N LEU B 8 -0.81 -25.33 -2.98
CA LEU B 8 -2.00 -25.23 -3.82
C LEU B 8 -1.90 -26.15 -5.04
N LYS B 9 -0.68 -26.43 -5.49
CA LYS B 9 -0.46 -27.28 -6.66
C LYS B 9 -0.76 -28.75 -6.33
N LEU B 10 -0.72 -29.08 -5.04
CA LEU B 10 -1.08 -30.41 -4.57
C LEU B 10 -2.57 -30.65 -4.72
N ASN B 11 -3.30 -29.62 -5.14
CA ASN B 11 -4.74 -29.70 -5.27
C ASN B 11 -5.27 -29.46 -6.67
N LEU B 12 -4.37 -29.47 -7.67
CA LEU B 12 -4.77 -29.49 -9.06
C LEU B 12 -5.55 -30.77 -9.35
N ASP B 13 -6.55 -30.67 -10.22
CA ASP B 13 -7.42 -31.81 -10.59
C ASP B 13 -8.27 -32.33 -9.42
N GLU B 14 -8.12 -31.69 -8.24
CA GLU B 14 -8.85 -32.11 -7.05
C GLU B 14 -9.84 -31.06 -6.54
N ARG B 15 -10.79 -31.51 -5.72
CA ARG B 15 -11.84 -30.66 -5.16
C ARG B 15 -11.27 -29.65 -4.17
N VAL B 16 -11.81 -28.43 -4.22
CA VAL B 16 -11.27 -27.26 -3.49
C VAL B 16 -12.39 -26.31 -3.04
N TYR B 17 -12.35 -25.87 -1.79
CA TYR B 17 -13.29 -24.83 -1.32
C TYR B 17 -12.64 -23.47 -1.42
N ILE B 18 -13.38 -22.52 -2.01
CA ILE B 18 -12.92 -21.13 -2.05
C ILE B 18 -14.00 -20.20 -1.52
N LYS B 19 -13.58 -19.31 -0.62
CA LYS B 19 -14.46 -18.31 -0.01
C LYS B 19 -14.20 -16.97 -0.66
N LEU B 20 -15.21 -16.45 -1.34
CA LEU B 20 -15.07 -15.15 -1.99
C LEU B 20 -15.38 -14.03 -1.00
N ARG B 21 -14.95 -12.80 -1.30
CA ARG B 21 -15.26 -11.68 -0.42
C ARG B 21 -16.77 -11.48 -0.44
N GLY B 22 -17.34 -11.26 0.74
CA GLY B 22 -18.78 -11.26 0.88
C GLY B 22 -19.27 -12.62 1.34
N ALA B 23 -20.58 -12.71 1.60
CA ALA B 23 -21.20 -13.95 2.10
C ALA B 23 -21.43 -14.98 0.99
N ARG B 24 -20.52 -15.02 0.01
CA ARG B 24 -20.57 -16.05 -1.02
C ARG B 24 -19.37 -16.97 -0.91
N THR B 25 -19.59 -18.23 -1.27
CA THR B 25 -18.53 -19.24 -1.29
C THR B 25 -18.79 -20.24 -2.40
N LEU B 26 -17.77 -20.47 -3.23
CA LEU B 26 -17.86 -21.51 -4.26
C LEU B 26 -16.96 -22.74 -4.01
N VAL B 27 -17.40 -23.90 -4.48
CA VAL B 27 -16.66 -25.16 -4.37
C VAL B 27 -16.62 -25.91 -5.70
N GLY B 28 -15.42 -26.36 -6.08
CA GLY B 28 -15.25 -27.06 -7.36
C GLY B 28 -13.83 -27.59 -7.56
N THR B 29 -13.59 -28.19 -8.73
CA THR B 29 -12.28 -28.78 -9.03
C THR B 29 -11.27 -27.71 -9.46
N LEU B 30 -10.08 -27.76 -8.86
CA LEU B 30 -9.06 -26.75 -9.13
C LEU B 30 -8.28 -27.02 -10.43
N GLN B 31 -8.60 -26.25 -11.46
CA GLN B 31 -8.04 -26.47 -12.79
C GLN B 31 -6.84 -25.57 -13.11
N ALA B 32 -6.82 -24.37 -12.52
CA ALA B 32 -5.69 -23.44 -12.72
C ALA B 32 -5.61 -22.34 -11.66
N PHE B 33 -4.38 -21.94 -11.33
CA PHE B 33 -4.10 -20.76 -10.50
C PHE B 33 -2.82 -20.02 -10.93
N ASP B 34 -2.63 -18.82 -10.39
CA ASP B 34 -1.40 -18.03 -10.61
C ASP B 34 -0.93 -17.33 -9.32
N SER B 35 0.13 -16.54 -9.45
CA SER B 35 0.73 -15.78 -8.34
C SER B 35 -0.24 -14.80 -7.67
N HIS B 36 -1.14 -14.22 -8.46
CA HIS B 36 -2.13 -13.26 -7.97
C HIS B 36 -3.35 -13.95 -7.36
N CYS B 37 -3.35 -15.27 -7.44
CA CYS B 37 -4.40 -16.10 -6.86
C CYS B 37 -5.63 -16.18 -7.78
N ASN B 38 -5.42 -15.97 -9.08
CA ASN B 38 -6.48 -16.19 -10.07
C ASN B 38 -6.75 -17.67 -10.21
N ILE B 39 -7.92 -18.13 -9.75
CA ILE B 39 -8.26 -19.54 -9.88
C ILE B 39 -9.37 -19.86 -10.87
N VAL B 40 -9.23 -21.01 -11.53
CA VAL B 40 -10.15 -21.48 -12.57
C VAL B 40 -10.73 -22.83 -12.14
N LEU B 41 -12.05 -22.90 -12.05
CA LEU B 41 -12.70 -24.09 -11.51
C LEU B 41 -13.59 -24.82 -12.52
N SER B 42 -13.82 -26.11 -12.26
CA SER B 42 -14.68 -26.94 -13.09
C SER B 42 -15.77 -27.58 -12.25
N ASP B 43 -16.95 -27.73 -12.84
CA ASP B 43 -18.14 -28.28 -12.17
C ASP B 43 -18.31 -27.67 -10.78
N ALA B 44 -18.41 -26.35 -10.76
CA ALA B 44 -18.38 -25.57 -9.52
C ALA B 44 -19.77 -25.26 -8.98
N VAL B 45 -19.86 -25.13 -7.66
CA VAL B 45 -21.11 -24.80 -6.99
C VAL B 45 -20.93 -23.56 -6.12
N GLU B 46 -21.38 -22.41 -6.63
CA GLU B 46 -21.40 -21.19 -5.84
C GLU B 46 -22.64 -21.19 -4.96
N THR B 47 -22.45 -20.81 -3.70
CA THR B 47 -23.55 -20.77 -2.74
C THR B 47 -23.50 -19.51 -1.87
N ILE B 48 -24.44 -18.60 -2.12
CA ILE B 48 -24.52 -17.31 -1.44
C ILE B 48 -25.51 -17.34 -0.26
N TYR B 49 -25.22 -16.63 0.82
CA TYR B 49 -26.06 -16.61 2.00
C TYR B 49 -26.58 -15.22 2.24
N GLN B 50 -27.65 -15.11 3.03
CA GLN B 50 -28.29 -13.83 3.17
C GLN B 50 -29.31 -13.90 4.26
N LEU B 51 -29.41 -12.84 5.05
CA LEU B 51 -30.34 -12.83 6.16
C LEU B 51 -31.69 -12.37 5.71
N ASN B 52 -31.98 -11.15 6.14
CA ASN B 52 -33.20 -10.47 5.86
C ASN B 52 -33.92 -10.24 7.15
N ASN B 53 -34.99 -10.97 7.39
CA ASN B 53 -35.64 -10.88 8.67
C ASN B 53 -35.46 -12.18 9.47
N GLU B 54 -34.25 -12.46 9.91
CA GLU B 54 -34.05 -13.62 10.72
C GLU B 54 -34.26 -14.80 9.84
N GLU B 55 -33.28 -14.96 9.00
CA GLU B 55 -33.30 -15.92 7.89
C GLU B 55 -31.89 -16.33 7.51
N LEU B 56 -31.63 -17.62 7.60
CA LEU B 56 -30.44 -18.18 6.99
C LEU B 56 -30.85 -18.93 5.73
N SER B 57 -31.18 -18.16 4.69
CA SER B 57 -31.52 -18.70 3.39
C SER B 57 -30.27 -18.89 2.54
N GLU B 58 -30.27 -19.97 1.75
CA GLU B 58 -29.16 -20.31 0.87
C GLU B 58 -29.63 -20.35 -0.58
N SER B 59 -28.72 -20.08 -1.51
CA SER B 59 -29.03 -20.23 -2.93
C SER B 59 -27.81 -20.73 -3.69
N GLU B 60 -28.02 -21.76 -4.49
CA GLU B 60 -26.93 -22.37 -5.26
C GLU B 60 -27.00 -22.04 -6.74
N ARG B 61 -25.82 -21.84 -7.33
CA ARG B 61 -25.70 -21.66 -8.78
C ARG B 61 -24.51 -22.47 -9.28
N ARG B 62 -24.74 -23.31 -10.30
CA ARG B 62 -23.64 -24.13 -10.86
C ARG B 62 -23.29 -23.85 -12.32
N CYS B 63 -22.06 -24.19 -12.68
CA CYS B 63 -21.52 -24.01 -14.02
C CYS B 63 -20.43 -25.04 -14.28
N GLU B 64 -20.23 -25.40 -15.55
CA GLU B 64 -19.21 -26.40 -15.90
C GLU B 64 -17.78 -25.87 -15.80
N MET B 65 -17.61 -24.56 -16.01
CA MET B 65 -16.31 -23.92 -15.98
C MET B 65 -16.46 -22.46 -15.53
N VAL B 66 -15.48 -21.96 -14.79
CA VAL B 66 -15.52 -20.61 -14.25
C VAL B 66 -14.12 -20.11 -13.88
N PHE B 67 -13.83 -18.86 -14.24
CA PHE B 67 -12.59 -18.21 -13.85
C PHE B 67 -12.86 -17.21 -12.73
N ILE B 68 -12.11 -17.30 -11.64
CA ILE B 68 -12.25 -16.33 -10.56
C ILE B 68 -11.03 -15.44 -10.46
N ARG B 69 -11.26 -14.14 -10.64
CA ARG B 69 -10.22 -13.14 -10.49
C ARG B 69 -9.73 -13.04 -9.05
N GLY B 70 -8.42 -13.06 -8.85
CA GLY B 70 -7.79 -12.98 -7.53
C GLY B 70 -8.51 -12.09 -6.54
N ASP B 71 -8.49 -10.78 -6.82
CA ASP B 71 -9.12 -9.73 -6.01
C ASP B 71 -10.15 -10.22 -4.99
N THR B 72 -11.05 -11.09 -5.43
CA THR B 72 -12.22 -11.48 -4.63
C THR B 72 -11.98 -12.68 -3.71
N VAL B 73 -10.87 -13.39 -3.92
CA VAL B 73 -10.47 -14.53 -3.09
C VAL B 73 -9.99 -14.05 -1.72
N THR B 74 -10.59 -14.57 -0.65
CA THR B 74 -10.11 -14.26 0.70
C THR B 74 -9.55 -15.49 1.42
N LEU B 75 -10.21 -16.63 1.27
CA LEU B 75 -9.76 -17.88 1.89
C LEU B 75 -9.90 -19.04 0.91
N ILE B 76 -9.01 -20.01 1.02
CA ILE B 76 -9.10 -21.25 0.24
C ILE B 76 -8.89 -22.45 1.16
N SER B 77 -9.94 -23.25 1.32
CA SER B 77 -9.90 -24.43 2.19
C SER B 77 -9.95 -25.72 1.36
N THR B 78 -9.26 -26.76 1.84
CA THR B 78 -9.25 -28.06 1.16
C THR B 78 -9.52 -29.18 2.16
N PRO B 79 -10.51 -30.07 1.87
CA PRO B 79 -10.94 -31.10 2.83
C PRO B 79 -9.93 -32.24 3.05
N SER B 80 -10.11 -33.00 4.14
CA SER B 80 -9.31 -34.20 4.41
C SER B 80 -10.04 -35.18 5.33
N MET C 15 7.36 13.20 -10.22
CA MET C 15 8.32 13.90 -9.38
C MET C 15 7.80 15.25 -8.92
N LEU C 16 6.91 15.85 -9.71
CA LEU C 16 6.43 17.22 -9.51
C LEU C 16 6.01 17.54 -8.07
N PHE C 17 4.92 16.92 -7.62
CA PHE C 17 4.33 17.23 -6.32
C PHE C 17 5.21 16.82 -5.13
N PHE C 18 6.10 15.87 -5.37
CA PHE C 18 7.14 15.51 -4.40
C PHE C 18 8.07 16.71 -4.19
N SER C 19 8.61 17.25 -5.28
CA SER C 19 9.50 18.42 -5.23
C SER C 19 8.76 19.65 -4.71
N PHE C 20 7.50 19.78 -5.10
CA PHE C 20 6.66 20.89 -4.64
C PHE C 20 6.53 20.90 -3.13
N PHE C 21 6.29 19.73 -2.55
CA PHE C 21 6.12 19.59 -1.10
C PHE C 21 7.43 19.74 -0.33
N LYS C 22 8.54 19.39 -0.97
CA LYS C 22 9.87 19.56 -0.36
C LYS C 22 10.16 21.03 -0.06
N THR C 23 9.68 21.91 -0.93
CA THR C 23 9.83 23.35 -0.76
C THR C 23 8.92 23.89 0.34
N LEU C 24 7.86 23.14 0.65
CA LEU C 24 6.90 23.57 1.67
C LEU C 24 7.24 23.10 3.07
N VAL C 25 8.46 22.58 3.26
CA VAL C 25 8.91 22.11 4.56
C VAL C 25 9.17 23.29 5.50
N ASP C 26 8.52 23.24 6.67
CA ASP C 26 8.64 24.24 7.75
C ASP C 26 7.49 25.25 7.83
N GLN C 27 6.70 25.32 6.75
CA GLN C 27 5.50 26.14 6.77
C GLN C 27 4.34 25.35 7.35
N GLU C 28 3.52 26.03 8.16
CA GLU C 28 2.33 25.43 8.73
C GLU C 28 1.29 25.14 7.65
N VAL C 29 0.77 23.91 7.64
CA VAL C 29 -0.28 23.52 6.71
C VAL C 29 -1.56 23.05 7.46
N VAL C 30 -2.60 22.74 6.69
CA VAL C 30 -3.79 22.09 7.22
C VAL C 30 -4.10 20.90 6.32
N VAL C 31 -4.05 19.70 6.89
CA VAL C 31 -4.28 18.47 6.14
C VAL C 31 -5.68 17.91 6.35
N GLU C 32 -6.53 18.04 5.34
CA GLU C 32 -7.85 17.43 5.35
C GLU C 32 -7.72 15.95 5.03
N LEU C 33 -8.21 15.12 5.94
CA LEU C 33 -8.24 13.68 5.72
C LEU C 33 -9.58 13.30 5.09
N LYS C 34 -9.57 12.21 4.32
CA LYS C 34 -10.77 11.71 3.65
C LYS C 34 -11.94 11.48 4.60
N ASN C 35 -11.65 11.39 5.90
CA ASN C 35 -12.69 11.22 6.92
C ASN C 35 -13.16 12.53 7.59
N ASP C 36 -12.68 13.66 7.06
CA ASP C 36 -13.12 15.02 7.43
C ASP C 36 -12.31 15.73 8.53
N ILE C 37 -11.49 14.97 9.27
CA ILE C 37 -10.66 15.53 10.36
C ILE C 37 -9.59 16.50 9.83
N GLU C 38 -9.18 17.45 10.67
CA GLU C 38 -8.48 18.65 10.20
C GLU C 38 -6.95 18.64 10.22
N ILE C 39 -6.35 18.32 11.37
CA ILE C 39 -4.88 18.27 11.52
C ILE C 39 -4.12 19.47 10.92
N LYS C 40 -3.77 20.42 11.78
CA LYS C 40 -3.03 21.63 11.42
C LYS C 40 -1.63 21.55 12.04
N GLY C 41 -0.60 21.58 11.22
CA GLY C 41 0.77 21.43 11.73
C GLY C 41 1.89 21.87 10.81
N THR C 42 3.12 21.76 11.32
CA THR C 42 4.32 22.18 10.59
C THR C 42 4.88 21.03 9.76
N LEU C 43 4.82 21.17 8.44
CA LEU C 43 5.32 20.15 7.53
C LEU C 43 6.82 19.93 7.72
N GLN C 44 7.19 18.77 8.24
CA GLN C 44 8.59 18.48 8.54
C GLN C 44 9.26 17.56 7.52
N SER C 45 8.53 16.56 7.03
CA SER C 45 9.08 15.59 6.07
C SER C 45 8.03 15.10 5.07
N VAL C 46 8.50 14.66 3.90
CA VAL C 46 7.62 14.14 2.86
C VAL C 46 8.30 13.03 2.04
N ASP C 47 7.49 12.12 1.48
CA ASP C 47 8.00 11.08 0.59
C ASP C 47 7.19 10.97 -0.72
N GLN C 48 7.65 10.10 -1.64
CA GLN C 48 7.04 9.95 -2.97
C GLN C 48 5.53 9.78 -2.96
N PHE C 49 5.03 8.89 -2.11
CA PHE C 49 3.59 8.62 -2.00
C PHE C 49 2.85 9.76 -1.32
N LEU C 50 3.56 10.85 -1.06
CA LEU C 50 3.05 12.02 -0.34
C LEU C 50 2.56 11.69 1.07
N ASN C 51 3.26 10.78 1.75
CA ASN C 51 3.07 10.58 3.18
C ASN C 51 3.71 11.78 3.85
N LEU C 52 3.00 12.38 4.80
CA LEU C 52 3.45 13.62 5.41
C LEU C 52 3.84 13.43 6.87
N LYS C 53 4.76 14.25 7.35
CA LYS C 53 5.16 14.26 8.75
C LYS C 53 4.97 15.67 9.30
N LEU C 54 4.11 15.79 10.33
CA LEU C 54 3.78 17.09 10.90
C LEU C 54 4.23 17.24 12.34
N ASP C 55 4.78 18.42 12.67
CA ASP C 55 5.17 18.77 14.02
C ASP C 55 4.22 19.81 14.62
N ASN C 56 4.14 19.84 15.94
CA ASN C 56 3.33 20.82 16.67
C ASN C 56 1.87 20.86 16.20
N ILE C 57 1.26 19.68 16.08
CA ILE C 57 -0.10 19.58 15.55
C ILE C 57 -1.15 20.12 16.53
N SER C 58 -2.28 20.54 15.98
CA SER C 58 -3.45 20.93 16.77
C SER C 58 -4.73 20.71 15.97
N CYS C 59 -5.70 20.04 16.60
CA CYS C 59 -7.02 19.80 15.99
C CYS C 59 -7.91 21.02 16.17
N THR C 60 -8.14 21.73 15.07
CA THR C 60 -8.97 22.94 15.06
C THR C 60 -10.46 22.60 14.94
N ASP C 61 -11.25 22.90 15.97
CA ASP C 61 -10.76 23.53 17.20
C ASP C 61 -11.12 22.73 18.48
N GLU C 62 -12.40 22.39 18.64
CA GLU C 62 -12.85 21.58 19.77
C GLU C 62 -13.94 20.59 19.36
N SER C 70 -0.71 15.99 24.90
CA SER C 70 -0.77 14.79 24.07
C SER C 70 -0.77 15.15 22.58
N VAL C 71 0.30 15.80 22.13
CA VAL C 71 0.42 16.20 20.71
C VAL C 71 0.82 14.96 19.86
N ARG C 72 2.06 14.78 19.39
CA ARG C 72 3.17 15.73 19.40
C ARG C 72 3.77 15.76 17.98
N ASN C 73 3.81 14.59 17.36
CA ASN C 73 4.12 14.43 15.95
C ASN C 73 3.04 13.58 15.32
N ILE C 74 2.97 13.58 13.99
CA ILE C 74 2.08 12.70 13.26
C ILE C 74 2.72 12.30 11.93
N PHE C 75 2.79 10.99 11.70
CA PHE C 75 3.07 10.45 10.39
C PHE C 75 1.71 10.18 9.76
N ILE C 76 1.41 10.89 8.68
CA ILE C 76 0.17 10.71 7.94
C ILE C 76 0.47 9.96 6.66
N ARG C 77 -0.15 8.78 6.51
CA ARG C 77 -0.04 8.00 5.28
C ARG C 77 -0.78 8.71 4.16
N GLY C 78 -0.08 8.89 3.04
CA GLY C 78 -0.57 9.66 1.90
C GLY C 78 -1.98 9.33 1.46
N SER C 79 -2.29 8.04 1.34
CA SER C 79 -3.59 7.60 0.84
C SER C 79 -4.79 8.12 1.63
N THR C 80 -4.53 8.78 2.76
CA THR C 80 -5.61 9.30 3.59
C THR C 80 -5.94 10.76 3.27
N VAL C 81 -4.95 11.52 2.83
CA VAL C 81 -5.13 12.96 2.57
C VAL C 81 -6.15 13.21 1.46
N ARG C 82 -6.98 14.23 1.66
CA ARG C 82 -7.89 14.72 0.64
C ARG C 82 -7.38 16.07 0.17
N TYR C 83 -7.26 17.00 1.12
CA TYR C 83 -6.68 18.31 0.85
C TYR C 83 -5.49 18.59 1.74
N VAL C 84 -4.54 19.36 1.21
CA VAL C 84 -3.57 20.06 2.04
C VAL C 84 -3.73 21.55 1.73
N TYR C 85 -4.10 22.34 2.71
CA TYR C 85 -4.36 23.73 2.51
C TYR C 85 -3.11 24.55 2.66
N LEU C 86 -2.99 25.60 1.88
CA LEU C 86 -1.74 26.30 1.71
C LEU C 86 -1.87 27.81 1.73
N ASN C 87 -0.74 28.49 1.87
CA ASN C 87 -0.69 29.94 1.82
C ASN C 87 -0.15 30.48 0.52
N LYS C 88 -0.96 31.26 -0.16
CA LYS C 88 -0.58 31.85 -1.40
C LYS C 88 0.89 32.24 -1.40
N ASN C 89 1.37 32.76 -0.29
CA ASN C 89 2.70 33.33 -0.26
C ASN C 89 3.75 32.27 -0.16
N MET C 90 3.33 31.11 0.28
CA MET C 90 4.20 29.93 0.31
C MET C 90 4.58 29.47 -1.10
N VAL C 91 3.72 29.77 -2.07
CA VAL C 91 3.82 29.21 -3.41
C VAL C 91 4.16 30.27 -4.45
N ASP C 92 5.08 29.93 -5.36
CA ASP C 92 5.41 30.76 -6.52
C ASP C 92 4.61 30.27 -7.72
N THR C 93 3.37 30.75 -7.83
CA THR C 93 2.41 30.29 -8.84
C THR C 93 2.99 30.27 -10.26
N ASN C 94 3.85 31.23 -10.56
CA ASN C 94 4.52 31.31 -11.86
C ASN C 94 5.44 30.11 -12.13
N LEU C 95 6.08 29.63 -11.07
CA LEU C 95 7.03 28.52 -11.16
C LEU C 95 6.34 27.15 -11.11
N LEU C 96 5.24 27.08 -10.35
CA LEU C 96 4.46 25.85 -10.20
C LEU C 96 3.95 25.34 -11.55
N GLN C 97 3.24 26.19 -12.28
CA GLN C 97 2.70 25.84 -13.59
C GLN C 97 3.75 25.79 -14.71
N ASP C 98 4.91 26.39 -14.48
CA ASP C 98 6.05 26.23 -15.39
C ASP C 98 6.69 24.86 -15.21
N ALA C 99 6.55 24.30 -14.01
CA ALA C 99 7.07 22.97 -13.70
C ALA C 99 6.18 21.88 -14.28
N THR C 100 4.86 22.06 -14.17
CA THR C 100 3.91 21.13 -14.79
C THR C 100 3.92 21.24 -16.31
N ARG C 101 4.19 22.43 -16.83
CA ARG C 101 4.40 22.61 -18.27
C ARG C 101 5.61 21.80 -18.73
N ARG C 102 6.65 21.75 -17.90
CA ARG C 102 7.87 21.00 -18.21
C ARG C 102 7.68 19.51 -17.96
N GLU C 103 6.79 19.21 -17.01
CA GLU C 103 6.46 17.83 -16.62
C GLU C 103 5.66 17.11 -17.72
N VAL C 104 4.64 17.77 -18.24
CA VAL C 104 3.78 17.20 -19.28
C VAL C 104 4.56 16.97 -20.59
N MET C 105 5.56 17.81 -20.84
CA MET C 105 6.35 17.74 -22.07
C MET C 105 7.24 16.50 -22.16
N THR C 106 7.88 16.14 -21.05
CA THR C 106 8.80 15.00 -21.02
C THR C 106 8.03 13.67 -21.06
N GLU C 107 7.76 13.20 -22.28
CA GLU C 107 7.05 11.95 -22.53
C GLU C 107 7.76 11.10 -23.57
N MET D 15 11.11 -7.46 2.84
CA MET D 15 11.72 -8.79 3.06
C MET D 15 11.86 -9.10 4.54
N LEU D 16 12.05 -8.04 5.34
CA LEU D 16 12.13 -8.13 6.79
C LEU D 16 10.98 -8.92 7.42
N PHE D 17 9.75 -8.59 7.05
CA PHE D 17 8.58 -9.24 7.64
C PHE D 17 8.35 -10.67 7.13
N PHE D 18 8.57 -10.88 5.83
CA PHE D 18 8.66 -12.23 5.29
C PHE D 18 9.60 -13.05 6.16
N SER D 19 10.86 -12.61 6.23
CA SER D 19 11.88 -13.27 7.05
C SER D 19 11.46 -13.45 8.50
N PHE D 20 10.75 -12.47 9.04
CA PHE D 20 10.25 -12.54 10.42
C PHE D 20 9.27 -13.71 10.59
N PHE D 21 8.34 -13.85 9.65
CA PHE D 21 7.34 -14.92 9.70
C PHE D 21 7.95 -16.29 9.43
N LYS D 22 8.94 -16.33 8.54
CA LYS D 22 9.64 -17.58 8.26
C LYS D 22 10.08 -18.28 9.55
N THR D 23 10.40 -17.48 10.57
CA THR D 23 10.85 -18.01 11.87
C THR D 23 9.67 -18.48 12.72
N LEU D 24 8.51 -17.86 12.52
CA LEU D 24 7.31 -18.20 13.29
C LEU D 24 6.67 -19.53 12.90
N VAL D 25 7.16 -20.15 11.82
CA VAL D 25 6.64 -21.44 11.35
C VAL D 25 6.66 -22.48 12.47
N ASP D 26 5.48 -23.05 12.76
CA ASP D 26 5.27 -24.11 13.77
C ASP D 26 4.57 -23.63 15.04
N GLN D 27 4.55 -22.32 15.27
CA GLN D 27 3.82 -21.75 16.39
C GLN D 27 2.37 -21.44 16.01
N GLU D 28 1.47 -21.59 16.99
CA GLU D 28 0.08 -21.16 16.87
C GLU D 28 0.01 -19.65 16.80
N VAL D 29 -0.53 -19.14 15.71
CA VAL D 29 -0.71 -17.70 15.56
C VAL D 29 -2.18 -17.44 15.29
N VAL D 30 -2.68 -16.32 15.81
CA VAL D 30 -4.08 -15.97 15.65
C VAL D 30 -4.22 -14.82 14.67
N VAL D 31 -4.78 -15.13 13.51
CA VAL D 31 -4.93 -14.16 12.43
C VAL D 31 -6.32 -13.51 12.43
N GLU D 32 -6.41 -12.27 12.92
CA GLU D 32 -7.65 -11.50 12.81
C GLU D 32 -7.80 -11.02 11.37
N LEU D 33 -8.86 -11.46 10.72
CA LEU D 33 -9.16 -11.05 9.36
C LEU D 33 -9.90 -9.73 9.39
N LYS D 34 -9.68 -8.91 8.35
CA LYS D 34 -10.20 -7.55 8.27
C LYS D 34 -11.70 -7.44 8.56
N ASN D 35 -12.44 -8.52 8.29
CA ASN D 35 -13.87 -8.58 8.53
C ASN D 35 -14.25 -9.19 9.89
N ASP D 36 -13.42 -8.91 10.91
CA ASP D 36 -13.64 -9.32 12.30
C ASP D 36 -13.43 -10.81 12.65
N ILE D 37 -13.32 -11.68 11.64
CA ILE D 37 -13.19 -13.13 11.86
C ILE D 37 -11.81 -13.52 12.44
N GLU D 38 -11.81 -14.49 13.37
CA GLU D 38 -10.63 -14.86 14.15
C GLU D 38 -9.64 -15.82 13.47
N ILE D 39 -9.95 -17.12 13.46
CA ILE D 39 -9.05 -18.14 12.88
C ILE D 39 -7.70 -18.26 13.61
N LYS D 40 -7.56 -19.26 14.47
CA LYS D 40 -6.26 -19.61 15.06
C LYS D 40 -5.79 -20.96 14.56
N GLY D 41 -4.50 -21.06 14.28
CA GLY D 41 -3.92 -22.27 13.73
C GLY D 41 -2.42 -22.22 13.74
N THR D 42 -1.79 -23.30 13.27
CA THR D 42 -0.35 -23.41 13.23
C THR D 42 0.18 -22.88 11.91
N LEU D 43 0.99 -21.82 11.98
CA LEU D 43 1.60 -21.24 10.78
C LEU D 43 2.52 -22.26 10.10
N GLN D 44 2.10 -22.70 8.93
CA GLN D 44 2.82 -23.75 8.19
C GLN D 44 3.69 -23.16 7.09
N SER D 45 3.22 -22.07 6.46
CA SER D 45 3.96 -21.41 5.38
C SER D 45 3.55 -19.95 5.17
N VAL D 46 4.43 -19.19 4.52
CA VAL D 46 4.23 -17.78 4.23
C VAL D 46 4.99 -17.43 2.94
N ASP D 47 4.54 -16.40 2.24
CA ASP D 47 5.21 -15.95 1.02
C ASP D 47 5.56 -14.46 1.08
N GLN D 48 6.15 -13.95 0.00
CA GLN D 48 6.56 -12.55 -0.09
C GLN D 48 5.44 -11.56 0.24
N PHE D 49 4.21 -11.90 -0.14
CA PHE D 49 3.06 -11.01 0.05
C PHE D 49 2.37 -11.24 1.39
N LEU D 50 3.02 -12.03 2.24
CA LEU D 50 2.48 -12.45 3.54
C LEU D 50 1.12 -13.16 3.44
N ASN D 51 0.96 -13.96 2.39
CA ASN D 51 -0.14 -14.90 2.30
C ASN D 51 0.20 -16.08 3.20
N LEU D 52 -0.70 -16.38 4.12
CA LEU D 52 -0.42 -17.36 5.16
C LEU D 52 -1.21 -18.64 4.96
N LYS D 53 -0.54 -19.77 5.15
CA LYS D 53 -1.22 -21.05 5.18
C LYS D 53 -1.14 -21.61 6.61
N LEU D 54 -2.29 -21.64 7.27
CA LEU D 54 -2.39 -22.16 8.64
C LEU D 54 -2.97 -23.57 8.63
N ASP D 55 -2.47 -24.41 9.54
CA ASP D 55 -2.97 -25.77 9.72
C ASP D 55 -3.62 -25.97 11.07
N ASN D 56 -4.73 -26.70 11.08
CA ASN D 56 -5.64 -26.77 12.22
C ASN D 56 -6.56 -25.55 12.28
N ILE D 57 -7.43 -25.51 13.29
CA ILE D 57 -8.38 -24.44 13.51
C ILE D 57 -8.71 -24.40 15.02
N SER D 58 -9.84 -23.86 15.47
CA SER D 58 -10.87 -23.23 14.65
C SER D 58 -11.11 -21.78 15.07
N CYS D 59 -12.17 -21.20 14.53
CA CYS D 59 -12.59 -19.83 14.87
C CYS D 59 -13.33 -19.79 16.21
N THR D 60 -13.19 -18.67 16.90
CA THR D 60 -13.92 -18.42 18.14
C THR D 60 -15.11 -17.48 17.85
N ASP D 61 -16.35 -17.91 18.13
CA ASP D 61 -16.63 -19.21 18.72
C ASP D 61 -17.38 -20.17 17.78
N GLU D 62 -17.55 -19.76 16.52
CA GLU D 62 -18.03 -20.64 15.45
C GLU D 62 -17.49 -20.24 14.06
N LYS D 63 -17.83 -19.03 13.61
CA LYS D 63 -17.34 -18.47 12.34
C LYS D 63 -16.77 -17.06 12.52
N ASN D 73 -7.94 -26.16 7.69
CA ASN D 73 -6.64 -25.84 7.06
C ASN D 73 -6.81 -24.92 5.86
N ILE D 74 -6.36 -23.67 6.02
CA ILE D 74 -6.68 -22.61 5.07
C ILE D 74 -5.48 -21.81 4.60
N PHE D 75 -5.51 -21.48 3.31
CA PHE D 75 -4.65 -20.48 2.70
C PHE D 75 -5.38 -19.15 2.86
N ILE D 76 -4.70 -18.15 3.41
CA ILE D 76 -5.28 -16.83 3.62
C ILE D 76 -4.56 -15.77 2.80
N ARG D 77 -5.28 -15.19 1.84
CA ARG D 77 -4.80 -14.03 1.10
C ARG D 77 -4.36 -12.96 2.09
N GLY D 78 -3.08 -12.58 1.99
CA GLY D 78 -2.50 -11.58 2.88
C GLY D 78 -3.29 -10.27 2.90
N SER D 79 -3.86 -9.91 1.76
CA SER D 79 -4.64 -8.68 1.61
C SER D 79 -5.91 -8.66 2.44
N THR D 80 -6.10 -9.66 3.30
CA THR D 80 -7.31 -9.76 4.09
C THR D 80 -7.03 -9.70 5.58
N VAL D 81 -5.77 -9.88 5.95
CA VAL D 81 -5.38 -9.91 7.36
C VAL D 81 -5.25 -8.50 7.94
N ARG D 82 -5.89 -8.27 9.09
CA ARG D 82 -5.71 -7.03 9.81
C ARG D 82 -4.55 -7.22 10.78
N TYR D 83 -4.70 -8.21 11.66
CA TYR D 83 -3.69 -8.55 12.65
C TYR D 83 -3.21 -9.99 12.50
N VAL D 84 -2.00 -10.25 12.98
CA VAL D 84 -1.62 -11.58 13.41
C VAL D 84 -1.14 -11.45 14.85
N TYR D 85 -1.90 -12.03 15.77
CA TYR D 85 -1.55 -12.00 17.17
C TYR D 85 -0.46 -13.02 17.47
N LEU D 86 0.60 -12.57 18.13
CA LEU D 86 1.71 -13.44 18.51
C LEU D 86 1.78 -13.54 20.03
N ASN D 87 2.60 -14.46 20.52
CA ASN D 87 2.94 -14.48 21.95
C ASN D 87 4.30 -13.82 22.15
N LYS D 88 4.52 -13.30 23.35
CA LYS D 88 5.73 -12.56 23.69
C LYS D 88 7.03 -13.34 23.43
N ASN D 89 7.04 -14.62 23.81
CA ASN D 89 8.25 -15.44 23.76
C ASN D 89 8.44 -16.23 22.46
N MET D 90 7.73 -15.83 21.41
CA MET D 90 7.97 -16.34 20.07
C MET D 90 9.02 -15.46 19.38
N VAL D 91 9.11 -14.22 19.85
CA VAL D 91 9.84 -13.16 19.17
C VAL D 91 11.02 -12.66 20.00
N ASP D 92 12.19 -12.57 19.37
CA ASP D 92 13.31 -11.89 19.98
C ASP D 92 13.15 -10.39 19.76
N THR D 93 12.51 -9.75 20.72
CA THR D 93 12.17 -8.32 20.62
C THR D 93 13.37 -7.41 20.37
N ASN D 94 14.56 -7.85 20.77
CA ASN D 94 15.80 -7.10 20.53
C ASN D 94 16.37 -7.31 19.12
N LEU D 95 16.34 -8.55 18.64
CA LEU D 95 16.88 -8.87 17.31
C LEU D 95 15.93 -8.41 16.22
N LEU D 96 14.65 -8.31 16.56
CA LEU D 96 13.64 -7.82 15.65
C LEU D 96 13.78 -6.32 15.47
N GLN D 97 14.09 -5.63 16.57
CA GLN D 97 14.26 -4.18 16.57
C GLN D 97 15.47 -3.81 15.75
N ASP D 98 16.56 -4.52 15.99
CA ASP D 98 17.80 -4.33 15.25
C ASP D 98 17.62 -4.77 13.80
N ALA D 99 16.75 -5.74 13.57
CA ALA D 99 16.46 -6.23 12.22
C ALA D 99 15.84 -5.13 11.34
N THR D 100 14.93 -4.36 11.92
CA THR D 100 14.32 -3.22 11.23
C THR D 100 15.29 -2.05 11.14
N ARG D 101 16.20 -1.96 12.11
CA ARG D 101 17.26 -0.95 12.10
C ARG D 101 18.23 -1.16 10.94
N ARG D 102 18.47 -2.43 10.59
CA ARG D 102 19.27 -2.82 9.45
C ARG D 102 18.51 -2.55 8.14
N GLU D 103 17.21 -2.80 8.16
CA GLU D 103 16.31 -2.56 7.03
C GLU D 103 16.40 -1.13 6.46
N VAL D 104 16.18 -0.15 7.35
CA VAL D 104 16.16 1.27 6.99
C VAL D 104 17.55 1.72 6.55
N MET D 105 18.58 1.23 7.24
CA MET D 105 19.98 1.51 6.91
C MET D 105 20.29 1.28 5.44
N THR D 106 19.69 0.22 4.87
CA THR D 106 19.93 -0.17 3.48
C THR D 106 19.14 0.70 2.49
N GLU D 107 19.34 2.02 2.60
CA GLU D 107 18.65 3.02 1.78
C GLU D 107 19.60 4.19 1.55
N MET E 1 -8.60 -8.80 -31.02
CA MET E 1 -7.12 -8.60 -30.95
C MET E 1 -6.66 -7.56 -31.98
N GLU E 2 -5.57 -6.84 -31.70
CA GLU E 2 -4.73 -7.08 -30.51
C GLU E 2 -5.07 -6.15 -29.34
N THR E 3 -4.11 -5.33 -28.92
CA THR E 3 -4.25 -4.47 -27.73
C THR E 3 -5.62 -3.80 -27.64
N PRO E 4 -6.32 -3.96 -26.49
CA PRO E 4 -7.62 -3.32 -26.28
C PRO E 4 -7.56 -1.80 -26.44
N LEU E 5 -6.40 -1.23 -26.14
CA LEU E 5 -6.17 0.21 -26.31
C LEU E 5 -6.11 0.60 -27.79
N ASP E 6 -5.59 -0.29 -28.63
CA ASP E 6 -5.50 -0.05 -30.07
C ASP E 6 -6.86 -0.14 -30.76
N LEU E 7 -7.80 -0.85 -30.14
CA LEU E 7 -9.16 -0.94 -30.65
C LEU E 7 -10.02 0.24 -30.17
N LEU E 8 -9.52 0.99 -29.20
CA LEU E 8 -10.12 2.26 -28.79
C LEU E 8 -9.73 3.39 -29.75
N LYS E 9 -8.54 3.28 -30.34
CA LYS E 9 -8.07 4.23 -31.35
C LYS E 9 -8.99 4.18 -32.57
N LEU E 10 -9.38 2.97 -32.95
CA LEU E 10 -10.33 2.74 -34.04
C LEU E 10 -11.77 3.05 -33.60
N ASN E 11 -11.92 4.05 -32.72
CA ASN E 11 -13.20 4.39 -32.13
C ASN E 11 -13.25 5.85 -31.70
N LEU E 12 -12.25 6.63 -32.15
CA LEU E 12 -12.15 8.05 -31.83
C LEU E 12 -13.20 8.88 -32.55
N ASP E 13 -13.63 9.96 -31.90
CA ASP E 13 -14.61 10.93 -32.43
C ASP E 13 -16.05 10.42 -32.41
N GLU E 14 -16.24 9.11 -32.22
CA GLU E 14 -17.56 8.50 -32.16
C GLU E 14 -18.23 8.76 -30.82
N ARG E 15 -19.56 8.65 -30.78
CA ARG E 15 -20.33 8.85 -29.54
C ARG E 15 -20.26 7.61 -28.65
N VAL E 16 -19.73 7.77 -27.44
CA VAL E 16 -19.41 6.65 -26.55
C VAL E 16 -20.02 6.81 -25.16
N TYR E 17 -20.63 5.73 -24.66
CA TYR E 17 -21.15 5.66 -23.29
C TYR E 17 -20.05 5.16 -22.35
N ILE E 18 -19.79 5.89 -21.26
CA ILE E 18 -18.85 5.41 -20.25
C ILE E 18 -19.45 5.42 -18.85
N LYS E 19 -19.10 4.41 -18.05
CA LYS E 19 -19.61 4.28 -16.69
C LYS E 19 -18.53 4.62 -15.67
N LEU E 20 -18.95 5.15 -14.53
CA LEU E 20 -18.03 5.58 -13.49
C LEU E 20 -18.27 4.79 -12.20
N ARG E 21 -17.30 4.85 -11.28
CA ARG E 21 -17.45 4.25 -9.96
C ARG E 21 -18.50 5.02 -9.16
N GLY E 22 -19.62 4.36 -8.90
CA GLY E 22 -20.78 4.99 -8.26
C GLY E 22 -21.97 5.06 -9.20
N ALA E 23 -22.97 5.84 -8.81
CA ALA E 23 -24.25 5.92 -9.54
C ALA E 23 -24.18 6.66 -10.88
N ARG E 24 -23.21 7.56 -11.01
CA ARG E 24 -23.11 8.42 -12.21
C ARG E 24 -22.58 7.72 -13.47
N THR E 25 -23.26 7.98 -14.58
CA THR E 25 -22.88 7.46 -15.90
C THR E 25 -23.19 8.49 -16.99
N LEU E 26 -22.15 8.86 -17.75
CA LEU E 26 -22.26 9.96 -18.73
C LEU E 26 -21.81 9.57 -20.14
N VAL E 27 -22.35 10.27 -21.13
CA VAL E 27 -22.12 9.96 -22.54
C VAL E 27 -21.68 11.18 -23.35
N GLY E 28 -20.63 11.00 -24.16
CA GLY E 28 -20.10 12.05 -25.03
C GLY E 28 -19.22 11.49 -26.14
N THR E 29 -18.68 12.38 -26.97
CA THR E 29 -17.82 11.96 -28.09
C THR E 29 -16.35 11.88 -27.67
N LEU E 30 -15.76 10.71 -27.93
CA LEU E 30 -14.40 10.39 -27.49
C LEU E 30 -13.33 11.16 -28.27
N GLN E 31 -12.78 12.21 -27.67
CA GLN E 31 -11.78 13.03 -28.34
C GLN E 31 -10.37 12.45 -28.22
N ALA E 32 -9.97 12.09 -27.00
CA ALA E 32 -8.61 11.60 -26.74
C ALA E 32 -8.53 10.69 -25.50
N PHE E 33 -7.48 9.88 -25.46
CA PHE E 33 -7.17 9.02 -24.32
C PHE E 33 -5.68 8.66 -24.27
N ASP E 34 -5.23 8.15 -23.12
CA ASP E 34 -3.83 7.72 -22.96
C ASP E 34 -3.76 6.29 -22.41
N SER E 35 -2.54 5.85 -22.10
CA SER E 35 -2.31 4.52 -21.53
C SER E 35 -2.86 4.39 -20.11
N HIS E 36 -2.92 5.49 -19.38
CA HIS E 36 -3.47 5.53 -18.02
C HIS E 36 -4.99 5.46 -17.99
N CYS E 37 -5.60 5.17 -19.14
CA CYS E 37 -7.07 5.07 -19.30
C CYS E 37 -7.83 6.36 -19.01
N ASN E 38 -7.10 7.48 -18.94
CA ASN E 38 -7.72 8.81 -18.88
C ASN E 38 -8.41 9.08 -20.21
N ILE E 39 -9.65 9.53 -20.15
CA ILE E 39 -10.40 9.84 -21.38
C ILE E 39 -11.00 11.24 -21.33
N VAL E 40 -11.02 11.88 -22.49
CA VAL E 40 -11.61 13.21 -22.66
C VAL E 40 -12.80 13.14 -23.61
N LEU E 41 -13.95 13.63 -23.16
CA LEU E 41 -15.16 13.58 -23.95
C LEU E 41 -15.64 14.96 -24.38
N SER E 42 -16.01 15.07 -25.65
CA SER E 42 -16.55 16.31 -26.21
C SER E 42 -18.08 16.26 -26.21
N ASP E 43 -18.70 17.40 -25.90
CA ASP E 43 -20.16 17.54 -25.93
C ASP E 43 -20.85 16.42 -25.12
N ALA E 44 -20.59 16.42 -23.81
CA ALA E 44 -21.01 15.32 -22.94
C ALA E 44 -22.24 15.63 -22.09
N VAL E 45 -23.07 14.60 -21.88
CA VAL E 45 -24.29 14.71 -21.08
C VAL E 45 -24.33 13.60 -20.02
N GLU E 46 -24.69 13.97 -18.79
CA GLU E 46 -24.81 13.01 -17.68
C GLU E 46 -26.21 12.40 -17.63
N THR E 47 -26.26 11.07 -17.65
CA THR E 47 -27.53 10.33 -17.58
C THR E 47 -27.49 9.24 -16.51
N GLU E 60 -28.94 17.43 -15.15
CA GLU E 60 -28.21 16.94 -16.32
C GLU E 60 -27.20 17.97 -16.82
N ARG E 61 -25.93 17.77 -16.48
CA ARG E 61 -24.85 18.66 -16.91
C ARG E 61 -24.52 18.44 -18.39
N ARG E 62 -24.64 19.50 -19.19
CA ARG E 62 -24.28 19.46 -20.60
C ARG E 62 -22.88 20.05 -20.78
N CYS E 63 -21.88 19.26 -20.39
CA CYS E 63 -20.47 19.71 -20.36
C CYS E 63 -19.91 19.98 -21.75
N GLU E 64 -19.09 21.02 -21.85
CA GLU E 64 -18.34 21.31 -23.06
C GLU E 64 -17.27 20.25 -23.24
N MET E 65 -16.21 20.34 -22.45
CA MET E 65 -15.15 19.35 -22.43
C MET E 65 -15.05 18.74 -21.04
N VAL E 66 -14.71 17.46 -20.97
CA VAL E 66 -14.64 16.74 -19.70
C VAL E 66 -13.46 15.76 -19.65
N PHE E 67 -12.62 15.94 -18.63
CA PHE E 67 -11.50 15.03 -18.37
C PHE E 67 -11.96 14.02 -17.32
N ILE E 68 -11.80 12.74 -17.64
CA ILE E 68 -12.22 11.65 -16.77
C ILE E 68 -11.00 10.84 -16.35
N ARG E 69 -10.80 10.72 -15.04
CA ARG E 69 -9.64 10.01 -14.49
C ARG E 69 -9.70 8.53 -14.83
N GLY E 70 -8.53 7.93 -15.08
CA GLY E 70 -8.44 6.55 -15.57
C GLY E 70 -8.81 5.47 -14.57
N ASP E 71 -8.54 5.71 -13.30
CA ASP E 71 -8.86 4.73 -12.25
C ASP E 71 -10.35 4.69 -11.91
N THR E 72 -11.13 5.55 -12.57
CA THR E 72 -12.56 5.66 -12.26
C THR E 72 -13.49 5.11 -13.36
N VAL E 73 -12.93 4.74 -14.52
CA VAL E 73 -13.73 4.15 -15.60
C VAL E 73 -13.86 2.63 -15.50
N THR E 74 -15.08 2.16 -15.30
CA THR E 74 -15.35 0.72 -15.15
C THR E 74 -15.82 0.09 -16.46
N LEU E 75 -16.55 0.87 -17.25
CA LEU E 75 -17.10 0.40 -18.53
C LEU E 75 -17.02 1.46 -19.61
N ILE E 76 -16.65 1.03 -20.82
CA ILE E 76 -16.68 1.89 -22.00
C ILE E 76 -17.55 1.22 -23.08
N SER E 77 -18.84 1.55 -23.08
CA SER E 77 -19.81 0.99 -24.02
C SER E 77 -19.85 1.85 -25.28
N THR E 78 -19.75 1.19 -26.43
CA THR E 78 -19.67 1.90 -27.71
C THR E 78 -20.59 1.30 -28.79
N PRO E 79 -21.51 2.14 -29.33
CA PRO E 79 -22.33 1.75 -30.49
C PRO E 79 -21.48 1.49 -31.73
N SER E 80 -21.85 0.47 -32.50
CA SER E 80 -21.09 0.07 -33.68
C SER E 80 -22.01 -0.29 -34.86
N MET F 1 -6.60 11.53 -29.64
CA MET F 1 -5.19 11.99 -29.77
C MET F 1 -5.13 13.45 -30.25
N GLU F 2 -4.17 14.24 -29.76
CA GLU F 2 -3.10 13.76 -28.87
C GLU F 2 -3.40 13.94 -27.39
N THR F 3 -2.45 13.51 -26.56
CA THR F 3 -2.52 13.44 -25.08
C THR F 3 -3.67 14.20 -24.40
N PRO F 4 -4.47 13.49 -23.58
CA PRO F 4 -5.51 14.09 -22.76
C PRO F 4 -4.95 15.00 -21.68
N LEU F 5 -3.66 14.84 -21.37
CA LEU F 5 -2.97 15.73 -20.43
C LEU F 5 -2.62 17.06 -21.10
N ASP F 6 -2.41 17.03 -22.41
CA ASP F 6 -2.19 18.25 -23.21
C ASP F 6 -3.44 19.11 -23.25
N LEU F 7 -4.61 18.46 -23.25
CA LEU F 7 -5.89 19.17 -23.20
C LEU F 7 -6.16 19.74 -21.80
N LEU F 8 -5.43 19.23 -20.80
CA LEU F 8 -5.49 19.83 -19.48
C LEU F 8 -4.62 21.07 -19.38
N LYS F 9 -3.38 21.00 -19.86
CA LYS F 9 -2.42 22.10 -19.72
C LYS F 9 -2.90 23.39 -20.39
N LEU F 10 -3.84 23.26 -21.33
CA LEU F 10 -4.50 24.41 -21.95
C LEU F 10 -5.33 25.19 -20.93
N ASN F 11 -5.69 24.54 -19.83
CA ASN F 11 -6.51 25.15 -18.79
C ASN F 11 -5.72 25.64 -17.58
N LEU F 12 -4.40 25.67 -17.70
CA LEU F 12 -3.55 26.25 -16.66
C LEU F 12 -3.81 27.75 -16.54
N ASP F 13 -3.65 28.28 -15.33
CA ASP F 13 -3.99 29.66 -14.99
C ASP F 13 -5.43 30.00 -15.37
N GLU F 14 -6.27 28.97 -15.47
CA GLU F 14 -7.67 29.16 -15.86
C GLU F 14 -8.65 28.42 -14.96
N ARG F 15 -9.85 28.98 -14.86
CA ARG F 15 -10.92 28.48 -13.98
C ARG F 15 -11.45 27.14 -14.47
N VAL F 16 -11.45 26.14 -13.59
CA VAL F 16 -11.91 24.78 -13.91
C VAL F 16 -12.82 24.19 -12.84
N TYR F 17 -13.82 23.42 -13.28
CA TYR F 17 -14.72 22.71 -12.36
C TYR F 17 -14.22 21.28 -12.18
N ILE F 18 -14.17 20.83 -10.93
CA ILE F 18 -13.79 19.45 -10.62
C ILE F 18 -14.71 18.80 -9.60
N LYS F 19 -15.31 17.69 -10.02
CA LYS F 19 -16.15 16.87 -9.15
C LYS F 19 -15.29 15.80 -8.50
N LEU F 20 -15.40 15.70 -7.18
CA LEU F 20 -14.63 14.73 -6.42
C LEU F 20 -15.46 13.50 -6.11
N ARG F 21 -14.92 12.60 -5.28
CA ARG F 21 -15.68 11.46 -4.78
C ARG F 21 -16.73 11.94 -3.80
N GLY F 22 -17.96 11.46 -3.98
CA GLY F 22 -19.06 11.85 -3.13
C GLY F 22 -19.71 13.15 -3.56
N ALA F 23 -20.42 13.78 -2.61
CA ALA F 23 -21.24 14.95 -2.87
C ALA F 23 -20.50 16.29 -2.74
N ARG F 24 -19.17 16.26 -2.86
CA ARG F 24 -18.39 17.49 -2.82
C ARG F 24 -17.75 17.78 -4.18
N THR F 25 -17.76 19.06 -4.55
CA THR F 25 -17.17 19.52 -5.79
C THR F 25 -16.70 20.98 -5.68
N LEU F 26 -15.47 21.23 -6.11
CA LEU F 26 -14.93 22.59 -6.08
C LEU F 26 -14.56 23.15 -7.45
N VAL F 27 -14.45 24.47 -7.52
CA VAL F 27 -14.03 25.19 -8.70
C VAL F 27 -12.98 26.24 -8.32
N GLY F 28 -11.91 26.32 -9.12
CA GLY F 28 -10.84 27.28 -8.88
C GLY F 28 -9.87 27.36 -10.05
N THR F 29 -8.76 28.06 -9.84
CA THR F 29 -7.77 28.30 -10.90
C THR F 29 -6.70 27.20 -10.93
N LEU F 30 -6.60 26.51 -12.08
CA LEU F 30 -5.69 25.37 -12.23
C LEU F 30 -4.22 25.80 -12.24
N GLN F 31 -3.54 25.56 -11.13
CA GLN F 31 -2.13 25.94 -11.00
C GLN F 31 -1.16 24.82 -11.34
N ALA F 32 -1.50 23.59 -10.99
CA ALA F 32 -0.65 22.43 -11.29
C ALA F 32 -1.44 21.12 -11.36
N PHE F 33 -0.90 20.16 -12.10
CA PHE F 33 -1.45 18.81 -12.17
C PHE F 33 -0.39 17.80 -12.63
N ASP F 34 -0.56 16.53 -12.26
CA ASP F 34 0.36 15.48 -12.71
C ASP F 34 -0.36 14.28 -13.30
N SER F 35 0.42 13.28 -13.72
CA SER F 35 -0.09 12.02 -14.26
C SER F 35 -1.22 11.41 -13.41
N HIS F 36 -0.97 11.32 -12.10
CA HIS F 36 -1.91 10.70 -11.17
C HIS F 36 -3.16 11.55 -10.91
N CYS F 37 -3.13 12.77 -11.43
CA CYS F 37 -4.27 13.69 -11.35
C CYS F 37 -4.35 14.46 -10.03
N ASN F 38 -3.20 14.61 -9.37
CA ASN F 38 -3.06 15.57 -8.28
C ASN F 38 -3.18 16.98 -8.87
N ILE F 39 -3.86 17.88 -8.16
CA ILE F 39 -4.01 19.24 -8.64
C ILE F 39 -3.82 20.28 -7.53
N VAL F 40 -3.47 21.49 -7.93
CA VAL F 40 -3.36 22.63 -7.02
C VAL F 40 -4.25 23.76 -7.53
N LEU F 41 -5.13 24.26 -6.68
CA LEU F 41 -6.09 25.29 -7.09
C LEU F 41 -5.92 26.61 -6.35
N SER F 42 -6.11 27.72 -7.08
CA SER F 42 -6.13 29.06 -6.50
C SER F 42 -7.55 29.51 -6.27
N ASP F 43 -7.76 30.31 -5.22
CA ASP F 43 -9.06 30.92 -4.89
C ASP F 43 -10.22 29.97 -5.15
N ALA F 44 -10.19 28.82 -4.48
CA ALA F 44 -11.17 27.75 -4.73
C ALA F 44 -12.43 27.89 -3.89
N VAL F 45 -13.52 27.34 -4.40
CA VAL F 45 -14.79 27.29 -3.68
C VAL F 45 -15.33 25.86 -3.74
N GLU F 46 -15.36 25.18 -2.59
CA GLU F 46 -15.93 23.83 -2.52
C GLU F 46 -17.37 23.82 -2.00
N THR F 47 -18.19 22.96 -2.59
CA THR F 47 -19.60 22.83 -2.23
C THR F 47 -19.92 21.40 -1.77
N ILE F 48 -20.79 21.29 -0.77
CA ILE F 48 -21.25 20.00 -0.30
C ILE F 48 -22.78 19.95 -0.37
N TYR F 49 -23.31 18.97 -1.11
CA TYR F 49 -24.75 18.79 -1.27
C TYR F 49 -25.30 17.75 -0.28
N GLN F 50 -26.34 18.14 0.44
CA GLN F 50 -27.01 17.26 1.40
C GLN F 50 -28.53 17.44 1.29
N LEU F 51 -29.26 16.37 1.61
CA LEU F 51 -30.74 16.41 1.61
C LEU F 51 -31.27 16.11 3.01
N ASN F 52 -30.73 15.05 3.62
CA ASN F 52 -31.07 14.62 4.99
C ASN F 52 -32.57 14.50 5.26
N SER F 57 -29.19 21.54 0.67
CA SER F 57 -28.19 22.12 1.55
C SER F 57 -26.96 22.57 0.75
N GLU F 58 -26.62 23.85 0.87
CA GLU F 58 -25.53 24.45 0.08
C GLU F 58 -24.41 25.00 0.97
N SER F 59 -23.55 24.10 1.46
CA SER F 59 -22.39 24.50 2.25
C SER F 59 -21.22 24.89 1.37
N GLU F 60 -20.64 26.06 1.62
CA GLU F 60 -19.49 26.55 0.88
C GLU F 60 -18.30 26.85 1.78
N ARG F 61 -17.11 26.52 1.29
CA ARG F 61 -15.86 26.81 2.01
C ARG F 61 -14.84 27.49 1.12
N ARG F 62 -14.22 28.54 1.64
CA ARG F 62 -13.27 29.36 0.89
C ARG F 62 -11.82 29.08 1.29
N CYS F 63 -10.94 29.03 0.29
CA CYS F 63 -9.50 28.96 0.52
C CYS F 63 -8.74 29.48 -0.69
N GLU F 64 -7.54 30.02 -0.46
CA GLU F 64 -6.76 30.65 -1.52
C GLU F 64 -5.82 29.69 -2.26
N MET F 65 -5.35 28.66 -1.55
CA MET F 65 -4.44 27.67 -2.13
C MET F 65 -4.74 26.31 -1.55
N VAL F 66 -4.97 25.34 -2.44
CA VAL F 66 -5.31 23.98 -2.01
C VAL F 66 -4.68 22.93 -2.93
N PHE F 67 -4.04 21.94 -2.31
CA PHE F 67 -3.60 20.75 -3.01
C PHE F 67 -4.62 19.65 -2.82
N ILE F 68 -5.04 19.05 -3.94
CA ILE F 68 -6.01 17.97 -3.92
C ILE F 68 -5.34 16.68 -4.37
N ARG F 69 -5.44 15.63 -3.55
CA ARG F 69 -4.88 14.33 -3.89
C ARG F 69 -5.67 13.65 -5.01
N GLY F 70 -4.96 13.10 -5.99
CA GLY F 70 -5.56 12.49 -7.17
C GLY F 70 -6.56 11.38 -6.88
N ASP F 71 -6.35 10.66 -5.79
CA ASP F 71 -7.20 9.55 -5.38
C ASP F 71 -8.67 9.94 -5.23
N THR F 72 -8.93 11.24 -5.08
CA THR F 72 -10.29 11.71 -4.83
C THR F 72 -10.92 12.43 -6.03
N VAL F 73 -10.09 12.82 -7.00
CA VAL F 73 -10.57 13.46 -8.22
C VAL F 73 -11.15 12.41 -9.16
N THR F 74 -12.37 12.64 -9.64
CA THR F 74 -13.00 11.73 -10.60
C THR F 74 -13.21 12.42 -11.94
N LEU F 75 -13.70 13.66 -11.87
CA LEU F 75 -14.24 14.37 -13.01
C LEU F 75 -13.68 15.78 -13.10
N ILE F 76 -13.05 16.11 -14.22
CA ILE F 76 -12.59 17.48 -14.47
C ILE F 76 -13.38 18.11 -15.60
N SER F 77 -14.31 18.99 -15.24
CA SER F 77 -15.17 19.65 -16.22
C SER F 77 -14.55 20.96 -16.71
N THR F 78 -14.36 21.06 -18.01
CA THR F 78 -13.93 22.30 -18.64
C THR F 78 -15.16 23.17 -18.92
N PRO F 79 -15.22 24.37 -18.31
CA PRO F 79 -16.33 25.33 -18.46
C PRO F 79 -16.73 25.56 -19.92
N MET G 15 1.85 -14.64 -16.67
CA MET G 15 1.64 -14.66 -18.12
C MET G 15 0.71 -15.81 -18.52
N LEU G 16 0.29 -16.60 -17.53
CA LEU G 16 -0.55 -17.78 -17.74
C LEU G 16 -1.97 -17.44 -18.19
N PHE G 17 -2.67 -16.64 -17.40
CA PHE G 17 -4.07 -16.33 -17.68
C PHE G 17 -4.25 -15.33 -18.80
N PHE G 18 -3.20 -14.56 -19.07
CA PHE G 18 -3.13 -13.78 -20.30
C PHE G 18 -3.06 -14.72 -21.50
N SER G 19 -2.20 -15.74 -21.42
CA SER G 19 -2.07 -16.74 -22.48
C SER G 19 -3.31 -17.63 -22.62
N PHE G 20 -4.03 -17.80 -21.52
CA PHE G 20 -5.25 -18.60 -21.50
C PHE G 20 -6.41 -17.89 -22.18
N PHE G 21 -6.61 -16.62 -21.82
CA PHE G 21 -7.64 -15.78 -22.43
C PHE G 21 -7.35 -15.48 -23.90
N LYS G 22 -6.08 -15.57 -24.29
CA LYS G 22 -5.67 -15.36 -25.69
C LYS G 22 -6.20 -16.44 -26.63
N THR G 23 -6.16 -17.70 -26.17
CA THR G 23 -6.69 -18.83 -26.92
C THR G 23 -8.22 -18.85 -26.89
N LEU G 24 -8.78 -18.10 -25.94
CA LEU G 24 -10.22 -18.05 -25.70
C LEU G 24 -10.92 -17.04 -26.60
N VAL G 25 -10.12 -16.30 -27.37
CA VAL G 25 -10.62 -15.27 -28.30
C VAL G 25 -11.62 -15.82 -29.32
N ASP G 26 -12.60 -15.00 -29.68
CA ASP G 26 -13.64 -15.31 -30.68
C ASP G 26 -14.81 -16.15 -30.14
N GLN G 27 -14.63 -16.69 -28.93
CA GLN G 27 -15.69 -17.45 -28.24
C GLN G 27 -16.64 -16.55 -27.48
N GLU G 28 -17.88 -17.01 -27.35
CA GLU G 28 -18.92 -16.33 -26.58
C GLU G 28 -18.74 -16.62 -25.10
N VAL G 29 -18.73 -15.57 -24.27
CA VAL G 29 -18.55 -15.71 -22.83
C VAL G 29 -19.55 -14.88 -22.01
N VAL G 30 -19.64 -15.19 -20.72
CA VAL G 30 -20.43 -14.41 -19.77
C VAL G 30 -19.49 -13.92 -18.67
N VAL G 31 -19.52 -12.62 -18.39
CA VAL G 31 -18.64 -12.04 -17.37
C VAL G 31 -19.41 -11.36 -16.23
N GLU G 32 -19.47 -12.03 -15.09
CA GLU G 32 -20.15 -11.45 -13.92
C GLU G 32 -19.25 -10.41 -13.26
N LEU G 33 -19.76 -9.18 -13.19
CA LEU G 33 -19.05 -8.09 -12.53
C LEU G 33 -19.20 -8.19 -11.02
N LYS G 34 -18.40 -7.44 -10.29
CA LYS G 34 -18.46 -7.42 -8.82
C LYS G 34 -19.81 -6.91 -8.29
N ASN G 35 -20.50 -6.11 -9.10
CA ASN G 35 -21.79 -5.54 -8.73
C ASN G 35 -23.01 -6.28 -9.29
N ASP G 36 -22.80 -7.54 -9.72
CA ASP G 36 -23.86 -8.47 -10.13
C ASP G 36 -24.43 -8.29 -11.54
N ILE G 37 -23.81 -7.43 -12.35
CA ILE G 37 -24.19 -7.30 -13.76
C ILE G 37 -23.69 -8.55 -14.49
N GLU G 38 -24.43 -9.01 -15.49
CA GLU G 38 -24.15 -10.30 -16.13
C GLU G 38 -23.27 -10.21 -17.39
N ILE G 39 -23.61 -9.28 -18.29
CA ILE G 39 -22.86 -9.03 -19.54
C ILE G 39 -22.39 -10.27 -20.32
N LYS G 40 -23.11 -10.59 -21.38
CA LYS G 40 -22.85 -11.77 -22.20
C LYS G 40 -22.52 -11.34 -23.63
N GLY G 41 -21.31 -11.63 -24.07
CA GLY G 41 -20.84 -11.21 -25.40
C GLY G 41 -19.69 -12.02 -25.97
N THR G 42 -19.24 -11.63 -27.15
CA THR G 42 -18.16 -12.35 -27.86
C THR G 42 -16.81 -11.70 -27.56
N LEU G 43 -15.88 -12.48 -26.98
CA LEU G 43 -14.57 -11.98 -26.57
C LEU G 43 -13.67 -11.69 -27.77
N GLN G 44 -13.22 -10.44 -27.87
CA GLN G 44 -12.33 -10.02 -28.95
C GLN G 44 -10.91 -9.73 -28.46
N SER G 45 -10.78 -9.01 -27.35
CA SER G 45 -9.46 -8.57 -26.88
C SER G 45 -9.20 -8.77 -25.40
N VAL G 46 -7.93 -8.87 -25.06
CA VAL G 46 -7.45 -9.01 -23.68
C VAL G 46 -6.01 -8.51 -23.57
N ASP G 47 -5.72 -7.77 -22.51
CA ASP G 47 -4.35 -7.31 -22.23
C ASP G 47 -3.80 -8.00 -20.98
N GLN G 48 -2.55 -7.69 -20.63
CA GLN G 48 -1.86 -8.31 -19.48
C GLN G 48 -2.63 -8.10 -18.16
N PHE G 49 -3.31 -6.96 -18.05
CA PHE G 49 -4.12 -6.63 -16.87
C PHE G 49 -5.46 -7.37 -16.86
N LEU G 50 -5.70 -8.16 -17.91
CA LEU G 50 -6.95 -8.90 -18.08
C LEU G 50 -8.19 -7.99 -18.21
N ASN G 51 -7.99 -6.84 -18.85
CA ASN G 51 -9.10 -6.00 -19.29
C ASN G 51 -9.71 -6.66 -20.53
N LEU G 52 -11.01 -6.45 -20.73
CA LEU G 52 -11.73 -7.17 -21.79
C LEU G 52 -12.51 -6.26 -22.74
N LYS G 53 -12.65 -6.70 -23.98
CA LYS G 53 -13.59 -6.11 -24.92
C LYS G 53 -14.51 -7.20 -25.45
N LEU G 54 -15.81 -6.93 -25.43
CA LEU G 54 -16.80 -7.88 -25.91
C LEU G 54 -17.62 -7.31 -27.06
N ASP G 55 -18.17 -8.20 -27.88
CA ASP G 55 -18.96 -7.81 -29.06
C ASP G 55 -20.35 -8.42 -29.03
N ASN G 56 -21.29 -7.76 -29.72
CA ASN G 56 -22.68 -8.23 -29.87
C ASN G 56 -23.29 -8.62 -28.53
N ILE G 57 -23.16 -7.75 -27.55
CA ILE G 57 -23.52 -8.06 -26.17
C ILE G 57 -25.00 -7.81 -25.87
N SER G 58 -25.45 -8.40 -24.77
CA SER G 58 -26.74 -8.08 -24.18
C SER G 58 -26.54 -7.88 -22.69
N CYS G 59 -26.39 -6.62 -22.29
CA CYS G 59 -26.19 -6.22 -20.89
C CYS G 59 -27.42 -6.62 -20.06
N THR G 60 -27.48 -7.91 -19.71
CA THR G 60 -28.67 -8.51 -19.14
C THR G 60 -28.95 -8.13 -17.68
N ASP G 61 -30.11 -7.52 -17.44
CA ASP G 61 -31.05 -7.17 -18.52
C ASP G 61 -31.45 -5.70 -18.49
N GLU G 62 -31.42 -5.07 -19.67
CA GLU G 62 -31.75 -3.64 -19.86
C GLU G 62 -30.87 -2.71 -19.01
N SER G 70 -29.32 -1.99 -30.81
CA SER G 70 -27.96 -1.49 -30.94
C SER G 70 -27.35 -1.21 -29.56
N VAL G 71 -26.24 -1.88 -29.26
CA VAL G 71 -25.52 -1.69 -28.00
C VAL G 71 -24.24 -0.83 -28.18
N ARG G 72 -23.19 -1.33 -28.85
CA ARG G 72 -23.09 -2.69 -29.42
C ARG G 72 -21.96 -3.47 -28.74
N ASN G 73 -20.82 -2.81 -28.55
CA ASN G 73 -19.65 -3.39 -27.89
C ASN G 73 -19.50 -2.86 -26.47
N ILE G 74 -18.52 -3.39 -25.73
CA ILE G 74 -18.24 -2.93 -24.37
C ILE G 74 -16.78 -3.16 -23.98
N PHE G 75 -16.24 -2.22 -23.20
CA PHE G 75 -14.90 -2.35 -22.63
C PHE G 75 -14.99 -2.47 -21.11
N ILE G 76 -14.49 -3.58 -20.60
CA ILE G 76 -14.49 -3.84 -19.17
C ILE G 76 -13.07 -3.83 -18.65
N ARG G 77 -12.79 -3.01 -17.64
CA ARG G 77 -11.49 -3.08 -16.98
C ARG G 77 -11.51 -4.29 -16.04
N GLY G 78 -10.40 -5.01 -16.00
CA GLY G 78 -10.27 -6.26 -15.23
C GLY G 78 -10.73 -6.14 -13.79
N SER G 79 -10.28 -5.08 -13.13
CA SER G 79 -10.62 -4.80 -11.73
C SER G 79 -12.11 -4.94 -11.40
N THR G 80 -12.96 -5.00 -12.43
CA THR G 80 -14.40 -5.06 -12.23
C THR G 80 -14.94 -6.49 -12.23
N VAL G 81 -14.37 -7.36 -13.06
CA VAL G 81 -14.88 -8.74 -13.20
C VAL G 81 -14.73 -9.57 -11.93
N ARG G 82 -15.76 -10.35 -11.62
CA ARG G 82 -15.68 -11.35 -10.57
C ARG G 82 -15.43 -12.69 -11.23
N TYR G 83 -16.40 -13.16 -12.00
CA TYR G 83 -16.29 -14.40 -12.77
C TYR G 83 -16.22 -14.12 -14.27
N VAL G 84 -15.59 -15.05 -14.98
CA VAL G 84 -15.75 -15.16 -16.41
C VAL G 84 -16.22 -16.60 -16.64
N TYR G 85 -17.49 -16.76 -17.00
CA TYR G 85 -18.07 -18.07 -17.23
C TYR G 85 -17.67 -18.63 -18.59
N LEU G 86 -17.33 -19.91 -18.61
CA LEU G 86 -16.87 -20.60 -19.82
C LEU G 86 -17.66 -21.88 -20.08
N ASN G 87 -17.49 -22.43 -21.28
CA ASN G 87 -17.98 -23.77 -21.62
C ASN G 87 -16.84 -24.79 -21.56
N LYS G 88 -17.17 -26.03 -21.19
CA LYS G 88 -16.19 -27.10 -20.95
C LYS G 88 -15.30 -27.37 -22.17
N ASN G 89 -15.90 -27.35 -23.36
CA ASN G 89 -15.20 -27.65 -24.61
C ASN G 89 -14.19 -26.59 -25.05
N MET G 90 -14.37 -25.35 -24.58
CA MET G 90 -13.47 -24.24 -24.91
C MET G 90 -12.08 -24.37 -24.28
N VAL G 91 -11.96 -25.28 -23.30
CA VAL G 91 -10.76 -25.42 -22.49
C VAL G 91 -10.20 -26.83 -22.56
N ASP G 92 -8.91 -26.95 -22.84
CA ASP G 92 -8.22 -28.23 -22.74
C ASP G 92 -7.67 -28.38 -21.33
N THR G 93 -8.49 -28.92 -20.44
CA THR G 93 -8.19 -29.00 -19.01
C THR G 93 -6.90 -29.75 -18.71
N ASN G 94 -6.56 -30.72 -19.56
CA ASN G 94 -5.31 -31.47 -19.44
C ASN G 94 -4.08 -30.60 -19.62
N LEU G 95 -4.12 -29.69 -20.59
CA LEU G 95 -2.98 -28.82 -20.92
C LEU G 95 -2.98 -27.52 -20.14
N LEU G 96 -4.17 -27.09 -19.70
CA LEU G 96 -4.31 -25.91 -18.87
C LEU G 96 -3.64 -26.14 -17.52
N GLN G 97 -3.91 -27.29 -16.91
CA GLN G 97 -3.33 -27.59 -15.60
C GLN G 97 -1.85 -27.98 -15.68
N ASP G 98 -1.40 -28.37 -16.87
CA ASP G 98 0.02 -28.53 -17.14
C ASP G 98 0.69 -27.15 -17.28
N ALA G 99 -0.06 -26.19 -17.81
CA ALA G 99 0.41 -24.81 -17.97
C ALA G 99 0.59 -24.08 -16.64
N THR G 100 -0.32 -24.30 -15.69
CA THR G 100 -0.15 -23.77 -14.33
C THR G 100 1.02 -24.47 -13.62
N ARG G 101 1.15 -25.77 -13.83
CA ARG G 101 2.28 -26.53 -13.31
C ARG G 101 3.64 -25.97 -13.75
N ARG G 102 3.74 -25.55 -15.01
CA ARG G 102 4.97 -24.98 -15.56
C ARG G 102 5.37 -23.67 -14.90
N GLU G 103 4.41 -22.75 -14.79
CA GLU G 103 4.68 -21.39 -14.30
C GLU G 103 5.03 -21.36 -12.81
N VAL G 104 4.52 -22.32 -12.04
CA VAL G 104 4.82 -22.41 -10.61
C VAL G 104 6.20 -23.01 -10.38
N MET G 105 6.67 -23.79 -11.37
CA MET G 105 8.03 -24.32 -11.34
C MET G 105 9.09 -23.22 -11.51
N THR G 106 8.73 -22.14 -12.20
CA THR G 106 9.63 -21.00 -12.41
C THR G 106 9.80 -20.18 -11.12
N GLU G 107 10.83 -20.53 -10.35
CA GLU G 107 11.12 -19.88 -9.07
C GLU G 107 12.57 -19.41 -8.97
N ASN H 54 16.18 17.25 26.21
CA ASN H 54 15.71 17.98 27.43
C ASN H 54 15.81 19.50 27.27
N LYS H 55 17.02 19.99 26.96
CA LYS H 55 17.26 21.44 26.84
C LYS H 55 17.73 21.93 25.45
N SER H 56 18.92 21.57 24.92
CA SER H 56 19.98 20.67 25.46
C SER H 56 19.59 19.18 25.64
N GLY H 57 19.42 18.46 24.54
CA GLY H 57 19.54 19.02 23.19
C GLY H 57 18.27 18.91 22.36
N GLY H 58 17.20 18.42 22.98
CA GLY H 58 15.93 18.16 22.30
C GLY H 58 15.68 16.67 22.14
N LYS H 59 14.42 16.27 22.36
CA LYS H 59 14.01 14.87 22.26
C LYS H 59 14.40 14.28 20.91
N LYS H 60 14.16 15.03 19.83
CA LYS H 60 14.52 14.60 18.48
C LYS H 60 16.03 14.40 18.37
N PHE H 61 16.80 15.34 18.91
CA PHE H 61 18.26 15.28 18.83
C PHE H 61 18.83 14.06 19.55
N ILE H 62 18.33 13.80 20.75
CA ILE H 62 18.79 12.67 21.56
C ILE H 62 18.45 11.34 20.89
N LEU H 63 17.19 11.18 20.48
CA LEU H 63 16.73 9.97 19.80
C LEU H 63 17.53 9.69 18.54
N GLU H 64 17.86 10.75 17.80
CA GLU H 64 18.68 10.67 16.61
C GLU H 64 20.08 10.21 16.97
N LEU H 65 20.56 10.69 18.12
CA LEU H 65 21.90 10.39 18.60
C LEU H 65 22.00 8.96 19.14
N ILE H 66 20.96 8.51 19.85
CA ILE H 66 20.87 7.12 20.31
C ILE H 66 20.88 6.18 19.10
N GLU H 67 20.11 6.55 18.08
CA GLU H 67 19.95 5.73 16.90
C GLU H 67 21.24 5.66 16.09
N THR H 68 22.02 6.73 16.15
CA THR H 68 23.34 6.75 15.53
C THR H 68 24.25 5.78 16.28
N VAL H 69 24.20 5.81 17.61
CA VAL H 69 24.94 4.87 18.44
C VAL H 69 24.66 3.43 18.03
N TYR H 70 23.38 3.13 17.81
CA TYR H 70 22.94 1.76 17.48
C TYR H 70 23.49 1.25 16.15
N GLU H 71 23.49 2.11 15.14
CA GLU H 71 24.02 1.75 13.82
C GLU H 71 25.53 1.48 13.89
N GLU H 72 26.24 2.38 14.57
CA GLU H 72 27.67 2.25 14.79
C GLU H 72 28.05 0.96 15.52
N ILE H 73 27.12 0.42 16.29
CA ILE H 73 27.35 -0.82 17.04
C ILE H 73 26.98 -2.04 16.21
N LEU H 74 25.89 -1.94 15.45
CA LEU H 74 25.49 -3.03 14.55
C LEU H 74 26.54 -3.22 13.48
N ASP H 75 27.15 -2.11 13.05
CA ASP H 75 28.29 -2.12 12.14
C ASP H 75 29.47 -2.85 12.80
N LEU H 76 29.82 -2.43 14.02
CA LEU H 76 30.91 -3.04 14.79
C LEU H 76 30.66 -4.52 15.14
N GLU H 77 29.43 -4.85 15.52
CA GLU H 77 29.05 -6.22 15.89
C GLU H 77 29.18 -7.20 14.72
N ALA H 78 28.88 -6.71 13.52
CA ALA H 78 28.92 -7.53 12.30
C ALA H 78 30.36 -7.80 11.85
N ASN H 79 31.24 -6.84 12.09
CA ASN H 79 32.66 -6.98 11.73
C ASN H 79 33.42 -7.98 12.60
N LEU H 80 32.98 -8.13 13.86
CA LEU H 80 33.54 -9.13 14.77
C LEU H 80 33.04 -10.53 14.43
N ARG H 81 31.80 -10.61 13.93
CA ARG H 81 31.15 -11.89 13.63
C ARG H 81 31.79 -12.61 12.45
N ASN H 82 32.25 -11.85 11.45
CA ASN H 82 32.96 -12.41 10.30
C ASN H 82 34.47 -12.14 10.31
N GLY H 83 34.99 -11.71 11.47
CA GLY H 83 36.43 -11.59 11.71
C GLY H 83 37.17 -10.55 10.89
N GLN H 84 36.84 -9.28 11.12
CA GLN H 84 37.48 -8.17 10.41
C GLN H 84 37.96 -7.07 11.36
N GLN H 85 38.49 -5.98 10.79
CA GLN H 85 39.05 -4.88 11.56
C GLN H 85 37.95 -4.00 12.19
N THR H 86 37.92 -3.98 13.52
CA THR H 86 36.96 -3.17 14.26
C THR H 86 37.60 -1.89 14.77
N ASP H 87 36.85 -0.79 14.72
CA ASP H 87 37.37 0.53 15.08
C ASP H 87 36.37 1.32 15.92
N SER H 88 36.77 1.65 17.14
CA SER H 88 35.90 2.36 18.08
C SER H 88 35.72 3.84 17.75
N THR H 89 36.70 4.42 17.06
CA THR H 89 36.74 5.86 16.78
C THR H 89 35.40 6.44 16.35
N ALA H 90 34.79 5.83 15.34
CA ALA H 90 33.51 6.29 14.80
C ALA H 90 32.37 6.19 15.82
N MET H 91 32.36 5.12 16.61
CA MET H 91 31.28 4.87 17.56
C MET H 91 31.50 5.59 18.89
N TRP H 92 32.74 5.95 19.16
CA TRP H 92 33.08 6.65 20.39
C TRP H 92 32.59 8.09 20.33
N GLU H 93 32.90 8.76 19.23
CA GLU H 93 32.50 10.15 19.01
C GLU H 93 31.00 10.27 18.78
N ALA H 94 30.32 9.13 18.67
CA ALA H 94 28.87 9.09 18.62
C ALA H 94 28.26 9.33 20.00
N LEU H 95 28.94 8.83 21.03
CA LEU H 95 28.48 8.93 22.42
C LEU H 95 28.61 10.35 23.00
N HIS H 96 29.40 11.18 22.33
CA HIS H 96 29.61 12.58 22.73
C HIS H 96 29.97 12.76 24.22
N ILE H 97 30.95 11.99 24.68
CA ILE H 97 31.44 12.13 26.06
C ILE H 97 32.24 13.42 26.21
N ASP H 98 33.12 13.68 25.24
CA ASP H 98 33.99 14.86 25.26
C ASP H 98 33.36 16.01 24.48
N ASP H 99 32.19 16.46 24.93
CA ASP H 99 31.45 17.48 24.19
C ASP H 99 31.56 18.87 24.83
N SER H 100 30.90 19.07 25.96
CA SER H 100 30.84 20.36 26.65
C SER H 100 30.03 21.44 25.92
N SER H 101 29.34 21.05 24.84
CA SER H 101 28.54 22.00 24.05
C SER H 101 27.13 22.18 24.60
N TYR H 102 26.80 21.41 25.64
CA TYR H 102 25.48 21.47 26.26
C TYR H 102 25.59 21.57 27.77
N ASP H 103 24.50 22.01 28.41
CA ASP H 103 24.39 22.10 29.87
C ASP H 103 24.33 20.70 30.47
N VAL H 104 23.58 19.82 29.81
CA VAL H 104 23.48 18.41 30.19
C VAL H 104 24.10 17.60 29.06
N ASN H 105 25.15 16.85 29.38
CA ASN H 105 25.88 16.06 28.40
C ASN H 105 24.97 15.07 27.65
N PRO H 106 25.03 15.07 26.31
CA PRO H 106 24.22 14.22 25.44
C PRO H 106 24.11 12.78 25.92
N PHE H 107 25.22 12.20 26.34
CA PHE H 107 25.25 10.83 26.83
C PHE H 107 24.36 10.63 28.07
N ILE H 108 24.39 11.58 28.99
CA ILE H 108 23.59 11.51 30.21
C ILE H 108 22.10 11.69 29.87
N SER H 109 21.82 12.45 28.81
CA SER H 109 20.45 12.60 28.32
C SER H 109 19.95 11.32 27.64
N MET H 110 20.85 10.55 27.04
CA MET H 110 20.50 9.27 26.42
C MET H 110 19.97 8.26 27.44
N LEU H 111 20.60 8.22 28.61
CA LEU H 111 20.27 7.23 29.65
C LEU H 111 18.88 7.48 30.24
N SER H 112 18.18 8.50 29.74
CA SER H 112 16.83 8.77 30.18
C SER H 112 15.83 8.00 29.32
N PHE H 113 16.36 7.31 28.31
CA PHE H 113 15.55 6.51 27.41
C PHE H 113 15.80 5.04 27.65
N ASP H 114 14.73 4.24 27.61
CA ASP H 114 14.80 2.81 27.88
C ASP H 114 15.76 2.09 26.95
N LYS H 115 15.77 2.46 25.68
CA LYS H 115 16.71 1.87 24.72
C LYS H 115 18.12 2.39 24.91
N GLY H 116 18.25 3.60 25.45
CA GLY H 116 19.54 4.20 25.76
C GLY H 116 20.28 3.42 26.83
N ILE H 117 19.53 2.94 27.82
CA ILE H 117 20.09 2.14 28.90
C ILE H 117 20.48 0.75 28.36
N LYS H 118 19.57 0.12 27.62
CA LYS H 118 19.74 -1.26 27.15
C LYS H 118 20.96 -1.48 26.27
N ILE H 119 21.41 -0.43 25.61
CA ILE H 119 22.53 -0.51 24.67
C ILE H 119 23.90 -0.59 25.36
N MET H 120 23.98 -0.11 26.61
CA MET H 120 25.25 -0.03 27.35
C MET H 120 26.13 -1.28 27.36
N PRO H 121 25.55 -2.47 27.69
CA PRO H 121 26.34 -3.70 27.68
C PRO H 121 27.00 -3.96 26.32
N ARG H 122 26.28 -3.63 25.26
CA ARG H 122 26.77 -3.80 23.89
C ARG H 122 27.93 -2.83 23.60
N ILE H 123 27.86 -1.64 24.21
CA ILE H 123 28.88 -0.61 24.04
C ILE H 123 30.15 -0.96 24.82
N PHE H 124 29.98 -1.49 26.03
CA PHE H 124 31.10 -1.88 26.89
C PHE H 124 31.89 -3.07 26.36
N ASN H 125 31.29 -3.84 25.45
CA ASN H 125 32.00 -4.90 24.74
C ASN H 125 33.09 -4.37 23.82
N PHE H 126 33.05 -3.07 23.52
CA PHE H 126 33.94 -2.48 22.51
C PHE H 126 34.89 -1.38 23.01
N LEU H 127 34.40 -0.45 23.82
CA LEU H 127 35.27 0.60 24.36
C LEU H 127 36.08 0.10 25.55
N ASP H 128 37.38 0.35 25.52
CA ASP H 128 38.33 -0.16 26.52
C ASP H 128 39.61 0.70 26.53
N LYS H 129 40.18 0.96 27.71
CA LYS H 129 39.65 0.58 29.02
C LYS H 129 39.60 1.85 29.86
N GLN H 130 40.45 2.80 29.48
CA GLN H 130 40.41 4.18 29.97
C GLN H 130 39.09 4.81 29.51
N GLN H 131 38.62 4.36 28.36
CA GLN H 131 37.35 4.78 27.78
C GLN H 131 36.17 4.39 28.67
N LYS H 132 36.26 3.18 29.25
CA LYS H 132 35.26 2.71 30.21
C LYS H 132 35.26 3.58 31.46
N LEU H 133 36.47 3.93 31.91
CA LEU H 133 36.68 4.77 33.07
C LEU H 133 36.13 6.18 32.83
N LYS H 134 36.37 6.70 31.63
CA LYS H 134 35.94 8.05 31.24
C LYS H 134 34.41 8.15 31.17
N ILE H 135 33.74 7.06 30.79
CA ILE H 135 32.29 6.94 30.84
C ILE H 135 31.80 7.00 32.28
N LEU H 136 32.42 6.19 33.14
CA LEU H 136 32.11 6.15 34.56
C LEU H 136 32.23 7.51 35.23
N GLN H 137 33.31 8.23 34.92
CA GLN H 137 33.50 9.58 35.45
C GLN H 137 32.32 10.48 35.08
N LYS H 138 31.99 10.52 33.79
CA LYS H 138 30.90 11.33 33.27
C LYS H 138 29.55 11.05 33.91
N ILE H 139 29.27 9.77 34.20
CA ILE H 139 28.05 9.40 34.91
C ILE H 139 28.05 9.99 36.31
N PHE H 140 29.23 10.01 36.94
CA PHE H 140 29.35 10.40 38.34
C PHE H 140 29.32 11.90 38.63
N ASN H 141 29.90 12.71 37.74
CA ASN H 141 29.86 14.16 37.97
C ASN H 141 28.72 14.90 37.28
N GLU H 142 28.01 14.20 36.40
CA GLU H 142 26.79 14.73 35.78
C GLU H 142 25.56 14.07 36.39
N LEU H 143 25.77 13.41 37.52
CA LEU H 143 24.79 12.53 38.16
C LEU H 143 23.51 13.22 38.64
N SER H 144 23.57 14.51 38.93
CA SER H 144 22.40 15.27 39.35
C SER H 144 21.55 15.71 38.16
N HIS H 145 22.13 15.60 36.97
CA HIS H 145 21.39 15.81 35.73
C HIS H 145 20.65 14.55 35.30
N LEU H 146 21.14 13.40 35.78
CA LEU H 146 20.63 12.08 35.39
C LEU H 146 19.15 11.95 35.72
N GLN H 147 18.37 11.77 34.67
CA GLN H 147 16.91 11.74 34.76
C GLN H 147 16.39 10.58 35.59
N ILE H 148 17.19 9.51 35.72
CA ILE H 148 16.80 8.35 36.51
C ILE H 148 16.96 8.57 38.02
N ILE H 149 17.89 9.44 38.40
CA ILE H 149 18.14 9.76 39.80
C ILE H 149 16.94 10.51 40.38
N ILE H 150 16.33 11.35 39.56
CA ILE H 150 15.19 12.16 39.97
C ILE H 150 13.97 11.28 40.14
N LEU H 151 13.76 10.37 39.20
CA LEU H 151 12.63 9.44 39.24
C LEU H 151 12.66 8.51 40.46
N SER H 152 13.86 8.19 40.93
CA SER H 152 14.05 7.25 42.03
C SER H 152 14.16 7.94 43.39
N SER H 153 14.16 9.27 43.38
CA SER H 153 14.22 10.06 44.62
C SER H 153 12.81 10.32 45.15
N TYR H 154 12.59 9.99 46.43
CA TYR H 154 11.31 10.25 47.05
C TYR H 154 11.04 11.76 47.19
N LYS H 155 12.12 12.54 47.22
CA LYS H 155 12.06 13.99 47.40
C LYS H 155 11.44 14.68 46.18
N THR H 156 12.04 14.47 45.01
CA THR H 156 11.60 15.15 43.79
C THR H 156 10.49 14.41 43.04
N THR H 157 10.36 13.11 43.29
CA THR H 157 9.31 12.30 42.66
C THR H 157 8.50 11.60 43.75
N PRO H 158 7.60 12.35 44.41
CA PRO H 158 6.82 11.83 45.53
C PRO H 158 5.79 10.79 45.10
N LYS H 159 5.22 10.96 43.91
CA LYS H 159 4.31 9.96 43.33
C LYS H 159 4.87 9.36 42.04
N PRO H 160 5.75 8.35 42.15
CA PRO H 160 6.24 7.66 40.95
C PRO H 160 5.15 6.76 40.38
N THR H 161 5.01 6.77 39.06
CA THR H 161 4.06 5.90 38.38
C THR H 161 4.72 4.55 38.09
N LEU H 162 3.92 3.50 37.86
CA LEU H 162 4.43 2.14 37.62
C LEU H 162 5.47 2.10 36.50
N THR H 163 5.25 2.90 35.46
CA THR H 163 6.17 3.00 34.33
C THR H 163 7.53 3.50 34.80
N GLN H 164 7.51 4.42 35.77
CA GLN H 164 8.73 5.03 36.28
C GLN H 164 9.48 4.10 37.22
N LEU H 165 8.76 3.34 38.04
CA LEU H 165 9.40 2.35 38.92
C LEU H 165 10.11 1.30 38.07
N LYS H 166 9.42 0.78 37.06
CA LYS H 166 9.99 -0.18 36.11
C LYS H 166 11.25 0.37 35.46
N LYS H 167 11.20 1.65 35.08
CA LYS H 167 12.30 2.37 34.45
C LYS H 167 13.52 2.46 35.38
N VAL H 168 13.26 2.62 36.67
CA VAL H 168 14.30 2.66 37.70
C VAL H 168 14.86 1.25 37.94
N ASP H 169 13.95 0.27 38.02
CA ASP H 169 14.33 -1.15 38.14
C ASP H 169 15.25 -1.59 37.00
N LEU H 170 14.95 -1.11 35.80
CA LEU H 170 15.73 -1.41 34.60
C LEU H 170 17.13 -0.81 34.65
N PHE H 171 17.23 0.45 35.08
CA PHE H 171 18.51 1.16 35.18
C PHE H 171 19.43 0.47 36.18
N GLN H 172 18.87 0.19 37.35
CA GLN H 172 19.54 -0.58 38.39
C GLN H 172 20.05 -1.90 37.83
N MET H 173 19.16 -2.66 37.21
CA MET H 173 19.46 -3.98 36.67
C MET H 173 20.59 -4.01 35.64
N ILE H 174 20.72 -2.94 34.85
CA ILE H 174 21.71 -2.92 33.77
C ILE H 174 22.96 -2.10 34.12
N ILE H 175 22.78 -0.84 34.48
CA ILE H 175 23.90 0.07 34.70
C ILE H 175 24.73 -0.28 35.93
N LEU H 176 24.08 -0.50 37.06
CA LEU H 176 24.83 -0.95 38.21
C LEU H 176 25.53 -2.22 37.82
N LYS H 177 24.78 -3.28 37.65
CA LYS H 177 25.41 -4.52 37.28
C LYS H 177 26.66 -4.31 36.47
N ILE H 178 26.69 -3.32 35.61
CA ILE H 178 27.91 -3.16 34.86
C ILE H 178 28.95 -2.77 35.84
N ILE H 179 29.39 -1.53 35.77
CA ILE H 179 30.43 -1.05 36.65
C ILE H 179 30.76 -2.08 37.71
N VAL H 180 29.83 -2.38 38.57
CA VAL H 180 30.09 -3.37 39.59
C VAL H 180 31.10 -4.32 39.06
N SER H 181 30.95 -4.72 37.81
CA SER H 181 31.97 -5.52 37.17
C SER H 181 33.21 -4.67 37.04
N PHE H 182 33.28 -3.88 36.00
CA PHE H 182 34.40 -2.97 35.85
C PHE H 182 35.20 -2.89 37.12
N LEU H 183 34.58 -2.35 38.14
CA LEU H 183 35.25 -2.15 39.41
C LEU H 183 35.67 -3.47 40.02
N SER H 184 34.75 -4.41 40.03
CA SER H 184 35.08 -5.76 40.52
C SER H 184 36.46 -6.25 40.05
N ASN H 185 36.77 -6.05 38.77
CA ASN H 185 38.04 -6.51 38.23
C ASN H 185 38.66 -5.54 37.22
N ASN H 186 38.90 -4.31 37.67
CA ASN H 186 39.60 -3.30 36.88
C ASN H 186 40.05 -2.10 37.72
N SER H 187 39.28 -1.79 38.75
CA SER H 187 39.53 -0.61 39.58
C SER H 187 40.67 -0.82 40.57
N ASN H 188 41.51 0.20 40.68
CA ASN H 188 42.51 0.28 41.74
C ASN H 188 42.13 1.39 42.71
N PHE H 189 42.62 1.27 43.95
CA PHE H 189 42.26 2.20 45.03
C PHE H 189 42.24 3.67 44.61
N ILE H 190 43.26 4.10 43.86
CA ILE H 190 43.41 5.48 43.41
C ILE H 190 42.26 5.92 42.49
N GLU H 191 41.80 4.99 41.64
CA GLU H 191 40.71 5.26 40.71
C GLU H 191 39.36 5.41 41.42
N ILE H 192 39.11 4.51 42.38
CA ILE H 192 37.90 4.56 43.19
C ILE H 192 37.84 5.84 44.02
N MET H 193 39.01 6.34 44.44
CA MET H 193 39.08 7.65 45.08
C MET H 193 38.72 8.74 44.08
N GLY H 194 39.23 8.62 42.86
CA GLY H 194 38.96 9.58 41.79
C GLY H 194 37.47 9.67 41.52
N LEU H 195 36.85 8.51 41.30
CA LEU H 195 35.41 8.41 41.10
C LEU H 195 34.63 9.00 42.27
N LEU H 196 35.04 8.65 43.49
CA LEU H 196 34.32 9.05 44.70
C LEU H 196 34.37 10.56 44.94
N LEU H 197 35.56 11.15 44.82
CA LEU H 197 35.72 12.61 44.89
C LEU H 197 34.72 13.29 43.97
N GLN H 198 34.72 12.84 42.71
CA GLN H 198 33.86 13.39 41.67
C GLN H 198 32.40 13.40 42.11
N LEU H 199 31.95 12.28 42.68
CA LEU H 199 30.58 12.16 43.17
C LEU H 199 30.30 13.15 44.30
N ILE H 200 31.24 13.27 45.25
CA ILE H 200 31.02 14.14 46.42
C ILE H 200 31.00 15.62 46.04
N ARG H 201 31.99 16.05 45.26
CA ARG H 201 32.16 17.46 44.91
C ARG H 201 31.03 18.03 44.06
N ASN H 202 30.64 17.29 43.02
CA ASN H 202 29.75 17.80 41.99
C ASN H 202 28.26 17.65 42.25
N ASN H 203 27.90 16.84 43.24
CA ASN H 203 26.49 16.61 43.56
C ASN H 203 26.18 16.80 45.03
N ASN H 204 24.98 17.30 45.33
CA ASN H 204 24.51 17.38 46.70
C ASN H 204 24.28 15.99 47.28
N VAL H 205 25.33 15.44 47.90
CA VAL H 205 25.31 14.06 48.40
C VAL H 205 24.05 13.73 49.21
N SER H 206 23.56 14.70 49.99
CA SER H 206 22.36 14.49 50.80
C SER H 206 21.13 14.21 49.94
N PHE H 207 21.09 14.79 48.74
CA PHE H 207 20.02 14.48 47.79
C PHE H 207 20.25 13.11 47.16
N LEU H 208 21.46 12.88 46.65
CA LEU H 208 21.83 11.60 46.06
C LEU H 208 21.44 10.43 46.94
N THR H 209 21.39 10.67 48.25
CA THR H 209 21.06 9.63 49.21
C THR H 209 19.55 9.47 49.45
N THR H 210 18.75 10.31 48.80
CA THR H 210 17.29 10.18 48.85
C THR H 210 16.75 9.34 47.68
N SER H 211 17.67 8.83 46.85
CA SER H 211 17.29 8.01 45.71
C SER H 211 17.93 6.63 45.75
N LYS H 212 17.09 5.61 45.61
CA LYS H 212 17.51 4.21 45.58
C LYS H 212 18.80 4.04 44.78
N ILE H 213 18.81 4.57 43.56
CA ILE H 213 19.96 4.43 42.65
C ILE H 213 21.19 5.23 43.10
N GLY H 214 20.96 6.42 43.66
CA GLY H 214 22.03 7.24 44.19
C GLY H 214 22.72 6.61 45.39
N LEU H 215 21.92 6.11 46.33
CA LEU H 215 22.43 5.35 47.48
C LEU H 215 23.32 4.20 47.05
N ASN H 216 22.73 3.26 46.33
CA ASN H 216 23.45 2.09 45.84
C ASN H 216 24.69 2.47 45.03
N LEU H 217 24.65 3.62 44.37
CA LEU H 217 25.79 4.09 43.60
C LEU H 217 26.95 4.46 44.53
N ILE H 218 26.61 4.95 45.72
CA ILE H 218 27.63 5.28 46.73
C ILE H 218 28.12 3.98 47.38
N THR H 219 27.19 3.10 47.72
CA THR H 219 27.49 1.82 48.35
C THR H 219 28.48 1.00 47.51
N ILE H 220 28.29 0.96 46.20
CA ILE H 220 29.21 0.25 45.31
C ILE H 220 30.63 0.77 45.44
N LEU H 221 30.77 2.09 45.55
CA LEU H 221 32.07 2.75 45.70
C LEU H 221 32.69 2.55 47.09
N ILE H 222 31.90 2.81 48.13
CA ILE H 222 32.33 2.59 49.52
C ILE H 222 32.71 1.12 49.77
N SER H 223 31.86 0.19 49.31
CA SER H 223 32.08 -1.24 49.51
C SER H 223 33.29 -1.79 48.76
N ARG H 224 33.61 -1.21 47.60
CA ARG H 224 34.77 -1.65 46.84
C ARG H 224 36.05 -1.13 47.48
N ALA H 225 35.99 0.05 48.08
CA ALA H 225 37.14 0.62 48.80
C ALA H 225 37.41 -0.12 50.12
N ALA H 226 36.34 -0.53 50.80
CA ALA H 226 36.45 -1.22 52.09
C ALA H 226 36.89 -2.68 51.94
N LEU H 227 36.63 -3.28 50.78
CA LEU H 227 37.00 -4.66 50.51
C LEU H 227 38.45 -4.76 50.00
N ILE H 228 38.89 -3.72 49.30
CA ILE H 228 40.26 -3.67 48.79
C ILE H 228 41.24 -3.16 49.87
N LYS H 229 40.71 -2.51 50.90
CA LYS H 229 41.50 -2.06 52.03
C LYS H 229 41.83 -3.22 52.98
N GLN H 230 40.84 -4.09 53.21
CA GLN H 230 41.02 -5.28 54.06
C GLN H 230 41.86 -6.37 53.40
N ASP H 231 42.35 -6.08 52.19
CA ASP H 231 43.32 -6.94 51.51
C ASP H 231 44.72 -6.35 51.49
N SER H 232 44.96 -5.42 52.42
CA SER H 232 46.31 -4.92 52.71
C SER H 232 47.01 -5.91 53.65
N SER H 233 46.27 -6.91 54.11
CA SER H 233 46.78 -8.00 54.95
C SER H 233 47.53 -9.06 54.13
N ARG H 234 47.70 -8.79 52.84
CA ARG H 234 48.59 -9.56 51.98
C ARG H 234 49.77 -8.68 51.55
N SER H 235 49.98 -7.60 52.29
CA SER H 235 50.95 -6.52 51.99
C SER H 235 51.99 -6.78 50.88
N ASN H 236 51.85 -6.20 49.68
CA ASN H 236 50.76 -5.27 49.25
C ASN H 236 50.72 -3.87 49.87
N ILE H 237 49.97 -2.98 49.23
CA ILE H 237 49.70 -1.63 49.74
C ILE H 237 48.39 -1.66 50.56
N LEU H 238 48.32 -0.96 51.70
CA LEU H 238 49.34 -0.06 52.30
C LEU H 238 49.49 1.29 51.58
N SER H 239 50.69 1.89 51.66
CA SER H 239 50.99 3.24 51.17
C SER H 239 50.35 4.31 52.06
N SER H 240 51.19 5.12 52.69
CA SER H 240 50.76 6.17 53.61
C SER H 240 49.92 7.28 52.96
N PRO H 241 50.36 7.84 51.81
CA PRO H 241 49.64 8.96 51.20
C PRO H 241 48.20 8.65 50.76
N GLU H 242 47.95 7.44 50.26
CA GLU H 242 46.63 7.10 49.73
C GLU H 242 45.57 6.72 50.78
N ILE H 243 46.03 6.08 51.87
CA ILE H 243 45.17 5.82 53.02
C ILE H 243 44.88 7.12 53.76
N SER H 244 45.84 8.06 53.68
CA SER H 244 45.67 9.40 54.22
C SER H 244 44.61 10.18 53.45
N THR H 245 44.54 9.95 52.14
CA THR H 245 43.52 10.58 51.29
C THR H 245 42.18 9.87 51.36
N TRP H 246 42.18 8.59 51.71
CA TRP H 246 40.94 7.84 51.92
C TRP H 246 40.24 8.32 53.20
N ASN H 247 41.02 8.55 54.25
CA ASN H 247 40.51 9.16 55.48
C ASN H 247 40.08 10.61 55.25
N GLU H 248 40.72 11.27 54.29
CA GLU H 248 40.33 12.61 53.86
C GLU H 248 39.01 12.57 53.09
N ILE H 249 38.92 11.63 52.13
CA ILE H 249 37.72 11.46 51.31
C ILE H 249 36.52 11.06 52.16
N TYR H 250 36.71 10.05 53.02
CA TYR H 250 35.62 9.55 53.84
C TYR H 250 35.01 10.64 54.71
N ASP H 251 35.86 11.53 55.23
CA ASP H 251 35.42 12.59 56.12
C ASP H 251 34.59 13.65 55.41
N LYS H 252 34.99 14.02 54.19
CA LYS H 252 34.23 14.97 53.38
C LYS H 252 32.86 14.40 53.01
N LEU H 253 32.84 13.10 52.68
CA LEU H 253 31.61 12.36 52.42
C LEU H 253 30.71 12.38 53.64
N PHE H 254 31.30 12.14 54.81
CA PHE H 254 30.57 12.09 56.05
C PHE H 254 30.00 13.45 56.45
N THR H 255 30.83 14.49 56.38
CA THR H 255 30.42 15.87 56.69
C THR H 255 29.21 16.27 55.84
N SER H 256 29.21 15.82 54.59
CA SER H 256 28.13 16.08 53.65
C SER H 256 26.82 15.43 54.08
N LEU H 257 26.92 14.32 54.83
CA LEU H 257 25.75 13.57 55.29
C LEU H 257 25.32 13.95 56.70
N GLU H 258 26.26 14.44 57.50
CA GLU H 258 26.08 14.68 58.93
C GLU H 258 24.82 15.50 59.24
N SER H 259 24.10 15.07 60.27
CA SER H 259 22.81 15.65 60.70
C SER H 259 21.67 15.47 59.68
N LYS H 260 21.98 14.82 58.57
CA LYS H 260 21.01 14.58 57.49
C LYS H 260 20.96 13.11 57.08
N ILE H 261 21.50 12.23 57.93
CA ILE H 261 21.52 10.79 57.66
C ILE H 261 20.12 10.18 57.82
N GLN H 262 19.29 10.83 58.63
CA GLN H 262 17.89 10.43 58.83
C GLN H 262 17.10 10.45 57.52
N LEU H 263 17.44 11.39 56.64
CA LEU H 263 16.77 11.57 55.34
C LEU H 263 17.03 10.42 54.35
N ILE H 264 17.73 9.39 54.80
CA ILE H 264 18.00 8.20 54.00
C ILE H 264 16.76 7.31 53.91
N PHE H 265 15.92 7.40 54.94
CA PHE H 265 14.65 6.69 54.99
C PHE H 265 13.54 7.57 54.37
N PRO H 266 12.74 6.99 53.46
CA PRO H 266 11.73 7.77 52.75
C PRO H 266 10.25 7.67 53.24
N PRO H 267 9.96 6.79 54.21
CA PRO H 267 8.68 6.05 54.29
C PRO H 267 7.39 6.85 54.40
N ARG H 268 6.29 6.14 54.68
CA ARG H 268 4.89 6.65 54.72
C ARG H 268 4.78 8.18 54.82
N GLU H 269 4.07 8.82 53.89
CA GLU H 269 3.21 8.19 52.88
C GLU H 269 3.92 7.40 51.78
N TYR H 270 4.99 7.97 51.23
CA TYR H 270 5.72 7.41 50.06
C TYR H 270 5.78 5.88 49.96
N ASN H 271 5.92 5.21 51.10
CA ASN H 271 5.96 3.74 51.14
C ASN H 271 4.65 3.05 50.77
N VAL H 272 3.52 3.58 51.26
CA VAL H 272 2.21 2.99 50.98
C VAL H 272 1.75 3.22 49.55
N HIS H 273 2.19 4.33 48.95
CA HIS H 273 1.89 4.64 47.55
C HIS H 273 2.50 3.59 46.62
N ILE H 274 3.64 3.04 47.01
CA ILE H 274 4.31 1.99 46.25
C ILE H 274 3.74 0.61 46.59
N MET H 275 3.33 0.44 47.85
CA MET H 275 2.86 -0.86 48.35
C MET H 275 1.56 -1.37 47.71
N ARG H 276 0.84 -0.49 47.04
CA ARG H 276 -0.33 -0.88 46.25
C ARG H 276 -0.01 -0.85 44.75
N LEU H 277 1.03 -0.10 44.38
CA LEU H 277 1.43 0.07 42.99
C LEU H 277 1.97 -1.22 42.37
N GLN H 278 2.62 -2.04 43.20
CA GLN H 278 3.03 -3.39 42.81
C GLN H 278 2.23 -4.44 43.61
N ASN H 279 1.35 -3.95 44.48
CA ASN H 279 0.46 -4.77 45.32
C ASN H 279 1.16 -5.88 46.11
N ASP H 280 1.90 -5.47 47.14
CA ASP H 280 2.57 -6.39 48.06
C ASP H 280 2.76 -5.76 49.45
N LYS H 281 2.92 -6.61 50.47
CA LYS H 281 2.97 -6.14 51.86
C LYS H 281 4.35 -5.64 52.31
N PHE H 282 5.42 -6.30 51.85
CA PHE H 282 6.78 -5.90 52.20
C PHE H 282 7.26 -4.68 51.42
N MET H 283 8.26 -3.99 51.97
CA MET H 283 8.89 -2.86 51.28
C MET H 283 10.32 -3.14 50.83
N ASP H 284 11.03 -3.98 51.59
CA ASP H 284 12.43 -4.31 51.35
C ASP H 284 13.33 -3.07 51.36
N GLU H 285 13.70 -2.64 52.57
CA GLU H 285 14.63 -1.52 52.76
C GLU H 285 16.06 -2.05 52.96
N ALA H 286 16.34 -3.19 52.35
CA ALA H 286 17.63 -3.87 52.48
C ALA H 286 18.79 -3.02 51.96
N TYR H 287 18.53 -2.23 50.94
CA TYR H 287 19.54 -1.36 50.34
C TYR H 287 19.92 -0.20 51.27
N ILE H 288 18.97 0.22 52.10
CA ILE H 288 19.20 1.31 53.06
C ILE H 288 20.16 0.86 54.16
N TRP H 289 19.86 -0.29 54.77
CA TRP H 289 20.71 -0.84 55.82
C TRP H 289 22.08 -1.25 55.29
N GLN H 290 22.10 -1.85 54.10
CA GLN H 290 23.35 -2.26 53.45
C GLN H 290 24.28 -1.07 53.24
N PHE H 291 23.69 0.11 53.04
CA PHE H 291 24.45 1.34 52.93
C PHE H 291 25.00 1.75 54.29
N LEU H 292 24.09 1.93 55.25
CA LEU H 292 24.46 2.30 56.62
C LEU H 292 25.55 1.38 57.18
N ALA H 293 25.39 0.07 56.93
CA ALA H 293 26.41 -0.91 57.28
C ALA H 293 27.74 -0.62 56.60
N SER H 294 27.71 -0.32 55.31
CA SER H 294 28.92 -0.06 54.54
C SER H 294 29.54 1.28 54.90
N LEU H 295 28.69 2.25 55.22
CA LEU H 295 29.12 3.56 55.69
C LEU H 295 29.77 3.43 57.05
N ALA H 296 29.26 2.52 57.87
CA ALA H 296 29.76 2.31 59.23
C ALA H 296 31.09 1.57 59.27
N LEU H 297 31.15 0.43 58.57
CA LEU H 297 32.37 -0.40 58.52
C LEU H 297 33.62 0.42 58.23
N SER H 298 33.72 0.96 57.02
CA SER H 298 34.84 1.82 56.64
C SER H 298 34.69 3.17 57.34
N GLY H 299 35.78 3.68 57.90
CA GLY H 299 35.72 4.90 58.72
C GLY H 299 35.17 4.62 60.11
N LYS H 300 35.98 4.93 61.14
CA LYS H 300 35.72 4.47 62.51
C LYS H 300 36.32 5.47 63.51
N LEU H 301 35.74 5.65 64.72
CA LEU H 301 34.50 5.01 65.20
C LEU H 301 33.54 6.08 65.75
N ASN H 302 34.10 7.23 66.10
CA ASN H 302 33.29 8.39 66.47
C ASN H 302 32.21 8.62 65.41
N HIS H 303 32.57 8.31 64.17
CA HIS H 303 31.62 8.27 63.06
C HIS H 303 30.48 7.32 63.40
N GLN H 304 30.82 6.05 63.62
CA GLN H 304 29.84 5.00 63.92
C GLN H 304 28.89 5.39 65.05
N ARG H 305 29.39 6.21 65.97
CA ARG H 305 28.62 6.67 67.12
C ARG H 305 27.42 7.52 66.71
N ILE H 306 27.67 8.59 65.95
CA ILE H 306 26.58 9.47 65.50
C ILE H 306 25.72 8.87 64.40
N ILE H 307 26.24 7.88 63.68
CA ILE H 307 25.45 7.11 62.71
C ILE H 307 24.32 6.38 63.43
N ILE H 308 24.69 5.47 64.33
CA ILE H 308 23.75 4.67 65.11
C ILE H 308 22.86 5.55 66.00
N ASP H 309 23.28 6.81 66.18
CA ASP H 309 22.53 7.80 66.93
C ASP H 309 21.44 8.46 66.08
N GLU H 310 21.79 8.82 64.84
CA GLU H 310 20.86 9.47 63.92
C GLU H 310 19.76 8.53 63.43
N VAL H 311 20.09 7.24 63.33
CA VAL H 311 19.14 6.24 62.84
C VAL H 311 18.49 5.45 63.97
N ARG H 312 18.83 5.82 65.22
CA ARG H 312 18.33 5.12 66.41
C ARG H 312 16.84 4.85 66.36
N ASP H 313 16.06 5.89 66.03
CA ASP H 313 14.60 5.79 65.96
C ASP H 313 14.11 4.84 64.87
N GLU H 314 14.84 4.80 63.76
CA GLU H 314 14.48 3.90 62.66
C GLU H 314 14.98 2.48 62.87
N ILE H 315 15.94 2.31 63.78
CA ILE H 315 16.30 0.98 64.26
C ILE H 315 15.15 0.52 65.16
N PHE H 316 14.70 1.42 66.03
CA PHE H 316 13.56 1.15 66.91
C PHE H 316 12.25 0.99 66.14
N ALA H 317 12.16 1.60 64.97
CA ALA H 317 10.99 1.48 64.09
C ALA H 317 10.95 0.11 63.40
N THR H 318 12.09 -0.31 62.85
CA THR H 318 12.21 -1.62 62.21
C THR H 318 11.99 -2.74 63.22
N ILE H 319 12.51 -2.54 64.44
CA ILE H 319 12.26 -3.46 65.55
C ILE H 319 10.77 -3.48 65.87
N ASN H 320 10.20 -2.29 66.09
CA ASN H 320 8.79 -2.14 66.48
C ASN H 320 7.79 -2.73 65.50
N GLU H 321 7.97 -2.42 64.22
CA GLU H 321 7.07 -2.89 63.16
C GLU H 321 7.26 -4.39 62.89
N ALA H 322 8.46 -4.89 63.15
CA ALA H 322 8.74 -6.31 63.03
C ALA H 322 8.37 -7.07 64.30
N GLU H 323 8.21 -6.34 65.41
CA GLU H 323 7.84 -6.93 66.70
C GLU H 323 6.32 -7.04 66.86
N THR H 324 5.59 -6.09 66.27
CA THR H 324 4.13 -6.17 66.19
C THR H 324 3.73 -7.21 65.13
N LEU H 325 4.66 -7.48 64.22
CA LEU H 325 4.52 -8.55 63.24
C LEU H 325 5.01 -9.87 63.86
N GLN H 326 5.87 -9.77 64.87
CA GLN H 326 6.43 -10.94 65.56
C GLN H 326 5.49 -11.49 66.64
N LYS H 327 4.72 -10.59 67.26
CA LYS H 327 3.72 -10.97 68.27
C LYS H 327 2.40 -11.40 67.61
N LYS H 328 2.36 -11.34 66.28
CA LYS H 328 1.18 -11.73 65.51
C LYS H 328 1.40 -13.06 64.77
N GLU H 329 2.64 -13.33 64.38
CA GLU H 329 2.98 -14.56 63.66
C GLU H 329 2.95 -15.81 64.54
N LYS H 330 3.25 -15.64 65.82
CA LYS H 330 3.25 -16.75 66.78
C LYS H 330 1.88 -16.92 67.44
N GLU H 331 1.03 -15.90 67.30
CA GLU H 331 -0.34 -15.92 67.83
C GLU H 331 -1.29 -16.66 66.88
N LEU H 332 -1.15 -16.39 65.58
CA LEU H 332 -1.98 -17.03 64.56
C LEU H 332 -1.65 -18.51 64.36
N SER H 333 -2.38 -19.15 63.45
CA SER H 333 -2.27 -20.60 63.18
C SER H 333 -2.79 -21.46 64.34
N VAL H 334 -3.72 -20.90 65.11
CA VAL H 334 -4.34 -21.61 66.24
C VAL H 334 -5.76 -22.06 65.91
N LEU H 342 -6.07 -21.01 50.38
CA LEU H 342 -6.09 -19.66 50.94
C LEU H 342 -5.24 -19.55 52.21
N ASP H 343 -4.77 -20.68 52.72
CA ASP H 343 -3.94 -20.73 53.94
C ASP H 343 -2.46 -20.43 53.63
N THR H 344 -2.24 -19.50 52.70
CA THR H 344 -0.90 -19.21 52.16
C THR H 344 -0.22 -18.03 52.88
N GLU H 345 -0.99 -17.32 53.70
CA GLU H 345 -0.50 -16.09 54.36
C GLU H 345 0.49 -16.37 55.50
N LEU H 346 0.53 -17.60 55.98
CA LEU H 346 1.41 -17.98 57.09
C LEU H 346 2.90 -18.07 56.72
N LYS H 347 3.19 -18.65 55.55
CA LYS H 347 4.58 -18.80 55.09
C LYS H 347 5.14 -17.55 54.42
N SER H 348 4.27 -16.58 54.15
CA SER H 348 4.69 -15.30 53.57
C SER H 348 4.98 -14.26 54.64
N ILE H 349 4.28 -14.37 55.77
CA ILE H 349 4.48 -13.46 56.90
C ILE H 349 5.78 -13.78 57.67
N ILE H 350 6.12 -15.06 57.74
CA ILE H 350 7.35 -15.51 58.39
C ILE H 350 8.60 -15.16 57.57
N TYR H 351 8.44 -15.08 56.26
CA TYR H 351 9.52 -14.72 55.34
C TYR H 351 9.89 -13.24 55.47
N ASN H 352 8.89 -12.39 55.66
CA ASN H 352 9.11 -10.96 55.86
C ASN H 352 9.72 -10.65 57.23
N LYS H 353 9.36 -11.45 58.23
CA LYS H 353 9.92 -11.32 59.57
C LYS H 353 11.41 -11.69 59.56
N GLU H 354 11.74 -12.75 58.83
CA GLU H 354 13.12 -13.24 58.75
C GLU H 354 13.98 -12.40 57.81
N LYS H 355 13.33 -11.64 56.93
CA LYS H 355 14.04 -10.71 56.04
C LYS H 355 14.49 -9.48 56.81
N LEU H 356 13.58 -8.90 57.58
CA LEU H 356 13.89 -7.74 58.44
C LEU H 356 14.86 -8.12 59.56
N TYR H 357 14.81 -9.39 59.95
CA TYR H 357 15.74 -9.97 60.91
C TYR H 357 17.17 -9.83 60.40
N GLN H 358 17.39 -10.27 59.17
CA GLN H 358 18.72 -10.29 58.55
C GLN H 358 19.22 -8.90 58.17
N ASP H 359 18.34 -8.09 57.60
CA ASP H 359 18.70 -6.75 57.10
C ASP H 359 19.18 -5.83 58.23
N LEU H 360 18.53 -5.93 59.39
CA LEU H 360 18.92 -5.17 60.58
C LEU H 360 20.23 -5.72 61.12
N ASN H 361 20.37 -7.05 61.11
CA ASN H 361 21.58 -7.71 61.57
C ASN H 361 22.83 -7.35 60.77
N LEU H 362 22.65 -7.07 59.48
CA LEU H 362 23.76 -6.70 58.61
C LEU H 362 24.37 -5.36 59.04
N PHE H 363 23.52 -4.43 59.49
CA PHE H 363 23.97 -3.15 60.01
C PHE H 363 24.46 -3.27 61.45
N LEU H 364 23.79 -4.12 62.23
CA LEU H 364 24.12 -4.32 63.64
C LEU H 364 25.45 -5.07 63.81
N ASN H 365 25.59 -6.20 63.13
CA ASN H 365 26.79 -7.04 63.24
C ASN H 365 28.09 -6.37 62.81
N VAL H 366 27.99 -5.20 62.18
CA VAL H 366 29.17 -4.44 61.80
C VAL H 366 29.70 -3.65 62.99
N MET H 367 28.83 -3.38 63.96
CA MET H 367 29.18 -2.57 65.12
C MET H 367 28.76 -3.15 66.48
N GLY H 368 28.92 -4.46 66.63
CA GLY H 368 28.76 -5.12 67.93
C GLY H 368 27.37 -5.67 68.22
N LEU H 369 26.39 -4.78 68.34
CA LEU H 369 25.02 -5.14 68.70
C LEU H 369 24.39 -6.16 67.74
N VAL H 370 23.58 -7.08 68.27
CA VAL H 370 22.90 -8.11 67.47
C VAL H 370 21.51 -8.42 68.04
N TYR H 371 20.48 -8.41 67.19
CA TYR H 371 19.17 -8.92 67.55
C TYR H 371 19.29 -10.46 67.59
N ARG H 372 18.52 -11.18 68.43
CA ARG H 372 17.27 -10.74 69.07
C ARG H 372 17.39 -10.33 70.54
N ASP H 373 16.35 -9.64 71.01
CA ASP H 373 16.07 -9.38 72.43
C ASP H 373 17.01 -8.40 73.13
N GLY H 374 18.18 -8.88 73.56
CA GLY H 374 19.07 -8.11 74.41
C GLY H 374 20.19 -7.35 73.73
N GLU H 375 20.48 -7.69 72.48
CA GLU H 375 21.59 -7.09 71.72
C GLU H 375 22.93 -7.34 72.41
N ILE H 376 23.42 -8.58 72.31
CA ILE H 376 24.66 -8.99 72.98
C ILE H 376 25.88 -8.47 72.20
N SER H 377 26.64 -9.37 71.58
CA SER H 377 27.80 -9.00 70.75
C SER H 377 28.35 -10.21 70.00
N GLU H 378 29.13 -11.03 70.71
CA GLU H 378 29.84 -12.19 70.15
C GLU H 378 30.66 -11.85 68.91
N ASN I 54 -3.19 -42.88 1.53
CA ASN I 54 -4.18 -43.61 2.36
C ASN I 54 -3.61 -44.10 3.71
N LYS I 55 -2.56 -44.93 3.64
CA LYS I 55 -2.05 -45.59 4.85
C LYS I 55 -0.68 -45.14 5.42
N SER I 56 0.48 -45.29 4.74
CA SER I 56 0.72 -45.74 3.34
C SER I 56 0.30 -44.77 2.22
N GLY I 57 0.74 -43.52 2.28
CA GLY I 57 1.56 -42.97 3.38
C GLY I 57 1.14 -41.57 3.80
N GLY I 58 -0.18 -41.35 3.84
CA GLY I 58 -0.75 -40.03 4.08
C GLY I 58 -1.11 -39.36 2.78
N LYS I 59 -2.29 -38.72 2.74
CA LYS I 59 -2.79 -38.08 1.51
C LYS I 59 -1.83 -37.02 0.98
N LYS I 60 -1.31 -36.16 1.86
CA LYS I 60 -0.37 -35.11 1.49
C LYS I 60 0.88 -35.70 0.85
N PHE I 61 1.41 -36.75 1.47
CA PHE I 61 2.60 -37.45 0.97
C PHE I 61 2.41 -37.98 -0.44
N ILE I 62 1.26 -38.64 -0.67
CA ILE I 62 0.95 -39.22 -1.96
C ILE I 62 0.79 -38.13 -3.01
N LEU I 63 0.02 -37.08 -2.67
CA LEU I 63 -0.21 -35.95 -3.55
C LEU I 63 1.09 -35.22 -3.90
N GLU I 64 2.03 -35.21 -2.97
CA GLU I 64 3.37 -34.67 -3.23
C GLU I 64 4.08 -35.54 -4.26
N LEU I 65 4.01 -36.85 -4.07
CA LEU I 65 4.66 -37.80 -4.98
C LEU I 65 4.12 -37.70 -6.41
N ILE I 66 2.80 -37.57 -6.55
CA ILE I 66 2.18 -37.42 -7.86
C ILE I 66 2.71 -36.15 -8.54
N GLU I 67 2.76 -35.08 -7.77
CA GLU I 67 3.18 -33.78 -8.28
C GLU I 67 4.67 -33.77 -8.60
N THR I 68 5.46 -34.47 -7.80
CA THR I 68 6.88 -34.67 -8.07
C THR I 68 7.06 -35.40 -9.40
N VAL I 69 6.20 -36.41 -9.61
CA VAL I 69 6.23 -37.21 -10.84
C VAL I 69 5.86 -36.36 -12.07
N TYR I 70 4.80 -35.55 -11.95
CA TYR I 70 4.38 -34.64 -13.01
C TYR I 70 5.50 -33.70 -13.42
N GLU I 71 6.11 -33.06 -12.42
CA GLU I 71 7.24 -32.15 -12.66
C GLU I 71 8.30 -32.85 -13.48
N GLU I 72 8.66 -34.06 -13.04
CA GLU I 72 9.75 -34.81 -13.67
C GLU I 72 9.47 -35.16 -15.13
N ILE I 73 8.19 -35.36 -15.47
CA ILE I 73 7.78 -35.64 -16.85
C ILE I 73 7.78 -34.35 -17.68
N LEU I 74 7.20 -33.29 -17.14
CA LEU I 74 7.23 -31.96 -17.78
C LEU I 74 8.66 -31.49 -18.00
N ASP I 75 9.55 -31.96 -17.14
CA ASP I 75 10.98 -31.73 -17.26
C ASP I 75 11.57 -32.56 -18.40
N LEU I 76 11.21 -33.84 -18.45
CA LEU I 76 11.70 -34.78 -19.45
C LEU I 76 11.10 -34.56 -20.85
N GLU I 77 9.87 -34.03 -20.91
CA GLU I 77 9.20 -33.78 -22.18
C GLU I 77 9.78 -32.57 -22.93
N ALA I 78 10.20 -31.56 -22.16
CA ALA I 78 10.82 -30.35 -22.72
C ALA I 78 12.19 -30.66 -23.33
N ASN I 79 12.89 -31.62 -22.75
CA ASN I 79 14.18 -32.07 -23.26
C ASN I 79 14.06 -32.86 -24.56
N LEU I 80 12.95 -33.56 -24.71
CA LEU I 80 12.66 -34.33 -25.93
C LEU I 80 12.39 -33.40 -27.11
N ARG I 81 11.64 -32.33 -26.87
CA ARG I 81 11.27 -31.34 -27.89
C ARG I 81 12.47 -30.74 -28.62
N ASN I 82 13.50 -30.38 -27.85
CA ASN I 82 14.72 -29.79 -28.42
C ASN I 82 15.86 -30.80 -28.57
N GLY I 83 15.53 -32.09 -28.52
CA GLY I 83 16.48 -33.17 -28.74
C GLY I 83 17.67 -33.19 -27.81
N GLN I 84 17.39 -33.07 -26.51
CA GLN I 84 18.42 -33.05 -25.48
C GLN I 84 18.55 -34.41 -24.79
N GLN I 85 19.41 -34.47 -23.77
CA GLN I 85 19.64 -35.68 -22.99
C GLN I 85 18.54 -35.88 -21.96
N THR I 86 17.97 -37.08 -21.92
CA THR I 86 16.86 -37.40 -21.01
C THR I 86 17.22 -38.50 -20.02
N ASP I 87 16.85 -38.30 -18.75
CA ASP I 87 17.20 -39.25 -17.69
C ASP I 87 15.98 -39.84 -16.98
N SER I 88 15.90 -41.16 -17.00
CA SER I 88 14.80 -41.90 -16.38
C SER I 88 14.96 -42.00 -14.87
N THR I 89 16.19 -42.26 -14.43
CA THR I 89 16.51 -42.51 -13.01
C THR I 89 15.81 -41.56 -12.06
N ALA I 90 15.81 -40.28 -12.42
CA ALA I 90 15.18 -39.23 -11.60
C ALA I 90 13.69 -39.50 -11.29
N MET I 91 12.93 -39.88 -12.31
CA MET I 91 11.47 -40.04 -12.18
C MET I 91 11.03 -41.43 -11.75
N TRP I 92 11.89 -42.43 -11.93
CA TRP I 92 11.55 -43.81 -11.55
C TRP I 92 11.70 -44.05 -10.05
N GLU I 93 12.73 -43.45 -9.46
CA GLU I 93 12.91 -43.48 -8.01
C GLU I 93 11.81 -42.68 -7.33
N ALA I 94 11.23 -41.74 -8.09
CA ALA I 94 10.14 -40.89 -7.62
C ALA I 94 8.81 -41.64 -7.53
N LEU I 95 8.71 -42.76 -8.23
CA LEU I 95 7.49 -43.59 -8.22
C LEU I 95 7.39 -44.47 -6.99
N HIS I 96 8.53 -44.64 -6.30
CA HIS I 96 8.62 -45.42 -5.06
C HIS I 96 8.13 -46.87 -5.22
N ILE I 97 8.37 -47.43 -6.40
CA ILE I 97 7.88 -48.76 -6.72
C ILE I 97 8.78 -49.86 -6.13
N ASP I 98 10.05 -49.54 -5.93
CA ASP I 98 10.97 -50.39 -5.17
C ASP I 98 11.11 -49.82 -3.76
N ASP I 99 10.18 -50.20 -2.88
CA ASP I 99 10.10 -49.64 -1.54
C ASP I 99 9.56 -50.66 -0.55
N SER I 100 8.22 -50.81 -0.53
CA SER I 100 7.50 -51.73 0.37
C SER I 100 7.72 -51.51 1.88
N SER I 101 8.08 -50.29 2.25
CA SER I 101 8.14 -49.89 3.67
C SER I 101 6.75 -49.54 4.17
N TYR I 102 5.84 -49.29 3.23
CA TYR I 102 4.45 -49.02 3.52
C TYR I 102 3.60 -50.26 3.22
N ASP I 103 2.53 -50.44 3.97
CA ASP I 103 1.61 -51.58 3.80
C ASP I 103 0.98 -51.60 2.42
N VAL I 104 0.59 -50.42 1.93
CA VAL I 104 0.18 -50.24 0.55
C VAL I 104 1.26 -49.41 -0.16
N ASN I 105 1.80 -49.97 -1.23
CA ASN I 105 2.84 -49.30 -2.00
C ASN I 105 2.33 -47.97 -2.57
N PRO I 106 3.09 -46.88 -2.35
CA PRO I 106 2.83 -45.52 -2.83
C PRO I 106 2.31 -45.44 -4.26
N PHE I 107 2.80 -46.30 -5.15
CA PHE I 107 2.37 -46.30 -6.54
C PHE I 107 0.92 -46.77 -6.69
N ILE I 108 0.53 -47.74 -5.86
CA ILE I 108 -0.83 -48.28 -5.90
C ILE I 108 -1.83 -47.22 -5.45
N SER I 109 -1.49 -46.54 -4.35
CA SER I 109 -2.32 -45.46 -3.83
C SER I 109 -2.31 -44.23 -4.74
N MET I 110 -1.27 -44.12 -5.57
CA MET I 110 -1.19 -43.07 -6.58
C MET I 110 -2.26 -43.21 -7.66
N LEU I 111 -2.70 -44.43 -7.90
CA LEU I 111 -3.70 -44.71 -8.93
C LEU I 111 -5.11 -44.46 -8.42
N SER I 112 -5.22 -44.12 -7.13
CA SER I 112 -6.49 -43.75 -6.52
C SER I 112 -6.92 -42.37 -6.97
N PHE I 113 -5.94 -41.56 -7.40
CA PHE I 113 -6.21 -40.20 -7.83
C PHE I 113 -6.28 -40.08 -9.34
N ASP I 114 -7.29 -39.36 -9.82
CA ASP I 114 -7.54 -39.15 -11.25
C ASP I 114 -6.32 -38.62 -12.00
N LYS I 115 -5.54 -37.75 -11.36
CA LYS I 115 -4.30 -37.24 -11.98
C LYS I 115 -3.20 -38.29 -12.09
N GLY I 116 -3.17 -39.23 -11.14
CA GLY I 116 -2.18 -40.32 -11.16
C GLY I 116 -2.46 -41.34 -12.26
N ILE I 117 -3.73 -41.44 -12.66
CA ILE I 117 -4.15 -42.27 -13.77
C ILE I 117 -3.80 -41.59 -15.10
N LYS I 118 -4.21 -40.32 -15.22
CA LYS I 118 -4.04 -39.56 -16.46
C LYS I 118 -2.57 -39.32 -16.86
N ILE I 119 -1.66 -39.57 -15.92
CA ILE I 119 -0.22 -39.39 -16.15
C ILE I 119 0.45 -40.67 -16.69
N MET I 120 -0.20 -41.81 -16.48
CA MET I 120 0.34 -43.14 -16.81
C MET I 120 0.83 -43.33 -18.25
N PRO I 121 0.09 -42.83 -19.25
CA PRO I 121 0.61 -42.93 -20.62
C PRO I 121 1.96 -42.23 -20.83
N ARG I 122 2.12 -41.04 -20.24
CA ARG I 122 3.36 -40.27 -20.39
C ARG I 122 4.53 -40.91 -19.66
N ILE I 123 4.23 -41.61 -18.56
CA ILE I 123 5.25 -42.31 -17.78
C ILE I 123 5.87 -43.43 -18.63
N PHE I 124 5.00 -44.17 -19.33
CA PHE I 124 5.43 -45.26 -20.19
C PHE I 124 6.16 -44.80 -21.45
N ASN I 125 6.13 -43.50 -21.74
CA ASN I 125 6.88 -42.95 -22.88
C ASN I 125 8.37 -42.81 -22.59
N PHE I 126 8.72 -42.68 -21.32
CA PHE I 126 10.10 -42.53 -20.89
C PHE I 126 10.59 -43.69 -20.03
N LEU I 127 9.74 -44.73 -19.92
CA LEU I 127 10.11 -45.98 -19.28
C LEU I 127 10.43 -47.00 -20.36
N ASP I 128 11.21 -48.01 -19.97
CA ASP I 128 11.69 -49.06 -20.88
C ASP I 128 12.69 -49.95 -20.15
N LYS I 129 12.55 -51.28 -20.24
CA LYS I 129 11.40 -51.98 -20.81
C LYS I 129 11.01 -52.96 -19.72
N GLN I 130 12.03 -53.56 -19.11
CA GLN I 130 11.91 -54.36 -17.89
C GLN I 130 11.39 -53.49 -16.76
N GLN I 131 11.50 -52.17 -16.93
CA GLN I 131 10.93 -51.18 -16.02
C GLN I 131 9.41 -51.16 -16.09
N LYS I 132 8.88 -51.26 -17.31
CA LYS I 132 7.45 -51.30 -17.54
C LYS I 132 6.84 -52.55 -16.90
N LEU I 133 7.57 -53.66 -17.01
CA LEU I 133 7.15 -54.94 -16.45
C LEU I 133 7.09 -54.88 -14.93
N LYS I 134 8.01 -54.14 -14.32
CA LYS I 134 8.03 -53.93 -12.86
C LYS I 134 6.76 -53.24 -12.37
N ILE I 135 6.34 -52.22 -13.11
CA ILE I 135 5.07 -51.52 -12.87
C ILE I 135 3.92 -52.52 -12.97
N LEU I 136 3.92 -53.31 -14.03
CA LEU I 136 2.89 -54.31 -14.30
C LEU I 136 2.82 -55.35 -13.17
N GLN I 137 3.99 -55.85 -12.78
CA GLN I 137 4.10 -56.80 -11.68
C GLN I 137 3.47 -56.27 -10.39
N LYS I 138 3.83 -55.03 -10.04
CA LYS I 138 3.38 -54.42 -8.78
C LYS I 138 1.87 -54.21 -8.77
N ILE I 139 1.31 -53.82 -9.92
CA ILE I 139 -0.14 -53.68 -10.04
C ILE I 139 -0.86 -55.01 -9.76
N PHE I 140 -0.26 -56.11 -10.20
CA PHE I 140 -0.89 -57.44 -10.11
C PHE I 140 -0.85 -58.11 -8.75
N ASN I 141 0.22 -57.90 -7.98
CA ASN I 141 0.31 -58.52 -6.65
C ASN I 141 -0.31 -57.67 -5.54
N GLU I 142 -0.41 -56.37 -5.79
CA GLU I 142 -1.10 -55.45 -4.89
C GLU I 142 -2.50 -55.13 -5.42
N LEU I 143 -3.07 -56.06 -6.20
CA LEU I 143 -4.30 -55.80 -6.93
C LEU I 143 -5.53 -55.69 -6.03
N SER I 144 -5.54 -56.44 -4.95
CA SER I 144 -6.61 -56.33 -3.96
C SER I 144 -6.53 -55.01 -3.19
N HIS I 145 -5.36 -54.39 -3.20
CA HIS I 145 -5.15 -53.09 -2.56
C HIS I 145 -5.39 -51.92 -3.52
N LEU I 146 -5.73 -52.24 -4.77
CA LEU I 146 -6.07 -51.23 -5.74
C LEU I 146 -7.44 -50.66 -5.40
N GLN I 147 -7.52 -49.33 -5.31
CA GLN I 147 -8.73 -48.65 -4.90
C GLN I 147 -9.82 -48.68 -5.97
N ILE I 148 -9.42 -48.98 -7.20
CA ILE I 148 -10.37 -49.07 -8.31
C ILE I 148 -11.11 -50.42 -8.29
N ILE I 149 -10.46 -51.45 -7.75
CA ILE I 149 -10.99 -52.80 -7.73
C ILE I 149 -12.17 -52.88 -6.78
N ILE I 150 -11.99 -52.38 -5.57
CA ILE I 150 -13.04 -52.29 -4.56
C ILE I 150 -14.23 -51.53 -5.13
N LEU I 151 -13.95 -50.39 -5.78
CA LEU I 151 -14.98 -49.55 -6.37
C LEU I 151 -15.77 -50.19 -7.51
N SER I 152 -15.17 -51.12 -8.25
CA SER I 152 -15.87 -51.75 -9.36
C SER I 152 -16.49 -53.09 -8.98
N SER I 153 -16.09 -53.62 -7.83
CA SER I 153 -16.67 -54.84 -7.29
C SER I 153 -18.08 -54.59 -6.77
N TYR I 154 -19.00 -55.47 -7.14
CA TYR I 154 -20.40 -55.32 -6.74
C TYR I 154 -20.64 -55.79 -5.30
N LYS I 155 -19.66 -56.49 -4.73
CA LYS I 155 -19.79 -57.04 -3.38
C LYS I 155 -19.35 -56.03 -2.32
N THR I 156 -18.28 -55.29 -2.60
CA THR I 156 -17.79 -54.28 -1.66
C THR I 156 -18.46 -52.92 -1.87
N THR I 157 -18.82 -52.63 -3.12
CA THR I 157 -19.47 -51.36 -3.49
C THR I 157 -20.84 -51.66 -4.14
N PRO I 158 -21.83 -52.05 -3.33
CA PRO I 158 -23.10 -52.50 -3.90
C PRO I 158 -24.02 -51.38 -4.35
N LYS I 159 -23.61 -50.12 -4.13
CA LYS I 159 -24.43 -48.98 -4.47
C LYS I 159 -23.52 -47.80 -4.85
N PRO I 160 -22.84 -47.92 -6.01
CA PRO I 160 -21.80 -46.96 -6.39
C PRO I 160 -22.35 -45.65 -6.95
N THR I 161 -21.67 -44.55 -6.63
CA THR I 161 -22.06 -43.22 -7.10
C THR I 161 -21.59 -42.97 -8.54
N LEU I 162 -22.22 -42.01 -9.20
CA LEU I 162 -21.91 -41.68 -10.61
C LEU I 162 -20.46 -41.22 -10.78
N THR I 163 -19.91 -40.60 -9.73
CA THR I 163 -18.51 -40.18 -9.69
C THR I 163 -17.59 -41.42 -9.63
N GLN I 164 -18.03 -42.43 -8.87
CA GLN I 164 -17.26 -43.66 -8.74
C GLN I 164 -17.26 -44.49 -10.02
N LEU I 165 -18.41 -44.54 -10.70
CA LEU I 165 -18.53 -45.22 -11.99
C LEU I 165 -17.66 -44.53 -13.04
N LYS I 166 -17.56 -43.21 -12.94
CA LYS I 166 -16.71 -42.41 -13.83
C LYS I 166 -15.23 -42.75 -13.66
N LYS I 167 -14.80 -42.96 -12.42
CA LYS I 167 -13.42 -43.31 -12.12
C LYS I 167 -13.06 -44.66 -12.71
N VAL I 168 -13.90 -45.65 -12.44
CA VAL I 168 -13.80 -46.99 -13.01
C VAL I 168 -13.64 -46.92 -14.54
N ASP I 169 -14.58 -46.23 -15.19
CA ASP I 169 -14.57 -46.00 -16.63
C ASP I 169 -13.28 -45.39 -17.15
N LEU I 170 -12.75 -44.44 -16.37
CA LEU I 170 -11.56 -43.67 -16.72
C LEU I 170 -10.31 -44.55 -16.60
N PHE I 171 -10.27 -45.34 -15.53
CA PHE I 171 -9.19 -46.28 -15.27
C PHE I 171 -9.11 -47.31 -16.40
N GLN I 172 -10.27 -47.86 -16.73
CA GLN I 172 -10.44 -48.81 -17.82
C GLN I 172 -9.94 -48.27 -19.17
N MET I 173 -10.20 -47.00 -19.44
CA MET I 173 -9.91 -46.39 -20.74
C MET I 173 -8.45 -45.93 -20.89
N ILE I 174 -7.67 -46.07 -19.82
CA ILE I 174 -6.27 -45.63 -19.80
C ILE I 174 -5.30 -46.71 -19.28
N ILE I 175 -5.61 -47.31 -18.13
CA ILE I 175 -4.73 -48.35 -17.57
C ILE I 175 -4.81 -49.65 -18.38
N LEU I 176 -6.03 -50.07 -18.72
CA LEU I 176 -6.20 -51.27 -19.54
C LEU I 176 -5.70 -51.01 -20.95
N LYS I 177 -6.11 -49.89 -21.54
CA LYS I 177 -5.63 -49.47 -22.87
C LYS I 177 -4.12 -49.59 -23.03
N ILE I 178 -3.36 -49.13 -22.04
CA ILE I 178 -1.90 -49.17 -22.14
C ILE I 178 -1.30 -50.56 -21.89
N ILE I 179 -1.87 -51.32 -20.95
CA ILE I 179 -1.35 -52.66 -20.66
C ILE I 179 -1.87 -53.73 -21.62
N VAL I 180 -2.88 -53.36 -22.42
CA VAL I 180 -3.23 -54.11 -23.63
C VAL I 180 -2.16 -53.80 -24.66
N SER I 181 -1.92 -52.54 -24.91
CA SER I 181 -0.90 -52.17 -25.83
C SER I 181 0.39 -52.84 -25.42
N PHE I 182 0.75 -52.69 -24.16
CA PHE I 182 2.05 -53.15 -23.69
C PHE I 182 2.29 -54.62 -24.02
N LEU I 183 1.43 -55.49 -23.50
CA LEU I 183 1.53 -56.94 -23.70
C LEU I 183 1.37 -57.30 -25.18
N SER I 184 0.47 -56.59 -25.86
CA SER I 184 0.20 -56.77 -27.29
C SER I 184 1.47 -56.76 -28.14
N ASN I 185 2.32 -55.75 -27.95
CA ASN I 185 3.49 -55.55 -28.80
C ASN I 185 4.80 -56.11 -28.25
N ASN I 186 4.97 -56.06 -26.93
CA ASN I 186 6.25 -56.42 -26.32
C ASN I 186 6.15 -57.31 -25.07
N SER I 187 5.82 -58.59 -25.27
CA SER I 187 5.81 -59.58 -24.21
C SER I 187 5.94 -61.01 -24.75
N ASN I 188 6.82 -61.80 -24.13
CA ASN I 188 6.92 -63.23 -24.45
C ASN I 188 5.96 -64.05 -23.61
N PHE I 189 5.94 -65.36 -23.84
CA PHE I 189 5.03 -66.28 -23.15
C PHE I 189 5.36 -66.42 -21.67
N ILE I 190 6.65 -66.52 -21.36
CA ILE I 190 7.14 -66.69 -19.99
C ILE I 190 6.73 -65.52 -19.10
N GLU I 191 6.67 -64.33 -19.69
CA GLU I 191 6.36 -63.08 -18.97
C GLU I 191 4.93 -63.02 -18.48
N ILE I 192 4.00 -63.52 -19.29
CA ILE I 192 2.58 -63.57 -18.93
C ILE I 192 2.35 -64.60 -17.84
N MET I 193 3.05 -65.73 -17.94
CA MET I 193 2.98 -66.77 -16.92
C MET I 193 3.47 -66.24 -15.58
N GLY I 194 4.49 -65.38 -15.62
CA GLY I 194 5.00 -64.71 -14.44
C GLY I 194 3.94 -63.81 -13.85
N LEU I 195 3.30 -63.03 -14.71
CA LEU I 195 2.22 -62.11 -14.32
C LEU I 195 0.97 -62.84 -13.83
N LEU I 196 0.68 -63.99 -14.42
CA LEU I 196 -0.49 -64.79 -14.02
C LEU I 196 -0.33 -65.44 -12.65
N LEU I 197 0.85 -66.02 -12.40
CA LEU I 197 1.17 -66.58 -11.08
C LEU I 197 1.17 -65.48 -10.02
N GLN I 198 1.70 -64.33 -10.38
CA GLN I 198 1.65 -63.14 -9.55
C GLN I 198 0.20 -62.90 -9.08
N LEU I 199 -0.73 -62.93 -10.03
CA LEU I 199 -2.13 -62.67 -9.76
C LEU I 199 -2.79 -63.73 -8.88
N ILE I 200 -2.48 -65.00 -9.15
CA ILE I 200 -3.10 -66.14 -8.46
C ILE I 200 -2.72 -66.19 -6.98
N ARG I 201 -1.42 -66.13 -6.70
CA ARG I 201 -0.89 -66.40 -5.37
C ARG I 201 -1.03 -65.22 -4.40
N ASN I 202 -1.49 -64.08 -4.91
CA ASN I 202 -1.54 -62.85 -4.12
C ASN I 202 -2.92 -62.24 -3.98
N ASN I 203 -3.93 -62.91 -4.51
CA ASN I 203 -5.30 -62.37 -4.52
C ASN I 203 -6.36 -63.44 -4.23
N ASN I 204 -7.55 -62.98 -3.83
CA ASN I 204 -8.73 -63.82 -3.87
C ASN I 204 -9.35 -63.64 -5.25
N VAL I 205 -9.12 -64.60 -6.13
CA VAL I 205 -9.55 -64.52 -7.52
C VAL I 205 -11.08 -64.41 -7.65
N SER I 206 -11.79 -65.26 -6.91
CA SER I 206 -13.25 -65.22 -6.87
C SER I 206 -13.77 -63.80 -6.62
N PHE I 207 -13.08 -63.06 -5.77
CA PHE I 207 -13.41 -61.67 -5.48
C PHE I 207 -13.09 -60.75 -6.66
N LEU I 208 -11.88 -60.89 -7.21
CA LEU I 208 -11.46 -60.06 -8.34
C LEU I 208 -12.43 -60.13 -9.51
N THR I 209 -13.00 -61.31 -9.73
CA THR I 209 -13.95 -61.53 -10.82
C THR I 209 -15.32 -60.90 -10.54
N THR I 210 -15.49 -60.32 -9.35
CA THR I 210 -16.68 -59.53 -9.07
C THR I 210 -16.46 -58.05 -9.41
N SER I 211 -15.21 -57.70 -9.74
CA SER I 211 -14.89 -56.34 -10.17
C SER I 211 -14.70 -56.27 -11.68
N LYS I 212 -15.34 -55.28 -12.30
CA LYS I 212 -15.29 -55.05 -13.74
C LYS I 212 -13.85 -54.96 -14.26
N ILE I 213 -13.00 -54.24 -13.53
CA ILE I 213 -11.58 -54.15 -13.87
C ILE I 213 -10.88 -55.49 -13.65
N GLY I 214 -11.17 -56.14 -12.52
CA GLY I 214 -10.59 -57.44 -12.20
C GLY I 214 -10.80 -58.46 -13.29
N LEU I 215 -12.06 -58.64 -13.69
CA LEU I 215 -12.40 -59.53 -14.80
C LEU I 215 -11.59 -59.21 -16.03
N ASN I 216 -11.66 -57.96 -16.47
CA ASN I 216 -11.00 -57.51 -17.69
C ASN I 216 -9.49 -57.69 -17.66
N LEU I 217 -8.92 -57.56 -16.46
CA LEU I 217 -7.48 -57.71 -16.24
C LEU I 217 -7.06 -59.16 -16.47
N ILE I 218 -7.86 -60.07 -15.92
CA ILE I 218 -7.66 -61.51 -16.10
C ILE I 218 -7.82 -61.89 -17.58
N THR I 219 -8.86 -61.34 -18.22
CA THR I 219 -9.15 -61.62 -19.62
C THR I 219 -7.97 -61.23 -20.52
N ILE I 220 -7.33 -60.10 -20.24
CA ILE I 220 -6.17 -59.67 -21.02
C ILE I 220 -5.08 -60.73 -20.96
N LEU I 221 -4.75 -61.15 -19.75
CA LEU I 221 -3.65 -62.09 -19.51
C LEU I 221 -3.95 -63.44 -20.16
N ILE I 222 -5.15 -63.96 -19.94
CA ILE I 222 -5.60 -65.20 -20.58
C ILE I 222 -5.55 -65.07 -22.11
N SER I 223 -6.24 -64.06 -22.63
CA SER I 223 -6.38 -63.86 -24.08
C SER I 223 -5.08 -63.66 -24.84
N ARG I 224 -4.06 -63.15 -24.15
CA ARG I 224 -2.75 -62.98 -24.79
C ARG I 224 -1.90 -64.24 -24.62
N ALA I 225 -2.10 -64.95 -23.50
CA ALA I 225 -1.44 -66.23 -23.28
C ALA I 225 -1.93 -67.26 -24.30
N ALA I 226 -3.23 -67.23 -24.60
CA ALA I 226 -3.84 -68.08 -25.61
C ALA I 226 -3.38 -67.71 -27.02
N LEU I 227 -3.31 -66.42 -27.30
CA LEU I 227 -2.94 -65.91 -28.62
C LEU I 227 -1.54 -66.33 -29.04
N ILE I 228 -0.62 -66.38 -28.08
CA ILE I 228 0.75 -66.83 -28.33
C ILE I 228 0.78 -68.31 -28.69
N LYS I 229 -0.04 -69.11 -28.00
CA LYS I 229 -0.13 -70.54 -28.27
C LYS I 229 -0.93 -70.87 -29.53
N GLN I 230 -1.92 -70.04 -29.84
CA GLN I 230 -2.73 -70.17 -31.05
C GLN I 230 -1.88 -69.92 -32.30
N ASP I 231 -1.04 -68.89 -32.24
CA ASP I 231 -0.07 -68.62 -33.31
C ASP I 231 1.18 -69.48 -33.17
N SER I 232 1.24 -70.26 -32.10
CA SER I 232 2.29 -71.27 -31.92
C SER I 232 1.86 -72.63 -32.48
N SER I 233 0.89 -72.60 -33.39
CA SER I 233 0.62 -73.75 -34.25
C SER I 233 1.71 -73.80 -35.33
N ARG I 234 2.54 -72.75 -35.34
CA ARG I 234 3.69 -72.62 -36.22
C ARG I 234 4.97 -72.46 -35.36
N SER I 235 5.01 -73.21 -34.25
CA SER I 235 6.08 -73.14 -33.24
C SER I 235 7.49 -72.99 -33.82
N ASN I 236 8.20 -71.89 -33.55
CA ASN I 236 7.79 -70.74 -32.71
C ASN I 236 7.38 -71.06 -31.25
N ILE I 237 8.31 -71.66 -30.51
CA ILE I 237 8.12 -72.02 -29.09
C ILE I 237 6.69 -72.53 -28.80
N LEU I 238 6.41 -73.84 -28.88
CA LEU I 238 7.38 -74.97 -28.90
C LEU I 238 7.84 -75.28 -27.48
N SER I 239 8.63 -76.34 -27.33
CA SER I 239 9.07 -76.86 -26.03
C SER I 239 7.88 -77.14 -25.11
N SER I 240 7.44 -78.39 -25.08
CA SER I 240 6.28 -78.80 -24.29
C SER I 240 6.30 -78.38 -22.81
N PRO I 241 7.50 -78.33 -22.17
CA PRO I 241 7.58 -77.74 -20.83
C PRO I 241 6.96 -76.33 -20.69
N GLU I 242 7.04 -75.52 -21.75
CA GLU I 242 6.44 -74.19 -21.76
C GLU I 242 4.91 -74.25 -21.93
N ILE I 243 4.44 -75.20 -22.75
CA ILE I 243 3.00 -75.42 -22.94
C ILE I 243 2.39 -76.10 -21.71
N SER I 244 3.17 -76.98 -21.09
CA SER I 244 2.73 -77.73 -19.91
C SER I 244 2.58 -76.84 -18.66
N THR I 245 3.40 -75.79 -18.57
CA THR I 245 3.34 -74.85 -17.46
C THR I 245 2.04 -74.03 -17.53
N TRP I 246 1.67 -73.62 -18.75
CA TRP I 246 0.39 -72.93 -18.98
C TRP I 246 -0.79 -73.84 -18.66
N ASN I 247 -0.67 -75.12 -19.02
CA ASN I 247 -1.66 -76.14 -18.67
C ASN I 247 -1.81 -76.31 -17.16
N GLU I 248 -0.69 -76.14 -16.45
CA GLU I 248 -0.64 -76.27 -15.00
C GLU I 248 -1.09 -74.99 -14.31
N ILE I 249 -0.75 -73.85 -14.89
CA ILE I 249 -1.14 -72.53 -14.38
C ILE I 249 -2.64 -72.27 -14.56
N TYR I 250 -3.15 -72.56 -15.75
CA TYR I 250 -4.57 -72.37 -16.06
C TYR I 250 -5.45 -73.16 -15.10
N ASP I 251 -5.04 -74.38 -14.80
CA ASP I 251 -5.79 -75.25 -13.90
C ASP I 251 -5.91 -74.63 -12.51
N LYS I 252 -4.81 -74.04 -12.02
CA LYS I 252 -4.79 -73.39 -10.71
C LYS I 252 -5.73 -72.19 -10.68
N LEU I 253 -5.71 -71.41 -11.75
CA LEU I 253 -6.66 -70.31 -11.94
C LEU I 253 -8.08 -70.86 -11.90
N PHE I 254 -8.29 -71.96 -12.61
CA PHE I 254 -9.61 -72.56 -12.74
C PHE I 254 -10.15 -73.13 -11.42
N THR I 255 -9.29 -73.80 -10.66
CA THR I 255 -9.66 -74.39 -9.38
C THR I 255 -10.05 -73.30 -8.37
N SER I 256 -9.52 -72.11 -8.58
CA SER I 256 -9.81 -70.97 -7.71
C SER I 256 -11.19 -70.40 -7.94
N LEU I 257 -11.75 -70.70 -9.11
CA LEU I 257 -13.07 -70.18 -9.52
C LEU I 257 -14.17 -71.24 -9.52
N GLU I 258 -13.78 -72.52 -9.47
CA GLU I 258 -14.66 -73.64 -9.83
C GLU I 258 -16.04 -73.68 -9.16
N SER I 259 -16.07 -73.46 -7.85
CA SER I 259 -17.34 -73.50 -7.13
C SER I 259 -18.21 -72.27 -7.44
N LYS I 260 -17.57 -71.22 -7.96
CA LYS I 260 -18.20 -69.91 -8.09
C LYS I 260 -17.81 -69.13 -9.35
N ILE I 261 -18.16 -69.69 -10.51
CA ILE I 261 -18.09 -68.96 -11.78
C ILE I 261 -19.36 -68.13 -11.91
N GLN I 262 -20.43 -68.59 -11.25
CA GLN I 262 -21.71 -67.87 -11.18
C GLN I 262 -21.56 -66.44 -10.64
N LEU I 263 -20.58 -66.26 -9.75
CA LEU I 263 -20.33 -64.97 -9.10
C LEU I 263 -19.89 -63.83 -10.04
N ILE I 264 -19.60 -64.16 -11.30
CA ILE I 264 -19.23 -63.17 -12.30
C ILE I 264 -20.37 -62.20 -12.59
N PHE I 265 -21.57 -62.76 -12.79
CA PHE I 265 -22.76 -61.96 -13.05
C PHE I 265 -23.24 -61.30 -11.77
N PRO I 266 -23.42 -59.98 -11.80
CA PRO I 266 -23.95 -59.31 -10.62
C PRO I 266 -25.49 -59.25 -10.64
N PRO I 267 -26.11 -58.94 -9.47
CA PRO I 267 -27.50 -58.51 -9.35
C PRO I 267 -27.77 -57.33 -10.32
N ARG I 268 -29.00 -56.93 -10.68
CA ARG I 268 -30.33 -57.36 -10.18
C ARG I 268 -30.44 -57.79 -8.71
N GLU I 269 -30.40 -56.86 -7.75
CA GLU I 269 -30.50 -55.39 -7.92
C GLU I 269 -29.37 -54.69 -8.70
N TYR I 270 -28.18 -54.63 -8.10
CA TYR I 270 -26.98 -53.92 -8.63
C TYR I 270 -27.08 -53.33 -10.04
N ASN I 271 -27.36 -54.17 -11.04
CA ASN I 271 -27.56 -53.74 -12.42
C ASN I 271 -28.55 -52.59 -12.54
N VAL I 272 -29.70 -52.72 -11.87
CA VAL I 272 -30.78 -51.73 -11.93
C VAL I 272 -30.43 -50.39 -11.25
N HIS I 273 -29.45 -50.41 -10.34
CA HIS I 273 -28.94 -49.18 -9.73
C HIS I 273 -28.09 -48.40 -10.73
N ILE I 274 -27.26 -49.11 -11.49
CA ILE I 274 -26.47 -48.52 -12.57
C ILE I 274 -27.35 -48.14 -13.75
N MET I 275 -28.45 -48.87 -13.92
CA MET I 275 -29.43 -48.59 -14.98
C MET I 275 -30.13 -47.25 -14.78
N ARG I 276 -30.25 -46.81 -13.53
CA ARG I 276 -30.87 -45.52 -13.21
C ARG I 276 -29.89 -44.37 -13.39
N LEU I 277 -28.75 -44.47 -12.71
CA LEU I 277 -27.72 -43.42 -12.69
C LEU I 277 -27.20 -43.05 -14.08
N GLN I 278 -27.21 -44.01 -15.00
CA GLN I 278 -26.80 -43.77 -16.38
C GLN I 278 -28.01 -43.63 -17.32
N ASN I 279 -29.18 -44.00 -16.82
CA ASN I 279 -30.48 -43.84 -17.50
C ASN I 279 -30.56 -44.46 -18.90
N ASP I 280 -30.77 -45.78 -18.94
CA ASP I 280 -30.87 -46.53 -20.20
C ASP I 280 -31.50 -47.92 -20.01
N LYS I 281 -31.80 -48.59 -21.13
CA LYS I 281 -32.40 -49.92 -21.11
C LYS I 281 -31.35 -51.04 -21.17
N PHE I 282 -30.31 -50.84 -21.97
CA PHE I 282 -29.20 -51.78 -22.09
C PHE I 282 -28.26 -51.73 -20.88
N MET I 283 -27.44 -52.76 -20.73
CA MET I 283 -26.44 -52.79 -19.65
C MET I 283 -24.99 -52.94 -20.12
N ASP I 284 -24.79 -53.68 -21.20
CA ASP I 284 -23.46 -54.05 -21.67
C ASP I 284 -22.78 -54.97 -20.65
N GLU I 285 -23.09 -56.25 -20.77
CA GLU I 285 -22.43 -57.29 -19.97
C GLU I 285 -21.49 -58.08 -20.88
N ALA I 286 -21.02 -57.42 -21.94
CA ALA I 286 -20.18 -58.07 -22.97
C ALA I 286 -18.81 -58.49 -22.46
N TYR I 287 -18.26 -57.72 -21.52
CA TYR I 287 -16.97 -58.03 -20.91
C TYR I 287 -17.00 -59.36 -20.15
N ILE I 288 -18.16 -59.67 -19.56
CA ILE I 288 -18.41 -60.95 -18.90
C ILE I 288 -18.30 -62.11 -19.91
N TRP I 289 -19.10 -62.03 -20.97
CA TRP I 289 -19.12 -63.07 -21.99
C TRP I 289 -17.79 -63.21 -22.72
N GLN I 290 -17.03 -62.12 -22.79
CA GLN I 290 -15.67 -62.15 -23.35
C GLN I 290 -14.72 -62.94 -22.45
N PHE I 291 -14.90 -62.83 -21.15
CA PHE I 291 -14.09 -63.55 -20.17
C PHE I 291 -14.33 -65.05 -20.32
N LEU I 292 -15.59 -65.47 -20.14
CA LEU I 292 -15.98 -66.87 -20.29
C LEU I 292 -15.49 -67.44 -21.60
N ALA I 293 -15.62 -66.65 -22.68
CA ALA I 293 -15.16 -67.06 -24.00
C ALA I 293 -13.69 -67.43 -24.01
N SER I 294 -12.85 -66.62 -23.36
CA SER I 294 -11.41 -66.86 -23.36
C SER I 294 -10.97 -67.80 -22.23
N LEU I 295 -11.79 -67.89 -21.17
CA LEU I 295 -11.60 -68.87 -20.11
C LEU I 295 -11.80 -70.25 -20.72
N ALA I 296 -13.01 -70.47 -21.26
CA ALA I 296 -13.33 -71.69 -21.97
C ALA I 296 -12.82 -71.59 -23.40
N LEU I 297 -11.51 -71.78 -23.55
CA LEU I 297 -10.84 -71.72 -24.85
C LEU I 297 -9.42 -72.22 -24.62
N SER I 298 -8.95 -72.03 -23.40
CA SER I 298 -7.70 -72.59 -22.96
C SER I 298 -8.00 -73.66 -21.91
N GLY I 299 -9.22 -74.17 -21.94
CA GLY I 299 -9.71 -75.05 -20.88
C GLY I 299 -10.05 -76.48 -21.26
N LYS I 300 -9.13 -77.16 -21.93
CA LYS I 300 -9.26 -78.59 -22.23
C LYS I 300 -10.71 -78.94 -22.61
N LEU I 301 -11.26 -80.01 -22.02
CA LEU I 301 -12.66 -80.35 -22.20
C LEU I 301 -13.37 -80.53 -20.86
N ASN I 302 -12.60 -80.95 -19.85
CA ASN I 302 -13.14 -81.11 -18.49
C ASN I 302 -13.56 -79.79 -17.86
N HIS I 303 -12.81 -78.73 -18.18
CA HIS I 303 -13.15 -77.39 -17.70
C HIS I 303 -14.38 -76.88 -18.42
N GLN I 304 -14.37 -77.03 -19.75
CA GLN I 304 -15.40 -76.48 -20.64
C GLN I 304 -16.82 -76.92 -20.30
N ARG I 305 -16.96 -78.16 -19.85
CA ARG I 305 -18.28 -78.69 -19.49
C ARG I 305 -18.67 -78.45 -18.03
N ILE I 306 -17.76 -77.85 -17.25
CA ILE I 306 -18.08 -77.35 -15.92
C ILE I 306 -18.59 -75.91 -16.03
N ILE I 307 -17.92 -75.12 -16.89
CA ILE I 307 -18.30 -73.73 -17.15
C ILE I 307 -19.72 -73.66 -17.68
N ILE I 308 -19.93 -74.31 -18.85
CA ILE I 308 -21.25 -74.39 -19.49
C ILE I 308 -22.36 -74.72 -18.50
N ASP I 309 -22.08 -75.67 -17.60
CA ASP I 309 -23.04 -76.12 -16.61
C ASP I 309 -23.29 -75.07 -15.53
N GLU I 310 -22.24 -74.33 -15.17
CA GLU I 310 -22.31 -73.36 -14.07
C GLU I 310 -22.99 -72.06 -14.49
N VAL I 311 -22.94 -71.74 -15.77
CA VAL I 311 -23.60 -70.55 -16.31
C VAL I 311 -24.91 -70.89 -17.04
N ARG I 312 -25.42 -72.10 -16.79
CA ARG I 312 -26.65 -72.57 -17.42
C ARG I 312 -27.85 -71.66 -17.14
N ASP I 313 -27.99 -71.22 -15.89
CA ASP I 313 -29.08 -70.33 -15.51
C ASP I 313 -28.98 -68.97 -16.20
N GLU I 314 -27.76 -68.46 -16.30
CA GLU I 314 -27.53 -67.15 -16.91
C GLU I 314 -27.55 -67.19 -18.44
N ILE I 315 -27.17 -68.33 -19.00
CA ILE I 315 -27.23 -68.53 -20.45
C ILE I 315 -28.67 -68.69 -20.92
N PHE I 316 -29.53 -69.20 -20.04
CA PHE I 316 -30.95 -69.33 -20.33
C PHE I 316 -31.71 -68.03 -20.04
N ALA I 317 -31.30 -67.32 -18.99
CA ALA I 317 -31.94 -66.06 -18.61
C ALA I 317 -31.68 -64.96 -19.64
N THR I 318 -30.52 -65.01 -20.27
CA THR I 318 -30.17 -64.04 -21.32
C THR I 318 -30.94 -64.31 -22.62
N ILE I 319 -31.28 -65.57 -22.87
CA ILE I 319 -32.09 -65.94 -24.04
C ILE I 319 -33.53 -65.49 -23.84
N ASN I 320 -34.09 -65.78 -22.67
CA ASN I 320 -35.46 -65.42 -22.34
C ASN I 320 -35.70 -63.91 -22.23
N GLU I 321 -34.64 -63.15 -22.04
CA GLU I 321 -34.73 -61.68 -22.08
C GLU I 321 -34.34 -61.11 -23.45
N ALA I 322 -33.86 -61.98 -24.33
CA ALA I 322 -33.61 -61.61 -25.73
C ALA I 322 -34.83 -61.96 -26.60
N GLU I 323 -35.56 -63.01 -26.19
CA GLU I 323 -36.79 -63.43 -26.88
C GLU I 323 -37.94 -62.46 -26.63
N THR I 324 -38.04 -61.97 -25.39
CA THR I 324 -39.07 -60.99 -25.02
C THR I 324 -38.81 -59.61 -25.63
N LEU I 325 -37.63 -59.44 -26.22
CA LEU I 325 -37.32 -58.25 -27.01
C LEU I 325 -37.68 -58.44 -28.49
N GLN I 326 -37.46 -59.66 -28.99
CA GLN I 326 -37.82 -60.00 -30.38
C GLN I 326 -39.34 -60.15 -30.55
N LYS I 327 -40.00 -60.62 -29.49
CA LYS I 327 -41.46 -60.70 -29.46
C LYS I 327 -42.06 -59.30 -29.33
N LYS I 328 -41.30 -58.39 -28.73
CA LYS I 328 -41.73 -57.01 -28.54
C LYS I 328 -41.36 -56.12 -29.74
N GLU I 329 -40.50 -56.61 -30.64
CA GLU I 329 -40.12 -55.84 -31.82
C GLU I 329 -40.98 -56.14 -33.05
N LYS I 330 -41.32 -57.42 -33.24
CA LYS I 330 -42.11 -57.85 -34.39
C LYS I 330 -43.58 -57.53 -34.21
N GLU I 331 -44.02 -57.48 -32.95
CA GLU I 331 -45.40 -57.10 -32.59
C GLU I 331 -45.59 -55.58 -32.66
N LEU I 332 -44.58 -54.84 -32.19
CA LEU I 332 -44.64 -53.37 -32.15
C LEU I 332 -44.34 -52.73 -33.51
N SER I 333 -43.98 -53.56 -34.50
CA SER I 333 -43.62 -53.07 -35.84
C SER I 333 -44.83 -52.73 -36.72
N VAL I 334 -45.96 -53.41 -36.47
CA VAL I 334 -47.17 -53.25 -37.29
C VAL I 334 -47.80 -51.86 -37.22
N LEU I 342 -41.78 -43.25 -31.85
CA LEU I 342 -41.75 -44.69 -31.56
C LEU I 342 -40.83 -45.47 -32.49
N ASP I 343 -40.30 -44.80 -33.51
CA ASP I 343 -39.38 -45.42 -34.45
C ASP I 343 -37.93 -45.36 -33.95
N THR I 344 -37.68 -44.50 -32.96
CA THR I 344 -36.37 -44.39 -32.32
C THR I 344 -36.17 -45.54 -31.33
N GLU I 345 -37.25 -45.92 -30.65
CA GLU I 345 -37.24 -47.05 -29.72
C GLU I 345 -37.03 -48.38 -30.44
N LEU I 346 -37.78 -48.57 -31.53
CA LEU I 346 -37.68 -49.78 -32.36
C LEU I 346 -36.34 -49.87 -33.11
N LYS I 347 -35.57 -48.78 -33.09
CA LYS I 347 -34.23 -48.76 -33.66
C LYS I 347 -33.21 -49.24 -32.62
N SER I 348 -33.49 -48.95 -31.35
CA SER I 348 -32.63 -49.37 -30.24
C SER I 348 -32.93 -50.79 -29.78
N ILE I 349 -34.22 -51.15 -29.77
CA ILE I 349 -34.64 -52.50 -29.39
C ILE I 349 -34.14 -53.56 -30.40
N ILE I 350 -34.08 -53.19 -31.67
CA ILE I 350 -33.53 -54.07 -32.71
C ILE I 350 -31.99 -54.12 -32.63
N TYR I 351 -31.40 -53.17 -31.92
CA TYR I 351 -29.95 -53.11 -31.72
C TYR I 351 -29.54 -53.87 -30.45
N ASN I 352 -30.32 -53.72 -29.39
CA ASN I 352 -30.07 -54.39 -28.10
C ASN I 352 -30.12 -55.90 -28.18
N LYS I 353 -31.16 -56.43 -28.83
CA LYS I 353 -31.30 -57.88 -29.01
C LYS I 353 -30.23 -58.42 -29.96
N GLU I 354 -29.77 -57.58 -30.89
CA GLU I 354 -28.74 -57.96 -31.84
C GLU I 354 -27.38 -57.97 -31.16
N LYS I 355 -27.24 -57.15 -30.12
CA LYS I 355 -26.03 -57.11 -29.31
C LYS I 355 -25.91 -58.38 -28.47
N LEU I 356 -27.01 -58.77 -27.84
CA LEU I 356 -27.06 -59.98 -27.00
C LEU I 356 -26.79 -61.23 -27.81
N TYR I 357 -27.27 -61.25 -29.06
CA TYR I 357 -27.02 -62.35 -29.99
C TYR I 357 -25.53 -62.50 -30.31
N GLN I 358 -24.82 -61.37 -30.37
CA GLN I 358 -23.38 -61.36 -30.62
C GLN I 358 -22.60 -61.79 -29.38
N ASP I 359 -22.98 -61.21 -28.24
CA ASP I 359 -22.31 -61.47 -26.97
C ASP I 359 -22.39 -62.94 -26.57
N LEU I 360 -23.58 -63.52 -26.66
CA LEU I 360 -23.80 -64.92 -26.33
C LEU I 360 -22.94 -65.80 -27.23
N ASN I 361 -23.01 -65.53 -28.54
CA ASN I 361 -22.25 -66.26 -29.55
C ASN I 361 -20.74 -66.24 -29.31
N LEU I 362 -20.23 -65.10 -28.88
CA LEU I 362 -18.81 -64.93 -28.61
C LEU I 362 -18.30 -65.98 -27.62
N PHE I 363 -19.17 -66.40 -26.71
CA PHE I 363 -18.88 -67.49 -25.79
C PHE I 363 -19.13 -68.87 -26.40
N LEU I 364 -20.30 -69.05 -27.02
CA LEU I 364 -20.68 -70.33 -27.61
C LEU I 364 -19.76 -70.78 -28.73
N ASN I 365 -19.45 -69.86 -29.65
CA ASN I 365 -18.66 -70.18 -30.86
C ASN I 365 -17.24 -70.68 -30.62
N VAL I 366 -16.74 -70.56 -29.38
CA VAL I 366 -15.42 -71.07 -29.03
C VAL I 366 -15.48 -72.51 -28.53
N MET I 367 -16.68 -73.09 -28.58
CA MET I 367 -16.88 -74.50 -28.27
C MET I 367 -17.96 -75.14 -29.15
N GLY I 368 -17.94 -74.78 -30.44
CA GLY I 368 -18.80 -75.40 -31.44
C GLY I 368 -20.18 -74.78 -31.58
N LEU I 369 -20.88 -74.66 -30.45
CA LEU I 369 -22.28 -74.22 -30.43
C LEU I 369 -22.47 -72.80 -30.96
N VAL I 370 -23.60 -72.58 -31.64
CA VAL I 370 -24.01 -71.27 -32.15
C VAL I 370 -25.44 -71.06 -31.70
N TYR I 371 -25.83 -69.81 -31.41
CA TYR I 371 -27.07 -69.51 -30.70
C TYR I 371 -28.21 -70.56 -30.86
N ARG I 372 -28.89 -70.68 -31.99
CA ARG I 372 -28.90 -69.76 -33.14
C ARG I 372 -30.35 -69.76 -33.65
N ASP I 373 -31.20 -69.00 -32.95
CA ASP I 373 -32.66 -69.11 -33.01
C ASP I 373 -33.17 -70.39 -32.33
N GLY I 374 -32.26 -71.13 -31.69
CA GLY I 374 -32.59 -72.35 -30.96
C GLY I 374 -31.60 -73.46 -31.13
N GLU I 375 -30.34 -73.22 -30.73
CA GLU I 375 -29.25 -74.22 -30.71
C GLU I 375 -28.75 -74.71 -32.07
N ILE I 376 -27.44 -74.88 -32.19
CA ILE I 376 -26.76 -75.41 -33.38
C ILE I 376 -25.45 -76.10 -33.00
N SER I 377 -24.98 -77.01 -33.85
CA SER I 377 -23.69 -77.69 -33.64
C SER I 377 -22.51 -76.76 -33.89
N ASN J 54 -11.85 34.16 -29.33
CA ASN J 54 -13.19 34.82 -29.26
C ASN J 54 -13.99 34.67 -30.56
N LYS J 55 -13.44 35.20 -31.65
CA LYS J 55 -14.18 35.28 -32.92
C LYS J 55 -13.96 34.15 -33.94
N SER J 56 -12.81 33.98 -34.60
CA SER J 56 -11.53 34.72 -34.50
C SER J 56 -10.71 34.54 -33.18
N GLY J 57 -10.10 33.37 -33.01
CA GLY J 57 -10.17 32.27 -33.97
C GLY J 57 -10.65 30.98 -33.34
N GLY J 58 -11.45 31.10 -32.29
CA GLY J 58 -11.89 29.96 -31.49
C GLY J 58 -11.09 29.88 -30.20
N LYS J 59 -11.78 29.73 -29.08
CA LYS J 59 -11.13 29.74 -27.75
C LYS J 59 -10.12 28.60 -27.60
N LYS J 60 -10.47 27.40 -28.07
CA LYS J 60 -9.57 26.26 -28.02
C LYS J 60 -8.31 26.51 -28.85
N PHE J 61 -8.48 27.22 -29.97
CA PHE J 61 -7.39 27.56 -30.86
C PHE J 61 -6.37 28.50 -30.19
N ILE J 62 -6.88 29.53 -29.50
CA ILE J 62 -6.04 30.54 -28.86
C ILE J 62 -5.21 29.95 -27.71
N LEU J 63 -5.87 29.23 -26.80
CA LEU J 63 -5.22 28.58 -25.67
C LEU J 63 -4.06 27.69 -26.13
N GLU J 64 -4.33 26.89 -27.17
CA GLU J 64 -3.31 26.05 -27.81
C GLU J 64 -2.09 26.89 -28.21
N LEU J 65 -2.33 28.01 -28.88
CA LEU J 65 -1.28 28.93 -29.32
C LEU J 65 -0.47 29.50 -28.17
N ILE J 66 -1.17 29.96 -27.12
CA ILE J 66 -0.52 30.47 -25.91
C ILE J 66 0.42 29.39 -25.35
N GLU J 67 -0.10 28.16 -25.29
CA GLU J 67 0.61 27.04 -24.71
C GLU J 67 1.77 26.58 -25.58
N THR J 68 1.64 26.74 -26.89
CA THR J 68 2.72 26.44 -27.83
C THR J 68 3.86 27.45 -27.69
N VAL J 69 3.49 28.69 -27.37
CA VAL J 69 4.47 29.74 -27.10
C VAL J 69 5.22 29.44 -25.80
N TYR J 70 4.47 29.13 -24.74
CA TYR J 70 5.04 28.72 -23.46
C TYR J 70 5.98 27.54 -23.61
N GLU J 71 5.54 26.55 -24.39
CA GLU J 71 6.30 25.35 -24.68
C GLU J 71 7.65 25.69 -25.34
N GLU J 72 7.66 26.79 -26.07
CA GLU J 72 8.85 27.22 -26.81
C GLU J 72 9.70 28.22 -26.00
N ILE J 73 9.11 28.86 -25.00
CA ILE J 73 9.82 29.80 -24.14
C ILE J 73 10.67 29.04 -23.12
N LEU J 74 10.08 28.01 -22.52
CA LEU J 74 10.78 27.13 -21.58
C LEU J 74 11.89 26.36 -22.27
N ASP J 75 11.62 26.02 -23.53
CA ASP J 75 12.57 25.32 -24.39
C ASP J 75 13.76 26.23 -24.68
N LEU J 76 13.45 27.49 -24.99
CA LEU J 76 14.45 28.48 -25.40
C LEU J 76 15.29 28.97 -24.21
N GLU J 77 14.66 29.05 -23.05
CA GLU J 77 15.30 29.52 -21.83
C GLU J 77 16.30 28.49 -21.32
N ALA J 78 15.98 27.21 -21.52
CA ALA J 78 16.82 26.10 -21.08
C ALA J 78 18.12 26.03 -21.86
N ASN J 79 18.08 26.41 -23.13
CA ASN J 79 19.27 26.47 -23.98
C ASN J 79 20.25 27.54 -23.51
N LEU J 80 19.72 28.67 -23.07
CA LEU J 80 20.53 29.76 -22.52
C LEU J 80 21.00 29.43 -21.10
N ARG J 81 20.21 28.65 -20.39
CA ARG J 81 20.47 28.26 -19.00
C ARG J 81 21.82 27.56 -18.85
N ASN J 82 22.10 26.60 -19.72
CA ASN J 82 23.39 25.91 -19.76
C ASN J 82 24.38 26.55 -20.74
N GLY J 83 23.88 27.52 -21.50
CA GLY J 83 24.69 28.23 -22.49
C GLY J 83 24.96 27.40 -23.73
N GLN J 84 24.05 27.51 -24.70
CA GLN J 84 24.18 26.79 -25.97
C GLN J 84 23.74 27.66 -27.16
N GLN J 85 22.70 27.21 -27.87
CA GLN J 85 22.20 27.90 -29.05
C GLN J 85 20.75 28.31 -28.88
N THR J 86 20.48 29.60 -29.08
CA THR J 86 19.12 30.14 -28.96
C THR J 86 18.55 30.47 -30.34
N ASP J 87 17.43 29.83 -30.68
CA ASP J 87 16.78 30.02 -31.97
C ASP J 87 15.36 30.55 -31.79
N SER J 88 15.17 31.82 -32.11
CA SER J 88 13.91 32.51 -31.87
C SER J 88 12.81 32.20 -32.89
N THR J 89 13.21 31.74 -34.07
CA THR J 89 12.30 31.55 -35.20
C THR J 89 11.06 30.69 -34.88
N ALA J 90 11.29 29.60 -34.16
CA ALA J 90 10.23 28.64 -33.83
C ALA J 90 9.05 29.26 -33.09
N MET J 91 9.36 30.16 -32.15
CA MET J 91 8.32 30.79 -31.33
C MET J 91 7.76 32.08 -31.94
N TRP J 92 8.44 32.60 -32.96
CA TRP J 92 7.94 33.76 -33.69
C TRP J 92 6.71 33.36 -34.51
N GLU J 93 6.91 32.39 -35.40
CA GLU J 93 5.84 31.85 -36.24
C GLU J 93 4.60 31.50 -35.40
N ALA J 94 4.85 31.05 -34.16
CA ALA J 94 3.79 30.66 -33.23
C ALA J 94 3.01 31.85 -32.66
N LEU J 95 3.63 33.03 -32.68
CA LEU J 95 2.96 34.25 -32.21
C LEU J 95 1.93 34.80 -33.20
N HIS J 96 2.04 34.37 -34.46
CA HIS J 96 1.08 34.69 -35.52
C HIS J 96 0.82 36.19 -35.70
N ILE J 97 1.88 36.94 -35.96
CA ILE J 97 1.74 38.36 -36.29
C ILE J 97 1.87 38.54 -37.81
N ASP J 98 2.79 37.79 -38.41
CA ASP J 98 2.91 37.73 -39.87
C ASP J 98 1.81 36.83 -40.43
N ASP J 99 0.57 37.28 -40.26
CA ASP J 99 -0.61 36.50 -40.62
C ASP J 99 -1.71 37.40 -41.19
N SER J 100 -2.52 37.97 -40.28
CA SER J 100 -3.68 38.80 -40.64
C SER J 100 -4.72 38.08 -41.51
N SER J 101 -4.86 36.77 -41.28
CA SER J 101 -5.87 35.95 -41.95
C SER J 101 -7.17 35.98 -41.17
N TYR J 102 -7.07 36.29 -39.88
CA TYR J 102 -8.22 36.36 -38.99
C TYR J 102 -8.69 37.81 -38.84
N ASP J 103 -9.95 37.99 -38.45
CA ASP J 103 -10.55 39.31 -38.25
C ASP J 103 -9.84 40.09 -37.13
N VAL J 104 -9.54 39.39 -36.03
CA VAL J 104 -8.69 39.91 -34.96
C VAL J 104 -7.45 39.03 -34.86
N ASN J 105 -6.27 39.65 -34.93
CA ASN J 105 -5.01 38.92 -34.93
C ASN J 105 -4.84 38.08 -33.67
N PRO J 106 -4.59 36.76 -33.83
CA PRO J 106 -4.47 35.81 -32.73
C PRO J 106 -3.67 36.35 -31.54
N PHE J 107 -2.63 37.14 -31.82
CA PHE J 107 -1.80 37.73 -30.78
C PHE J 107 -2.58 38.65 -29.84
N ILE J 108 -3.52 39.39 -30.40
CA ILE J 108 -4.37 40.31 -29.64
C ILE J 108 -5.41 39.51 -28.84
N SER J 109 -5.80 38.36 -29.38
CA SER J 109 -6.69 37.43 -28.68
C SER J 109 -5.95 36.77 -27.51
N MET J 110 -4.64 36.60 -27.65
CA MET J 110 -3.80 36.02 -26.62
C MET J 110 -3.77 36.87 -25.34
N LEU J 111 -3.70 38.18 -25.52
CA LEU J 111 -3.60 39.11 -24.40
C LEU J 111 -4.94 39.24 -23.66
N SER J 112 -5.94 38.48 -24.09
CA SER J 112 -7.21 38.40 -23.39
C SER J 112 -7.09 37.49 -22.16
N PHE J 113 -5.97 36.79 -22.08
CA PHE J 113 -5.70 35.85 -21.00
C PHE J 113 -4.55 36.30 -20.12
N ASP J 114 -4.68 36.06 -18.82
CA ASP J 114 -3.69 36.45 -17.83
C ASP J 114 -2.35 35.78 -18.05
N LYS J 115 -2.38 34.53 -18.50
CA LYS J 115 -1.15 33.82 -18.88
C LYS J 115 -0.56 34.36 -20.18
N GLY J 116 -1.41 34.86 -21.07
CA GLY J 116 -0.97 35.48 -22.32
C GLY J 116 -0.28 36.81 -22.10
N ILE J 117 -0.68 37.49 -21.03
CA ILE J 117 -0.07 38.76 -20.64
C ILE J 117 1.24 38.50 -19.89
N LYS J 118 1.17 37.58 -18.93
CA LYS J 118 2.24 37.33 -17.96
C LYS J 118 3.53 36.79 -18.61
N ILE J 119 3.40 36.26 -19.81
CA ILE J 119 4.52 35.67 -20.54
C ILE J 119 5.36 36.73 -21.27
N MET J 120 4.72 37.85 -21.63
CA MET J 120 5.33 38.89 -22.46
C MET J 120 6.77 39.32 -22.08
N PRO J 121 7.02 39.62 -20.78
CA PRO J 121 8.38 39.99 -20.40
C PRO J 121 9.43 38.95 -20.79
N ARG J 122 9.06 37.67 -20.67
CA ARG J 122 9.96 36.56 -20.99
C ARG J 122 10.16 36.41 -22.50
N ILE J 123 9.15 36.81 -23.29
CA ILE J 123 9.25 36.79 -24.75
C ILE J 123 10.18 37.89 -25.24
N PHE J 124 10.06 39.07 -24.62
CA PHE J 124 10.87 40.24 -24.97
C PHE J 124 12.35 40.08 -24.61
N ASN J 125 12.70 38.98 -23.95
CA ASN J 125 14.10 38.66 -23.69
C ASN J 125 14.78 38.03 -24.90
N PHE J 126 13.98 37.39 -25.75
CA PHE J 126 14.50 36.62 -26.89
C PHE J 126 14.22 37.29 -28.23
N LEU J 127 13.21 38.14 -28.27
CA LEU J 127 12.93 38.95 -29.47
C LEU J 127 13.92 40.11 -29.53
N ASP J 128 14.29 40.48 -30.76
CA ASP J 128 15.28 41.52 -31.04
C ASP J 128 15.24 41.89 -32.51
N LYS J 129 15.17 43.18 -32.85
CA LYS J 129 14.89 44.29 -31.94
C LYS J 129 13.79 45.07 -32.63
N GLN J 130 13.75 44.90 -33.95
CA GLN J 130 12.65 45.34 -34.79
C GLN J 130 11.45 44.42 -34.57
N GLN J 131 11.73 43.23 -34.04
CA GLN J 131 10.69 42.25 -33.68
C GLN J 131 9.83 42.77 -32.53
N LYS J 132 10.47 43.43 -31.57
CA LYS J 132 9.76 44.07 -30.45
C LYS J 132 8.87 45.19 -30.97
N LEU J 133 9.46 46.02 -31.84
CA LEU J 133 8.77 47.14 -32.47
C LEU J 133 7.51 46.63 -33.17
N LYS J 134 7.65 45.48 -33.84
CA LYS J 134 6.60 44.90 -34.66
C LYS J 134 5.37 44.55 -33.83
N ILE J 135 5.61 44.06 -32.62
CA ILE J 135 4.55 43.77 -31.65
C ILE J 135 3.82 45.05 -31.25
N LEU J 136 4.59 46.04 -30.79
CA LEU J 136 4.06 47.35 -30.43
C LEU J 136 3.14 47.87 -31.52
N GLN J 137 3.66 47.93 -32.75
CA GLN J 137 2.89 48.32 -33.93
C GLN J 137 1.54 47.62 -33.98
N LYS J 138 1.57 46.28 -33.90
CA LYS J 138 0.38 45.45 -34.00
C LYS J 138 -0.65 45.79 -32.93
N ILE J 139 -0.17 46.08 -31.73
CA ILE J 139 -1.04 46.46 -30.60
C ILE J 139 -1.75 47.77 -30.88
N PHE J 140 -0.98 48.77 -31.34
CA PHE J 140 -1.52 50.11 -31.56
C PHE J 140 -2.54 50.20 -32.68
N ASN J 141 -2.27 49.58 -33.82
CA ASN J 141 -3.21 49.64 -34.94
C ASN J 141 -4.43 48.73 -34.79
N GLU J 142 -4.47 47.97 -33.69
CA GLU J 142 -5.62 47.13 -33.37
C GLU J 142 -6.04 47.28 -31.92
N LEU J 143 -5.84 48.47 -31.37
CA LEU J 143 -6.05 48.72 -29.94
C LEU J 143 -7.52 48.73 -29.53
N SER J 144 -8.42 48.90 -30.49
CA SER J 144 -9.86 48.83 -30.20
C SER J 144 -10.40 47.41 -30.23
N HIS J 145 -9.52 46.45 -30.54
CA HIS J 145 -9.87 45.03 -30.46
C HIS J 145 -9.36 44.40 -29.17
N LEU J 146 -8.41 45.07 -28.52
CA LEU J 146 -7.91 44.67 -27.22
C LEU J 146 -9.03 44.64 -26.20
N GLN J 147 -9.32 43.44 -25.69
CA GLN J 147 -10.38 43.25 -24.70
C GLN J 147 -10.15 44.07 -23.45
N ILE J 148 -8.89 44.33 -23.12
CA ILE J 148 -8.53 45.10 -21.93
C ILE J 148 -8.85 46.60 -22.08
N ILE J 149 -8.95 47.07 -23.32
CA ILE J 149 -9.35 48.44 -23.59
C ILE J 149 -10.84 48.62 -23.31
N ILE J 150 -11.65 47.66 -23.77
CA ILE J 150 -13.10 47.68 -23.57
C ILE J 150 -13.47 47.53 -22.08
N LEU J 151 -12.65 46.78 -21.35
CA LEU J 151 -12.85 46.54 -19.91
C LEU J 151 -12.60 47.80 -19.07
N SER J 152 -11.55 48.55 -19.42
CA SER J 152 -11.17 49.76 -18.69
C SER J 152 -11.91 51.02 -19.16
N SER J 153 -12.65 50.90 -20.26
CA SER J 153 -13.43 52.01 -20.80
C SER J 153 -14.79 52.09 -20.11
N TYR J 154 -15.09 53.28 -19.59
CA TYR J 154 -16.32 53.50 -18.83
C TYR J 154 -17.57 53.54 -19.69
N LYS J 155 -17.40 53.82 -20.98
CA LYS J 155 -18.54 53.90 -21.90
C LYS J 155 -19.04 52.53 -22.34
N THR J 156 -18.11 51.59 -22.53
CA THR J 156 -18.47 50.22 -22.92
C THR J 156 -18.70 49.29 -21.73
N THR J 157 -17.94 49.52 -20.65
CA THR J 157 -18.13 48.78 -19.41
C THR J 157 -18.42 49.74 -18.26
N PRO J 158 -19.68 50.16 -18.11
CA PRO J 158 -20.05 51.07 -17.01
C PRO J 158 -20.01 50.39 -15.65
N LYS J 159 -20.30 49.09 -15.61
CA LYS J 159 -20.23 48.29 -14.38
C LYS J 159 -19.20 47.16 -14.51
N PRO J 160 -17.94 47.44 -14.14
CA PRO J 160 -16.92 46.40 -14.17
C PRO J 160 -16.93 45.54 -12.91
N THR J 161 -16.71 44.24 -13.07
CA THR J 161 -16.57 43.34 -11.94
C THR J 161 -15.18 43.45 -11.32
N LEU J 162 -15.05 43.01 -10.06
CA LEU J 162 -13.77 43.06 -9.34
C LEU J 162 -12.70 42.21 -10.01
N THR J 163 -13.16 41.16 -10.72
CA THR J 163 -12.28 40.30 -11.53
C THR J 163 -11.62 41.10 -12.65
N GLN J 164 -12.43 41.94 -13.30
CA GLN J 164 -11.98 42.74 -14.43
C GLN J 164 -10.97 43.84 -14.04
N LEU J 165 -11.21 44.48 -12.91
CA LEU J 165 -10.32 45.53 -12.39
C LEU J 165 -8.92 45.00 -12.09
N LYS J 166 -8.84 43.79 -11.53
CA LYS J 166 -7.57 43.12 -11.28
C LYS J 166 -6.85 42.77 -12.58
N LYS J 167 -7.64 42.43 -13.60
CA LYS J 167 -7.14 42.10 -14.92
C LYS J 167 -6.60 43.35 -15.61
N VAL J 168 -7.26 44.49 -15.35
CA VAL J 168 -6.84 45.79 -15.84
C VAL J 168 -5.49 46.21 -15.27
N ASP J 169 -5.36 46.06 -13.94
CA ASP J 169 -4.12 46.43 -13.24
C ASP J 169 -2.94 45.53 -13.56
N LEU J 170 -3.25 44.32 -14.04
CA LEU J 170 -2.21 43.37 -14.46
C LEU J 170 -1.60 43.81 -15.78
N PHE J 171 -2.44 44.30 -16.69
CA PHE J 171 -1.99 44.83 -17.97
C PHE J 171 -1.16 46.10 -17.76
N GLN J 172 -1.61 46.94 -16.84
CA GLN J 172 -0.89 48.15 -16.44
C GLN J 172 0.50 47.84 -15.90
N MET J 173 0.58 46.82 -15.06
CA MET J 173 1.82 46.48 -14.34
C MET J 173 2.85 45.78 -15.23
N ILE J 174 2.36 44.99 -16.19
CA ILE J 174 3.24 44.12 -16.98
C ILE J 174 3.49 44.64 -18.39
N ILE J 175 2.43 45.02 -19.09
CA ILE J 175 2.55 45.46 -20.49
C ILE J 175 3.08 46.89 -20.61
N LEU J 176 2.53 47.81 -19.82
CA LEU J 176 2.97 49.20 -19.85
C LEU J 176 4.39 49.39 -19.30
N LYS J 177 4.76 48.55 -18.33
CA LYS J 177 6.13 48.52 -17.81
C LYS J 177 7.15 48.16 -18.89
N ILE J 178 6.81 47.18 -19.74
CA ILE J 178 7.77 46.68 -20.72
C ILE J 178 7.90 47.55 -21.97
N ILE J 179 6.88 48.38 -22.23
CA ILE J 179 6.95 49.28 -23.39
C ILE J 179 7.54 50.64 -23.04
N VAL J 180 7.46 51.00 -21.76
CA VAL J 180 8.18 52.18 -21.25
C VAL J 180 9.67 51.86 -21.24
N SER J 181 10.02 50.66 -20.77
CA SER J 181 11.41 50.19 -20.76
C SER J 181 11.98 50.05 -22.17
N PHE J 182 11.13 49.65 -23.12
CA PHE J 182 11.56 49.48 -24.51
C PHE J 182 11.77 50.82 -25.22
N LEU J 183 10.83 51.74 -25.07
CA LEU J 183 10.91 53.06 -25.70
C LEU J 183 12.02 53.92 -25.10
N SER J 184 12.31 53.71 -23.83
CA SER J 184 13.35 54.46 -23.11
C SER J 184 14.73 54.36 -23.75
N ASN J 185 15.10 53.15 -24.17
CA ASN J 185 16.46 52.89 -24.63
C ASN J 185 16.58 51.92 -25.82
N ASN J 186 15.73 52.11 -26.83
CA ASN J 186 15.84 51.35 -28.08
C ASN J 186 15.25 52.07 -29.31
N SER J 187 14.40 53.06 -29.07
CA SER J 187 13.72 53.78 -30.15
C SER J 187 14.19 55.22 -30.29
N ASN J 188 14.30 55.68 -31.54
CA ASN J 188 14.56 57.07 -31.83
C ASN J 188 13.25 57.84 -32.04
N PHE J 189 13.35 59.14 -32.27
CA PHE J 189 12.19 60.03 -32.36
C PHE J 189 11.24 59.69 -33.50
N ILE J 190 11.80 59.26 -34.63
CA ILE J 190 11.03 58.97 -35.85
C ILE J 190 10.10 57.76 -35.67
N GLU J 191 10.55 56.78 -34.89
CA GLU J 191 9.76 55.57 -34.62
C GLU J 191 8.54 55.82 -33.73
N ILE J 192 8.68 56.72 -32.77
CA ILE J 192 7.57 57.09 -31.89
C ILE J 192 6.47 57.78 -32.68
N MET J 193 6.87 58.60 -33.67
CA MET J 193 5.92 59.21 -34.60
C MET J 193 5.08 58.12 -35.25
N GLY J 194 5.76 57.05 -35.68
CA GLY J 194 5.12 55.91 -36.32
C GLY J 194 3.99 55.36 -35.48
N LEU J 195 4.32 54.93 -34.27
CA LEU J 195 3.32 54.37 -33.34
C LEU J 195 2.16 55.34 -33.07
N LEU J 196 2.47 56.63 -32.88
CA LEU J 196 1.45 57.65 -32.68
C LEU J 196 0.54 57.80 -33.88
N LEU J 197 1.15 58.00 -35.06
CA LEU J 197 0.41 58.13 -36.30
C LEU J 197 -0.48 56.90 -36.50
N GLN J 198 0.09 55.73 -36.26
CA GLN J 198 -0.59 54.45 -36.42
C GLN J 198 -1.75 54.27 -35.42
N LEU J 199 -1.60 54.83 -34.23
CA LEU J 199 -2.67 54.81 -33.23
C LEU J 199 -3.88 55.61 -33.69
N ILE J 200 -3.62 56.78 -34.25
CA ILE J 200 -4.67 57.74 -34.64
C ILE J 200 -5.37 57.31 -35.92
N ARG J 201 -4.60 56.81 -36.89
CA ARG J 201 -5.14 56.39 -38.19
C ARG J 201 -5.99 55.12 -38.11
N ASN J 202 -6.05 54.50 -36.92
CA ASN J 202 -6.69 53.20 -36.77
C ASN J 202 -7.80 53.10 -35.71
N ASN J 203 -7.83 54.02 -34.76
CA ASN J 203 -8.85 53.98 -33.70
C ASN J 203 -9.51 55.32 -33.43
N ASN J 204 -10.76 55.28 -32.98
CA ASN J 204 -11.46 56.44 -32.47
C ASN J 204 -10.77 56.89 -31.19
N VAL J 205 -9.93 57.93 -31.32
CA VAL J 205 -9.04 58.37 -30.25
C VAL J 205 -9.79 58.95 -29.04
N SER J 206 -11.03 59.38 -29.24
CA SER J 206 -11.87 59.80 -28.11
C SER J 206 -12.33 58.61 -27.30
N PHE J 207 -12.57 57.48 -27.97
CA PHE J 207 -12.93 56.25 -27.29
C PHE J 207 -11.76 55.70 -26.47
N LEU J 208 -10.55 55.79 -27.01
CA LEU J 208 -9.36 55.32 -26.30
C LEU J 208 -9.13 56.07 -25.00
N THR J 209 -9.49 57.36 -24.98
CA THR J 209 -9.35 58.19 -23.78
C THR J 209 -10.45 57.93 -22.74
N THR J 210 -11.29 56.94 -23.01
CA THR J 210 -12.29 56.53 -22.03
C THR J 210 -11.79 55.32 -21.24
N SER J 211 -10.61 54.83 -21.59
CA SER J 211 -10.01 53.66 -20.96
C SER J 211 -8.67 53.96 -20.30
N LYS J 212 -8.59 53.66 -19.01
CA LYS J 212 -7.39 53.84 -18.18
C LYS J 212 -6.11 53.41 -18.92
N ILE J 213 -6.14 52.24 -19.55
CA ILE J 213 -5.01 51.73 -20.31
C ILE J 213 -4.71 52.60 -21.54
N GLY J 214 -5.76 52.87 -22.33
CA GLY J 214 -5.63 53.69 -23.53
C GLY J 214 -5.12 55.09 -23.24
N LEU J 215 -5.59 55.68 -22.14
CA LEU J 215 -5.17 57.01 -21.71
C LEU J 215 -3.68 57.04 -21.47
N ASN J 216 -3.21 56.15 -20.59
CA ASN J 216 -1.79 56.06 -20.23
C ASN J 216 -0.90 55.72 -21.41
N LEU J 217 -1.44 54.93 -22.35
CA LEU J 217 -0.72 54.51 -23.53
C LEU J 217 -0.33 55.71 -24.40
N ILE J 218 -1.26 56.66 -24.52
CA ILE J 218 -1.03 57.90 -25.23
C ILE J 218 -0.08 58.77 -24.41
N THR J 219 -0.35 58.86 -23.10
CA THR J 219 0.49 59.61 -22.16
C THR J 219 1.95 59.16 -22.21
N ILE J 220 2.17 57.88 -22.57
CA ILE J 220 3.51 57.33 -22.76
C ILE J 220 4.16 57.89 -24.02
N LEU J 221 3.45 57.78 -25.14
CA LEU J 221 3.97 58.17 -26.45
C LEU J 221 4.17 59.68 -26.58
N ILE J 222 3.32 60.45 -25.90
CA ILE J 222 3.44 61.91 -25.87
C ILE J 222 4.65 62.36 -25.06
N SER J 223 4.76 61.85 -23.83
CA SER J 223 5.83 62.25 -22.91
C SER J 223 7.22 61.86 -23.39
N ARG J 224 7.32 60.76 -24.14
CA ARG J 224 8.59 60.31 -24.68
C ARG J 224 9.01 61.19 -25.85
N ALA J 225 8.02 61.74 -26.56
CA ALA J 225 8.27 62.67 -27.66
C ALA J 225 8.55 64.08 -27.14
N ALA J 226 7.94 64.42 -25.99
CA ALA J 226 8.16 65.72 -25.36
C ALA J 226 9.49 65.78 -24.62
N LEU J 227 9.94 64.63 -24.11
CA LEU J 227 11.21 64.55 -23.38
C LEU J 227 12.40 64.59 -24.32
N ILE J 228 12.20 64.19 -25.57
CA ILE J 228 13.22 64.30 -26.61
C ILE J 228 13.36 65.76 -27.05
N LYS J 229 12.23 66.42 -27.28
CA LYS J 229 12.21 67.82 -27.72
C LYS J 229 12.76 68.77 -26.65
N GLN J 230 12.47 68.48 -25.38
CA GLN J 230 12.98 69.29 -24.27
C GLN J 230 14.50 69.17 -24.14
N ASP J 231 15.03 67.98 -24.45
CA ASP J 231 16.47 67.75 -24.47
C ASP J 231 17.05 67.90 -25.89
N SER J 232 16.32 68.60 -26.75
CA SER J 232 16.78 68.91 -28.09
C SER J 232 17.21 70.37 -28.21
N SER J 233 17.42 71.02 -27.06
CA SER J 233 18.10 72.31 -27.00
C SER J 233 19.58 72.06 -27.26
N ARG J 234 20.07 70.91 -26.80
CA ARG J 234 21.33 70.34 -27.26
C ARG J 234 21.03 69.21 -28.25
N SER J 235 20.94 69.57 -29.53
CA SER J 235 20.50 68.67 -30.60
C SER J 235 21.63 68.35 -31.60
N ASN J 236 21.79 67.09 -32.01
CA ASN J 236 20.99 65.90 -31.61
C ASN J 236 19.50 65.89 -32.01
N ILE J 237 19.27 66.04 -33.32
CA ILE J 237 17.92 66.10 -33.94
C ILE J 237 16.83 66.85 -33.14
N LEU J 238 16.50 68.09 -33.49
CA LEU J 238 16.89 68.80 -34.74
C LEU J 238 16.21 68.19 -35.96
N SER J 239 16.65 68.59 -37.15
CA SER J 239 16.01 68.21 -38.44
C SER J 239 14.64 68.86 -38.56
N SER J 240 14.57 69.94 -39.32
CA SER J 240 13.34 70.71 -39.52
C SER J 240 12.13 69.86 -39.93
N PRO J 241 12.29 68.97 -40.95
CA PRO J 241 11.17 68.11 -41.35
C PRO J 241 10.62 67.21 -40.25
N GLU J 242 11.46 66.82 -39.30
CA GLU J 242 11.05 65.95 -38.19
C GLU J 242 10.25 66.69 -37.11
N ILE J 243 10.75 67.87 -36.71
CA ILE J 243 10.05 68.71 -35.74
C ILE J 243 8.75 69.24 -36.34
N SER J 244 8.75 69.41 -37.66
CA SER J 244 7.56 69.85 -38.41
C SER J 244 6.49 68.76 -38.47
N THR J 245 6.90 67.54 -38.82
CA THR J 245 5.98 66.40 -38.90
C THR J 245 5.40 66.03 -37.54
N TRP J 246 6.17 66.26 -36.47
CA TRP J 246 5.66 66.09 -35.12
C TRP J 246 4.53 67.07 -34.86
N ASN J 247 4.74 68.33 -35.23
CA ASN J 247 3.71 69.36 -35.10
C ASN J 247 2.46 69.04 -35.89
N GLU J 248 2.65 68.37 -37.03
CA GLU J 248 1.53 67.89 -37.85
C GLU J 248 0.82 66.72 -37.17
N ILE J 249 1.60 65.81 -36.58
CA ILE J 249 1.06 64.64 -35.89
C ILE J 249 0.36 65.02 -34.59
N TYR J 250 0.99 65.89 -33.80
CA TYR J 250 0.41 66.33 -32.53
C TYR J 250 -0.96 67.00 -32.73
N ASP J 251 -1.07 67.82 -33.78
CA ASP J 251 -2.32 68.50 -34.10
C ASP J 251 -3.40 67.53 -34.56
N LYS J 252 -3.01 66.54 -35.35
CA LYS J 252 -3.93 65.48 -35.80
C LYS J 252 -4.52 64.75 -34.60
N LEU J 253 -3.70 64.62 -33.54
CA LEU J 253 -4.15 64.04 -32.28
C LEU J 253 -5.12 64.99 -31.59
N PHE J 254 -4.69 66.24 -31.42
CA PHE J 254 -5.46 67.27 -30.73
C PHE J 254 -6.83 67.48 -31.36
N THR J 255 -6.86 67.53 -32.69
CA THR J 255 -8.10 67.72 -33.46
C THR J 255 -8.99 66.48 -33.43
N SER J 256 -8.37 65.32 -33.23
CA SER J 256 -9.11 64.05 -33.09
C SER J 256 -10.01 64.07 -31.85
N LEU J 257 -9.51 64.70 -30.78
CA LEU J 257 -10.33 64.97 -29.60
C LEU J 257 -10.40 66.48 -29.38
N GLU J 258 -11.01 67.18 -30.33
CA GLU J 258 -11.07 68.65 -30.28
C GLU J 258 -12.00 69.15 -29.20
N SER J 259 -13.22 68.59 -29.17
CA SER J 259 -14.24 69.00 -28.21
C SER J 259 -14.68 67.85 -27.30
N LYS J 260 -13.76 66.91 -27.05
CA LYS J 260 -14.07 65.70 -26.29
C LYS J 260 -13.08 65.45 -25.15
N ILE J 261 -12.22 66.43 -24.88
CA ILE J 261 -11.25 66.35 -23.78
C ILE J 261 -11.97 66.25 -22.44
N GLN J 262 -13.18 66.79 -22.38
CA GLN J 262 -14.03 66.69 -21.20
C GLN J 262 -14.37 65.23 -20.87
N LEU J 263 -14.52 64.41 -21.91
CA LEU J 263 -14.93 63.00 -21.77
C LEU J 263 -13.94 62.12 -21.01
N ILE J 264 -12.72 62.62 -20.79
CA ILE J 264 -11.67 61.89 -20.07
C ILE J 264 -12.12 61.50 -18.65
N PHE J 265 -12.72 62.44 -17.94
CA PHE J 265 -13.28 62.18 -16.61
C PHE J 265 -14.60 61.42 -16.77
N PRO J 266 -14.77 60.31 -16.02
CA PRO J 266 -15.98 59.50 -16.14
C PRO J 266 -16.94 59.53 -14.93
N PRO J 267 -16.64 60.33 -13.89
CA PRO J 267 -17.03 59.97 -12.53
C PRO J 267 -18.54 60.03 -12.27
N ARG J 268 -18.98 59.33 -11.21
CA ARG J 268 -20.38 59.27 -10.76
C ARG J 268 -21.37 59.17 -11.93
N GLU J 269 -21.86 57.97 -12.27
CA GLU J 269 -21.81 56.75 -11.46
C GLU J 269 -20.48 55.99 -11.42
N TYR J 270 -19.83 55.83 -12.58
CA TYR J 270 -18.61 55.00 -12.72
C TYR J 270 -17.60 55.08 -11.56
N ASN J 271 -17.62 56.17 -10.80
CA ASN J 271 -16.75 56.30 -9.63
C ASN J 271 -17.26 55.65 -8.35
N VAL J 272 -18.54 55.82 -8.04
CA VAL J 272 -19.13 55.22 -6.83
C VAL J 272 -19.22 53.69 -6.92
N HIS J 273 -19.19 53.17 -8.15
CA HIS J 273 -19.20 51.73 -8.41
C HIS J 273 -17.84 51.10 -8.10
N ILE J 274 -16.78 51.74 -8.56
CA ILE J 274 -15.41 51.29 -8.31
C ILE J 274 -14.96 51.60 -6.88
N MET J 275 -15.49 52.69 -6.32
CA MET J 275 -15.05 53.18 -5.01
C MET J 275 -15.49 52.29 -3.83
N ARG J 276 -16.62 51.60 -3.99
CA ARG J 276 -17.14 50.73 -2.93
C ARG J 276 -16.53 49.33 -2.97
N LEU J 277 -16.14 48.88 -4.17
CA LEU J 277 -15.60 47.54 -4.37
C LEU J 277 -14.21 47.36 -3.74
N GLN J 278 -13.31 48.31 -4.02
CA GLN J 278 -11.99 48.36 -3.40
C GLN J 278 -12.07 48.98 -2.00
N ASN J 279 -13.22 49.61 -1.72
CA ASN J 279 -13.56 50.15 -0.40
C ASN J 279 -12.54 51.12 0.21
N ASP J 280 -12.55 52.36 -0.28
CA ASP J 280 -11.74 53.45 0.28
C ASP J 280 -12.29 54.83 -0.11
N LYS J 281 -11.97 55.84 0.70
CA LYS J 281 -12.39 57.22 0.44
C LYS J 281 -11.50 57.90 -0.60
N PHE J 282 -10.37 57.27 -0.92
CA PHE J 282 -9.46 57.73 -1.97
C PHE J 282 -10.06 57.44 -3.35
N MET J 283 -9.49 58.04 -4.38
CA MET J 283 -9.90 57.75 -5.76
C MET J 283 -8.71 57.65 -6.70
N ASP J 284 -7.76 58.57 -6.55
CA ASP J 284 -6.54 58.65 -7.36
C ASP J 284 -6.81 58.70 -8.87
N GLU J 285 -7.14 59.89 -9.35
CA GLU J 285 -7.30 60.13 -10.78
C GLU J 285 -6.04 60.81 -11.32
N ALA J 286 -4.89 60.46 -10.75
CA ALA J 286 -3.61 61.08 -11.08
C ALA J 286 -3.13 60.77 -12.50
N TYR J 287 -3.67 59.71 -13.09
CA TYR J 287 -3.31 59.31 -14.45
C TYR J 287 -3.94 60.26 -15.48
N ILE J 288 -5.15 60.71 -15.16
CA ILE J 288 -5.88 61.69 -15.96
C ILE J 288 -5.13 63.01 -15.97
N TRP J 289 -4.78 63.50 -14.79
CA TRP J 289 -4.10 64.78 -14.64
C TRP J 289 -2.70 64.78 -15.23
N GLN J 290 -2.07 63.60 -15.25
CA GLN J 290 -0.73 63.44 -15.82
C GLN J 290 -0.78 63.47 -17.35
N PHE J 291 -1.93 63.07 -17.90
CA PHE J 291 -2.14 63.11 -19.35
C PHE J 291 -2.29 64.54 -19.83
N LEU J 292 -3.19 65.27 -19.18
CA LEU J 292 -3.42 66.68 -19.52
C LEU J 292 -2.12 67.46 -19.42
N ALA J 293 -1.38 67.23 -18.33
CA ALA J 293 -0.07 67.86 -18.12
C ALA J 293 0.91 67.56 -19.24
N SER J 294 0.88 66.32 -19.76
CA SER J 294 1.75 65.93 -20.85
C SER J 294 1.25 66.47 -22.20
N LEU J 295 -0.07 66.55 -22.34
CA LEU J 295 -0.71 67.10 -23.54
C LEU J 295 -0.39 68.59 -23.67
N ALA J 296 -0.48 69.29 -22.55
CA ALA J 296 -0.21 70.72 -22.50
C ALA J 296 1.25 71.04 -22.78
N LEU J 297 2.16 70.30 -22.13
CA LEU J 297 3.59 70.51 -22.28
C LEU J 297 4.05 70.36 -23.72
N SER J 298 3.44 69.43 -24.45
CA SER J 298 3.85 69.12 -25.81
C SER J 298 3.21 70.03 -26.85
N GLY J 299 2.21 70.81 -26.43
CA GLY J 299 1.54 71.76 -27.30
C GLY J 299 2.19 73.14 -27.33
N LYS J 300 1.44 74.11 -27.83
CA LYS J 300 1.87 75.51 -27.83
C LYS J 300 0.95 76.30 -26.89
N LEU J 301 1.10 77.62 -26.86
CA LEU J 301 0.32 78.47 -25.96
C LEU J 301 -1.17 78.47 -26.28
N ASN J 302 -1.51 78.38 -27.56
CA ASN J 302 -2.91 78.26 -27.97
C ASN J 302 -3.49 76.91 -27.58
N HIS J 303 -2.72 75.85 -27.81
CA HIS J 303 -3.11 74.49 -27.45
C HIS J 303 -3.50 74.40 -25.98
N GLN J 304 -2.66 74.99 -25.12
CA GLN J 304 -2.90 75.02 -23.68
C GLN J 304 -4.17 75.79 -23.34
N ARG J 305 -4.39 76.89 -24.07
CA ARG J 305 -5.53 77.78 -23.85
C ARG J 305 -6.85 77.07 -24.13
N ILE J 306 -6.84 76.13 -25.08
CA ILE J 306 -8.02 75.35 -25.44
C ILE J 306 -8.29 74.26 -24.41
N ILE J 307 -7.22 73.66 -23.89
CA ILE J 307 -7.32 72.60 -22.88
C ILE J 307 -7.94 73.14 -21.59
N ILE J 308 -7.39 74.24 -21.08
CA ILE J 308 -7.91 74.89 -19.88
C ILE J 308 -9.43 75.07 -19.98
N ASP J 309 -9.88 75.62 -21.11
CA ASP J 309 -11.29 75.89 -21.37
C ASP J 309 -12.13 74.61 -21.48
N GLU J 310 -11.53 73.57 -22.05
CA GLU J 310 -12.21 72.27 -22.23
C GLU J 310 -12.62 71.62 -20.91
N VAL J 311 -11.77 71.78 -19.90
CA VAL J 311 -11.94 71.07 -18.63
C VAL J 311 -12.11 72.01 -17.43
N ARG J 312 -12.69 73.19 -17.65
CA ARG J 312 -12.90 74.15 -16.57
C ARG J 312 -14.03 73.72 -15.61
N ASP J 313 -14.97 72.92 -16.11
CA ASP J 313 -16.03 72.37 -15.27
C ASP J 313 -15.46 71.30 -14.32
N GLU J 314 -14.49 70.53 -14.81
CA GLU J 314 -13.85 69.50 -14.01
C GLU J 314 -12.78 70.06 -13.09
N ILE J 315 -12.12 71.14 -13.52
CA ILE J 315 -11.09 71.79 -12.70
C ILE J 315 -11.68 72.47 -11.46
N PHE J 316 -12.97 72.80 -11.53
CA PHE J 316 -13.68 73.40 -10.40
C PHE J 316 -14.37 72.36 -9.51
N ALA J 317 -14.76 71.24 -10.10
CA ALA J 317 -15.35 70.13 -9.34
C ALA J 317 -14.32 69.45 -8.44
N THR J 318 -13.05 69.57 -8.84
CA THR J 318 -11.93 69.04 -8.06
C THR J 318 -11.52 70.05 -6.97
N ILE J 319 -11.72 71.33 -7.24
CA ILE J 319 -11.49 72.38 -6.22
C ILE J 319 -12.55 72.33 -5.12
N ASN J 320 -13.80 72.12 -5.53
CA ASN J 320 -14.92 72.01 -4.58
C ASN J 320 -14.75 70.91 -3.56
N GLU J 321 -14.19 69.78 -3.99
CA GLU J 321 -13.89 68.67 -3.10
C GLU J 321 -12.64 68.94 -2.25
N ALA J 322 -11.69 69.69 -2.81
CA ALA J 322 -10.45 70.02 -2.12
C ALA J 322 -10.63 71.09 -1.03
N GLU J 323 -11.75 71.79 -1.06
CA GLU J 323 -12.05 72.84 -0.08
C GLU J 323 -13.25 72.52 0.82
N THR J 324 -13.87 71.36 0.60
CA THR J 324 -14.84 70.82 1.55
C THR J 324 -14.13 69.91 2.54
N LEU J 325 -12.96 69.39 2.13
CA LEU J 325 -12.07 68.64 3.02
C LEU J 325 -11.25 69.61 3.88
N GLN J 326 -10.95 70.78 3.33
CA GLN J 326 -10.26 71.86 4.06
C GLN J 326 -11.11 72.41 5.21
N LYS J 327 -12.43 72.38 5.04
CA LYS J 327 -13.36 72.82 6.06
C LYS J 327 -13.74 71.70 7.02
N LYS J 328 -13.33 70.47 6.71
CA LYS J 328 -13.51 69.33 7.61
C LYS J 328 -12.20 68.99 8.34
N GLU J 329 -11.08 69.50 7.83
CA GLU J 329 -9.78 69.36 8.47
C GLU J 329 -9.66 70.37 9.62
N LYS J 330 -9.97 71.64 9.34
CA LYS J 330 -9.95 72.70 10.34
C LYS J 330 -11.15 72.59 11.29
N GLU J 331 -12.07 71.68 10.97
CA GLU J 331 -13.21 71.37 11.84
C GLU J 331 -12.75 70.63 13.09
N LEU J 332 -11.68 69.85 12.95
CA LEU J 332 -11.12 69.04 14.03
C LEU J 332 -10.34 69.87 15.05
N SER J 333 -9.30 69.26 15.63
CA SER J 333 -8.44 69.87 16.66
C SER J 333 -9.22 70.16 17.96
N VAL J 334 -9.25 69.17 18.85
CA VAL J 334 -9.95 69.30 20.13
C VAL J 334 -8.96 69.23 21.30
N LEU J 342 -10.79 56.12 15.90
CA LEU J 342 -11.31 56.71 14.67
C LEU J 342 -10.69 58.09 14.40
N ASP J 343 -10.01 58.65 15.40
CA ASP J 343 -9.33 59.94 15.27
C ASP J 343 -8.12 59.92 14.33
N THR J 344 -8.03 58.86 13.52
CA THR J 344 -6.95 58.69 12.54
C THR J 344 -7.20 59.55 11.30
N GLU J 345 -8.36 60.20 11.24
CA GLU J 345 -8.76 61.04 10.10
C GLU J 345 -7.82 62.24 9.89
N LEU J 346 -6.95 62.50 10.87
CA LEU J 346 -5.91 63.52 10.76
C LEU J 346 -4.79 63.11 9.79
N LYS J 347 -4.85 61.87 9.31
CA LYS J 347 -3.89 61.34 8.34
C LYS J 347 -4.55 60.93 7.01
N SER J 348 -5.86 60.68 7.06
CA SER J 348 -6.62 60.26 5.87
C SER J 348 -7.24 61.44 5.13
N ILE J 349 -7.86 62.35 5.88
CA ILE J 349 -8.46 63.56 5.32
C ILE J 349 -7.36 64.52 4.85
N ILE J 350 -6.25 64.58 5.58
CA ILE J 350 -5.12 65.45 5.23
C ILE J 350 -4.38 64.98 3.98
N TYR J 351 -4.47 63.68 3.68
CA TYR J 351 -3.79 63.10 2.51
C TYR J 351 -4.66 63.16 1.26
N ASN J 352 -5.93 62.78 1.40
CA ASN J 352 -6.88 62.79 0.29
C ASN J 352 -7.04 64.19 -0.30
N LYS J 353 -7.01 65.20 0.57
CA LYS J 353 -7.02 66.61 0.19
C LYS J 353 -5.69 66.99 -0.48
N GLU J 354 -4.58 66.62 0.16
CA GLU J 354 -3.24 66.99 -0.31
C GLU J 354 -2.86 66.32 -1.64
N LYS J 355 -3.52 65.21 -1.95
CA LYS J 355 -3.28 64.50 -3.20
C LYS J 355 -3.87 65.24 -4.40
N LEU J 356 -5.14 65.64 -4.29
CA LEU J 356 -5.80 66.45 -5.33
C LEU J 356 -5.11 67.81 -5.46
N TYR J 357 -4.71 68.36 -4.32
CA TYR J 357 -3.93 69.59 -4.23
C TYR J 357 -2.58 69.49 -4.95
N GLN J 358 -2.14 68.26 -5.20
CA GLN J 358 -0.86 68.00 -5.86
C GLN J 358 -1.03 67.51 -7.30
N ASP J 359 -2.07 66.71 -7.54
CA ASP J 359 -2.37 66.17 -8.87
C ASP J 359 -2.88 67.26 -9.81
N LEU J 360 -3.73 68.14 -9.30
CA LEU J 360 -4.24 69.29 -10.03
C LEU J 360 -3.11 70.27 -10.31
N ASN J 361 -2.23 70.43 -9.32
CA ASN J 361 -1.05 71.30 -9.44
C ASN J 361 -0.05 70.79 -10.47
N LEU J 362 -0.01 69.47 -10.65
CA LEU J 362 0.87 68.81 -11.62
C LEU J 362 0.55 69.24 -13.06
N PHE J 363 -0.72 69.53 -13.31
CA PHE J 363 -1.19 70.00 -14.61
C PHE J 363 -0.95 71.50 -14.78
N LEU J 364 -1.14 72.25 -13.70
CA LEU J 364 -0.98 73.70 -13.69
C LEU J 364 0.47 74.13 -13.86
N ASN J 365 1.36 73.57 -13.04
CA ASN J 365 2.79 73.91 -13.04
C ASN J 365 3.42 73.89 -14.43
N VAL J 366 2.92 73.00 -15.28
CA VAL J 366 3.43 72.81 -16.64
C VAL J 366 3.32 74.09 -17.46
N MET J 367 2.14 74.71 -17.45
CA MET J 367 1.86 75.89 -18.27
C MET J 367 2.34 77.20 -17.65
N GLY J 368 2.20 77.35 -16.34
CA GLY J 368 2.63 78.55 -15.63
C GLY J 368 1.91 78.77 -14.32
N LEU J 369 0.61 78.52 -14.31
CA LEU J 369 -0.23 78.69 -13.14
C LEU J 369 0.18 77.75 -11.99
N VAL J 370 -0.10 78.17 -10.77
CA VAL J 370 0.17 77.35 -9.58
C VAL J 370 -1.05 77.40 -8.64
N TYR J 371 -0.86 76.98 -7.39
CA TYR J 371 -1.90 77.05 -6.36
C TYR J 371 -1.32 77.85 -5.16
N ARG J 372 -2.12 78.22 -4.15
CA ARG J 372 -3.44 77.67 -3.86
C ARG J 372 -4.67 78.56 -4.15
N ASP J 373 -4.51 79.87 -4.06
CA ASP J 373 -5.66 80.77 -4.17
C ASP J 373 -5.54 81.83 -5.26
N GLY J 374 -4.31 82.05 -5.74
CA GLY J 374 -4.03 83.14 -6.67
C GLY J 374 -3.56 82.74 -8.06
N GLU J 375 -2.85 81.62 -8.15
CA GLU J 375 -2.23 81.14 -9.40
C GLU J 375 -1.08 82.06 -9.83
N ILE J 376 0.08 81.88 -9.21
CA ILE J 376 1.26 82.73 -9.44
C ILE J 376 2.02 82.30 -10.70
N SER J 377 3.01 83.10 -11.10
CA SER J 377 3.82 82.84 -12.30
C SER J 377 4.80 81.68 -12.11
N GLU J 378 5.48 81.65 -10.96
CA GLU J 378 6.48 80.62 -10.66
C GLU J 378 5.82 79.28 -10.35
#